data_8CY5
#
_entry.id   8CY5
#
_cell.length_a   81.550
_cell.length_b   161.231
_cell.length_c   230.294
_cell.angle_alpha   90.000
_cell.angle_beta   90.000
_cell.angle_gamma   90.000
#
_symmetry.space_group_name_H-M   'P 21 21 21'
#
loop_
_entity.id
_entity.type
_entity.pdbx_description
1 polymer 'Site-specific DNA-methyltransferase (adenine-specific)'
2 polymer "DNA (5'-D(*TP*TP*CP*AP*AP*AP*AP*AP*GP*TP*CP*CP*CP*A)-3')"
3 polymer "DNA (5'-D(*TP*TP*CP*AP*AP*AP*AP*AP*GP*TP*CP*CP*CP*A)-3')"
4 non-polymer 1,2-ETHANEDIOL
5 non-polymer 'POTASSIUM ION'
6 non-polymer N-{3-[1-(tert-butoxycarbonyl)piperidin-4-yl]propyl}adenosine
7 water water
#
loop_
_entity_poly.entity_id
_entity_poly.type
_entity_poly.pdbx_seq_one_letter_code
_entity_poly.pdbx_strand_id
1 'polypeptide(L)'
;HMDDISQDNFLLSKEYENSLDVDTKKASGIYYTPKIIVDYIVKKTLKNHDIIKNPYPRILDISCGCGNFLLEVYDILYDL
FEENIYELKKKYDENYWTVDNIHRHILNYCIYGADIDEKAISILKDSLTNKKVVNDLDESDIKINLFCCDSLKKKWRYKF
DYIVGNPPYIGHKKLEKKYKKFLLEKYSEVYKDKADLYFCFYKKIIDILKQGGIGSVITPRYFLESLSGKDLREYIKSNV
NVQEIVDFLGANIFKNIGVSSCILTFDKKKTKETYIDVFKIKNEDICINKFETLEELLKSSKFEHFNINQRLLSDEWILV
NKDDETFYNKIQEKCKYSLEDIAISFQGIITGCDKAFILSKDDVKLNLVDDKFLKCWIKSKNINKYIVDKSEYRLIYSND
IDNENTNKRILDEIIGLYKTKLENRRECKSGIRKWYELQWGREKLFFERKKIMYPYKSNENRFAIDYDNNFSSADVYSFF
IKEEYLDKFSYEYLVGILNSSVYDKYFKITAKKMSKNIYDYYPNKVMKIRIFRDNNYEEIENLSKQIISILLNKSIDKGK
VEKLQIKMDNLIMDSLGI
;
A,B,C
2 'polydeoxyribonucleotide' (DT)(DT)(DC)(DA)(DA)(DA)(DA)(DA)(DG)(DT)(DC)(DC)(DC)(DA) D,F,H
3 'polydeoxyribonucleotide' (DA)(DT)(DG)(DG)(DG)(DA)(DC)(DT)(DT)(DT)(DT)(DT)(DG)(DA) E,G,I
#
loop_
_chem_comp.id
_chem_comp.type
_chem_comp.name
_chem_comp.formula
DA DNA linking 2'-DEOXYADENOSINE-5'-MONOPHOSPHATE 'C10 H14 N5 O6 P'
DC DNA linking 2'-DEOXYCYTIDINE-5'-MONOPHOSPHATE 'C9 H14 N3 O7 P'
DG DNA linking 2'-DEOXYGUANOSINE-5'-MONOPHOSPHATE 'C10 H14 N5 O7 P'
DT DNA linking THYMIDINE-5'-MONOPHOSPHATE 'C10 H15 N2 O8 P'
EDO non-polymer 1,2-ETHANEDIOL 'C2 H6 O2'
K non-polymer 'POTASSIUM ION' 'K 1'
T8Q non-polymer N-{3-[1-(tert-butoxycarbonyl)piperidin-4-yl]propyl}adenosine 'C23 H36 N6 O6'
#
# COMPACT_ATOMS: atom_id res chain seq x y z
N GLY A 29 43.36 -23.99 3.97
CA GLY A 29 42.09 -24.66 3.78
C GLY A 29 42.21 -26.00 3.09
N ILE A 30 43.34 -26.68 3.30
CA ILE A 30 43.60 -28.00 2.73
C ILE A 30 43.83 -28.97 3.88
N TYR A 31 42.97 -29.99 3.97
CA TYR A 31 42.96 -30.93 5.09
C TYR A 31 43.39 -32.30 4.62
N TYR A 32 44.36 -32.90 5.31
CA TYR A 32 44.97 -34.16 4.91
C TYR A 32 44.22 -35.31 5.56
N THR A 33 43.56 -36.14 4.73
CA THR A 33 42.91 -37.35 5.21
C THR A 33 43.95 -38.43 5.52
N PRO A 34 43.82 -39.11 6.65
CA PRO A 34 44.78 -40.16 6.99
C PRO A 34 44.84 -41.24 5.92
N LYS A 35 46.05 -41.74 5.67
CA LYS A 35 46.24 -42.66 4.55
C LYS A 35 45.43 -43.94 4.72
N ILE A 36 45.30 -44.42 5.96
CA ILE A 36 44.57 -45.67 6.19
C ILE A 36 43.11 -45.52 5.75
N ILE A 37 42.53 -44.33 5.92
CA ILE A 37 41.17 -44.09 5.49
C ILE A 37 41.08 -43.90 3.98
N VAL A 38 42.07 -43.21 3.39
CA VAL A 38 42.10 -43.04 1.95
C VAL A 38 42.15 -44.39 1.25
N ASP A 39 43.04 -45.27 1.71
CA ASP A 39 43.16 -46.60 1.10
C ASP A 39 41.86 -47.39 1.24
N TYR A 40 41.20 -47.28 2.39
CA TYR A 40 39.94 -47.98 2.59
C TYR A 40 38.88 -47.48 1.61
N ILE A 41 38.79 -46.16 1.42
CA ILE A 41 37.75 -45.59 0.57
C ILE A 41 37.97 -45.97 -0.88
N VAL A 42 39.22 -45.95 -1.35
CA VAL A 42 39.51 -46.34 -2.73
C VAL A 42 39.24 -47.83 -2.93
N LYS A 43 39.67 -48.67 -1.99
CA LYS A 43 39.41 -50.10 -2.10
C LYS A 43 37.91 -50.39 -2.05
N LYS A 44 37.17 -49.62 -1.25
CA LYS A 44 35.74 -49.82 -1.13
C LYS A 44 35.04 -49.72 -2.49
N THR A 45 35.50 -48.82 -3.35
CA THR A 45 34.83 -48.57 -4.62
C THR A 45 35.38 -49.38 -5.79
N LEU A 46 36.65 -49.79 -5.74
CA LEU A 46 37.30 -50.39 -6.89
C LEU A 46 37.64 -51.86 -6.75
N LYS A 47 37.54 -52.44 -5.54
CA LYS A 47 38.10 -53.77 -5.31
C LYS A 47 37.38 -54.86 -6.11
N ASN A 48 36.14 -54.65 -6.50
CA ASN A 48 35.40 -55.64 -7.27
C ASN A 48 35.07 -55.17 -8.69
N HIS A 49 35.78 -54.16 -9.18
CA HIS A 49 35.52 -53.66 -10.53
C HIS A 49 36.00 -54.68 -11.56
N ASP A 50 35.16 -54.96 -12.55
CA ASP A 50 35.46 -55.91 -13.61
C ASP A 50 36.15 -55.14 -14.74
N ILE A 51 37.48 -55.12 -14.71
CA ILE A 51 38.23 -54.34 -15.69
C ILE A 51 38.15 -54.96 -17.09
N ILE A 52 37.87 -56.26 -17.19
CA ILE A 52 37.66 -56.86 -18.50
C ILE A 52 36.36 -56.35 -19.12
N LYS A 53 35.29 -56.33 -18.32
CA LYS A 53 33.99 -55.89 -18.83
C LYS A 53 33.99 -54.41 -19.14
N ASN A 54 34.60 -53.59 -18.27
CA ASN A 54 34.68 -52.15 -18.46
C ASN A 54 36.09 -51.66 -18.17
N PRO A 55 36.95 -51.61 -19.18
CA PRO A 55 38.29 -51.04 -19.01
C PRO A 55 38.33 -49.51 -19.08
N TYR A 56 37.20 -48.83 -19.02
CA TYR A 56 37.15 -47.36 -19.06
C TYR A 56 36.36 -46.81 -17.88
N PRO A 57 36.79 -47.08 -16.65
CA PRO A 57 36.07 -46.52 -15.51
C PRO A 57 36.50 -45.08 -15.25
N ARG A 58 35.51 -44.23 -14.99
CA ARG A 58 35.76 -42.82 -14.64
C ARG A 58 35.72 -42.69 -13.13
N ILE A 59 36.87 -42.40 -12.53
CA ILE A 59 36.98 -42.18 -11.09
C ILE A 59 37.23 -40.70 -10.84
N LEU A 60 36.41 -40.09 -10.01
CA LEU A 60 36.39 -38.64 -9.84
C LEU A 60 36.55 -38.26 -8.38
N ASP A 61 37.26 -37.17 -8.14
CA ASP A 61 37.29 -36.48 -6.85
C ASP A 61 37.07 -35.00 -7.11
N ILE A 62 35.96 -34.46 -6.58
CA ILE A 62 35.59 -33.07 -6.87
C ILE A 62 36.15 -32.09 -5.85
N SER A 63 36.89 -32.57 -4.85
CA SER A 63 37.66 -31.72 -3.94
C SER A 63 39.03 -32.34 -3.74
N CYS A 64 39.68 -32.71 -4.85
CA CYS A 64 40.83 -33.60 -4.82
C CYS A 64 42.05 -33.01 -4.12
N GLY A 65 42.13 -31.69 -3.99
CA GLY A 65 43.30 -31.10 -3.36
C GLY A 65 44.57 -31.46 -4.11
N CYS A 66 45.59 -31.91 -3.38
CA CYS A 66 46.84 -32.33 -3.99
C CYS A 66 46.80 -33.76 -4.50
N GLY A 67 45.67 -34.46 -4.34
CA GLY A 67 45.53 -35.80 -4.88
C GLY A 67 45.76 -36.89 -3.86
N ASN A 68 45.30 -36.67 -2.63
CA ASN A 68 45.41 -37.70 -1.61
C ASN A 68 44.70 -38.98 -2.05
N PHE A 69 43.50 -38.84 -2.61
CA PHE A 69 42.74 -39.99 -3.06
C PHE A 69 43.14 -40.41 -4.48
N LEU A 70 43.29 -39.44 -5.38
CA LEU A 70 43.49 -39.76 -6.80
C LEU A 70 44.82 -40.48 -7.03
N LEU A 71 45.88 -40.08 -6.31
CA LEU A 71 47.16 -40.77 -6.47
C LEU A 71 47.07 -42.21 -6.02
N GLU A 72 46.25 -42.50 -4.99
CA GLU A 72 46.01 -43.89 -4.61
C GLU A 72 45.13 -44.60 -5.64
N VAL A 73 44.19 -43.88 -6.25
CA VAL A 73 43.38 -44.46 -7.33
C VAL A 73 44.28 -44.90 -8.48
N TYR A 74 45.29 -44.08 -8.81
CA TYR A 74 46.20 -44.45 -9.88
C TYR A 74 46.90 -45.77 -9.58
N ASP A 75 47.41 -45.93 -8.35
CA ASP A 75 48.11 -47.15 -8.00
C ASP A 75 47.20 -48.36 -8.09
N ILE A 76 45.96 -48.23 -7.59
CA ILE A 76 45.02 -49.35 -7.65
C ILE A 76 44.69 -49.70 -9.08
N LEU A 77 44.46 -48.68 -9.92
CA LEU A 77 44.14 -48.93 -11.32
C LEU A 77 45.30 -49.58 -12.05
N TYR A 78 46.53 -49.12 -11.79
CA TYR A 78 47.68 -49.66 -12.51
C TYR A 78 47.84 -51.16 -12.24
N ASP A 79 47.72 -51.57 -10.98
CA ASP A 79 47.76 -52.99 -10.66
C ASP A 79 46.61 -53.73 -11.32
N LEU A 80 45.44 -53.10 -11.38
CA LEU A 80 44.26 -53.73 -11.98
C LEU A 80 44.48 -53.98 -13.47
N PHE A 81 45.03 -53.00 -14.19
CA PHE A 81 45.28 -53.17 -15.62
C PHE A 81 46.44 -54.12 -15.86
N GLU A 82 47.50 -54.02 -15.06
CA GLU A 82 48.68 -54.87 -15.29
C GLU A 82 48.38 -56.33 -14.99
N GLU A 83 47.46 -56.60 -14.06
CA GLU A 83 47.12 -57.98 -13.73
C GLU A 83 46.35 -58.68 -14.85
N ASN A 84 45.65 -57.92 -15.69
CA ASN A 84 44.83 -58.47 -16.76
C ASN A 84 45.25 -57.95 -18.13
N ILE A 85 46.53 -57.59 -18.28
CA ILE A 85 46.98 -56.94 -19.50
C ILE A 85 46.86 -57.88 -20.70
N TYR A 86 47.12 -59.18 -20.51
CA TYR A 86 47.00 -60.12 -21.61
C TYR A 86 45.55 -60.46 -21.92
N GLU A 87 44.69 -60.49 -20.90
CA GLU A 87 43.26 -60.70 -21.16
C GLU A 87 42.68 -59.54 -21.96
N LEU A 88 43.03 -58.30 -21.60
CA LEU A 88 42.57 -57.14 -22.36
C LEU A 88 43.15 -57.14 -23.77
N LYS A 89 44.43 -57.50 -23.91
CA LYS A 89 45.06 -57.55 -25.23
C LYS A 89 44.34 -58.52 -26.14
N LYS A 90 43.89 -59.66 -25.59
CA LYS A 90 43.21 -60.66 -26.41
C LYS A 90 41.78 -60.21 -26.75
N LYS A 91 41.06 -59.65 -25.78
CA LYS A 91 39.65 -59.32 -25.99
C LYS A 91 39.49 -58.09 -26.87
N TYR A 92 40.36 -57.10 -26.71
CA TYR A 92 40.24 -55.80 -27.36
C TYR A 92 41.42 -55.61 -28.31
N ASP A 93 41.58 -54.37 -28.79
CA ASP A 93 42.70 -53.99 -29.63
C ASP A 93 44.01 -54.47 -29.02
N GLU A 94 44.67 -55.42 -29.70
CA GLU A 94 45.88 -56.02 -29.12
C GLU A 94 47.08 -55.08 -29.18
N ASN A 95 47.08 -54.12 -30.11
CA ASN A 95 48.15 -53.12 -30.13
C ASN A 95 47.96 -52.06 -29.04
N TYR A 96 46.72 -51.77 -28.66
CA TYR A 96 46.45 -50.73 -27.68
C TYR A 96 46.76 -51.19 -26.26
N TRP A 97 46.56 -52.46 -25.95
CA TRP A 97 46.65 -52.96 -24.58
C TRP A 97 48.03 -53.57 -24.36
N THR A 98 48.97 -52.73 -23.95
CA THR A 98 50.29 -53.15 -23.51
C THR A 98 50.54 -52.56 -22.13
N VAL A 99 51.51 -53.13 -21.42
CA VAL A 99 51.86 -52.58 -20.10
C VAL A 99 52.41 -51.17 -20.25
N ASP A 100 53.19 -50.92 -21.31
CA ASP A 100 53.78 -49.61 -21.50
C ASP A 100 52.74 -48.53 -21.79
N ASN A 101 51.51 -48.92 -22.14
CA ASN A 101 50.45 -47.98 -22.45
C ASN A 101 49.48 -47.76 -21.30
N ILE A 102 49.68 -48.45 -20.16
CA ILE A 102 48.75 -48.33 -19.05
C ILE A 102 48.74 -46.91 -18.48
N HIS A 103 49.94 -46.32 -18.34
CA HIS A 103 50.04 -44.99 -17.74
C HIS A 103 49.25 -43.96 -18.54
N ARG A 104 49.37 -44.00 -19.87
CA ARG A 104 48.63 -43.07 -20.72
C ARG A 104 47.13 -43.32 -20.63
N HIS A 105 46.71 -44.59 -20.62
CA HIS A 105 45.29 -44.90 -20.62
C HIS A 105 44.60 -44.43 -19.34
N ILE A 106 45.28 -44.57 -18.20
CA ILE A 106 44.69 -44.15 -16.93
C ILE A 106 44.42 -42.66 -16.93
N LEU A 107 45.42 -41.87 -17.36
CA LEU A 107 45.28 -40.42 -17.31
C LEU A 107 44.30 -39.90 -18.34
N ASN A 108 44.21 -40.54 -19.51
CA ASN A 108 43.32 -40.07 -20.56
C ASN A 108 41.86 -40.35 -20.23
N TYR A 109 41.56 -41.51 -19.66
CA TYR A 109 40.19 -41.99 -19.58
C TYR A 109 39.67 -42.29 -18.18
N CYS A 110 40.53 -42.33 -17.15
CA CYS A 110 40.11 -42.90 -15.89
C CYS A 110 40.09 -41.92 -14.73
N ILE A 111 41.12 -41.10 -14.56
CA ILE A 111 41.26 -40.24 -13.39
C ILE A 111 40.74 -38.85 -13.72
N TYR A 112 39.83 -38.37 -12.88
CA TYR A 112 39.26 -37.03 -12.99
C TYR A 112 39.35 -36.34 -11.64
N GLY A 113 39.69 -35.07 -11.64
CA GLY A 113 39.82 -34.32 -10.40
C GLY A 113 39.41 -32.87 -10.58
N ALA A 114 38.85 -32.31 -9.51
CA ALA A 114 38.46 -30.90 -9.49
C ALA A 114 38.82 -30.32 -8.13
N ASP A 115 39.30 -29.08 -8.14
CA ASP A 115 39.57 -28.38 -6.89
C ASP A 115 39.65 -26.88 -7.16
N ILE A 116 39.16 -26.10 -6.20
CA ILE A 116 39.13 -24.65 -6.35
C ILE A 116 40.53 -24.05 -6.29
N ASP A 117 41.48 -24.73 -5.65
CA ASP A 117 42.82 -24.20 -5.43
C ASP A 117 43.70 -24.49 -6.64
N GLU A 118 44.18 -23.42 -7.28
CA GLU A 118 44.99 -23.56 -8.49
C GLU A 118 46.31 -24.27 -8.19
N LYS A 119 46.95 -23.92 -7.08
CA LYS A 119 48.24 -24.50 -6.74
C LYS A 119 48.13 -26.00 -6.49
N ALA A 120 47.03 -26.43 -5.88
CA ALA A 120 46.83 -27.86 -5.59
C ALA A 120 46.75 -28.67 -6.88
N ILE A 121 46.00 -28.18 -7.87
CA ILE A 121 45.88 -28.87 -9.15
C ILE A 121 47.24 -28.95 -9.83
N SER A 122 48.02 -27.86 -9.76
CA SER A 122 49.35 -27.85 -10.38
C SER A 122 50.26 -28.90 -9.75
N ILE A 123 50.22 -29.03 -8.43
CA ILE A 123 51.03 -30.05 -7.75
C ILE A 123 50.54 -31.45 -8.11
N LEU A 124 49.22 -31.66 -8.11
CA LEU A 124 48.68 -32.97 -8.46
C LEU A 124 49.01 -33.34 -9.90
N LYS A 125 48.97 -32.36 -10.80
CA LYS A 125 49.32 -32.63 -12.20
C LYS A 125 50.74 -33.14 -12.32
N ASP A 126 51.67 -32.55 -11.58
CA ASP A 126 53.05 -33.02 -11.59
C ASP A 126 53.17 -34.43 -11.00
N SER A 127 52.42 -34.70 -9.93
CA SER A 127 52.50 -36.01 -9.29
C SER A 127 52.00 -37.11 -10.22
N LEU A 128 50.86 -36.87 -10.89
CA LEU A 128 50.34 -37.85 -11.84
C LEU A 128 51.30 -38.03 -13.01
N THR A 129 51.88 -36.93 -13.51
CA THR A 129 52.84 -37.02 -14.61
C THR A 129 54.09 -37.78 -14.19
N ASN A 130 54.51 -37.65 -12.93
CA ASN A 130 55.72 -38.30 -12.45
C ASN A 130 55.52 -39.76 -12.08
N LYS A 131 54.31 -40.30 -12.24
CA LYS A 131 54.09 -41.72 -11.96
C LYS A 131 54.81 -42.63 -12.94
N LYS A 132 55.20 -42.11 -14.10
CA LYS A 132 55.96 -42.85 -15.11
C LYS A 132 57.31 -42.17 -15.32
N VAL A 133 58.04 -42.65 -16.33
CA VAL A 133 59.34 -42.07 -16.65
C VAL A 133 59.38 -41.68 -18.12
N ASP A 138 59.30 -34.70 -24.09
CA ASP A 138 58.04 -35.40 -23.90
C ASP A 138 57.80 -36.40 -25.04
N GLU A 139 56.79 -37.26 -24.87
CA GLU A 139 56.42 -38.22 -25.89
C GLU A 139 55.22 -37.75 -26.71
N SER A 140 54.08 -37.50 -26.04
CA SER A 140 52.90 -37.00 -26.74
C SER A 140 52.10 -35.99 -25.93
N ASP A 141 52.61 -35.52 -24.78
CA ASP A 141 51.93 -34.52 -23.97
C ASP A 141 50.54 -35.00 -23.54
N ILE A 142 50.56 -36.04 -22.70
CA ILE A 142 49.32 -36.66 -22.21
C ILE A 142 48.45 -35.62 -21.54
N LYS A 143 47.15 -35.62 -21.89
CA LYS A 143 46.19 -34.75 -21.23
C LYS A 143 45.69 -35.41 -19.94
N ILE A 144 45.55 -34.60 -18.90
CA ILE A 144 45.09 -35.04 -17.59
C ILE A 144 43.81 -34.29 -17.27
N ASN A 145 42.77 -35.02 -16.85
CA ASN A 145 41.46 -34.45 -16.61
C ASN A 145 41.40 -33.85 -15.21
N LEU A 146 42.09 -32.72 -15.04
CA LEU A 146 42.07 -31.96 -13.81
C LEU A 146 41.47 -30.59 -14.08
N PHE A 147 40.50 -30.20 -13.25
CA PHE A 147 39.78 -28.95 -13.44
C PHE A 147 39.98 -28.06 -12.22
N CYS A 148 40.41 -26.83 -12.45
CA CYS A 148 40.50 -25.83 -11.39
C CYS A 148 39.21 -25.01 -11.46
N CYS A 149 38.27 -25.34 -10.58
CA CYS A 149 36.92 -24.78 -10.67
C CYS A 149 36.20 -24.98 -9.35
N ASP A 150 35.05 -24.30 -9.24
CA ASP A 150 34.09 -24.58 -8.18
C ASP A 150 33.28 -25.79 -8.60
N SER A 151 33.43 -26.91 -7.89
CA SER A 151 32.72 -28.12 -8.25
C SER A 151 31.21 -27.98 -8.11
N LEU A 152 30.74 -27.02 -7.31
CA LEU A 152 29.31 -26.79 -7.16
C LEU A 152 28.73 -25.91 -8.26
N LYS A 153 29.57 -25.30 -9.09
CA LYS A 153 29.10 -24.49 -10.22
C LYS A 153 29.47 -25.07 -11.58
N LYS A 154 30.41 -26.01 -11.62
CA LYS A 154 30.86 -26.55 -12.90
C LYS A 154 29.71 -27.25 -13.62
N LYS A 155 29.57 -26.96 -14.91
CA LYS A 155 28.64 -27.69 -15.76
C LYS A 155 29.28 -29.03 -16.09
N TRP A 156 28.92 -30.06 -15.32
CA TRP A 156 29.52 -31.37 -15.51
C TRP A 156 28.93 -32.03 -16.76
N ARG A 157 29.80 -32.32 -17.72
CA ARG A 157 29.37 -32.75 -19.05
C ARG A 157 28.97 -34.23 -19.10
N TYR A 158 29.32 -35.02 -18.09
CA TYR A 158 28.94 -36.43 -18.07
C TYR A 158 29.02 -36.94 -16.64
N LYS A 159 28.53 -38.16 -16.45
CA LYS A 159 28.49 -38.82 -15.15
C LYS A 159 29.72 -39.72 -14.98
N PHE A 160 29.87 -40.24 -13.76
CA PHE A 160 31.09 -40.95 -13.37
C PHE A 160 30.78 -42.28 -12.72
N ASP A 161 31.69 -43.23 -12.94
CA ASP A 161 31.52 -44.57 -12.37
C ASP A 161 31.78 -44.58 -10.87
N TYR A 162 32.83 -43.89 -10.43
CA TYR A 162 33.24 -43.91 -9.03
C TYR A 162 33.63 -42.52 -8.59
N ILE A 163 33.14 -42.11 -7.40
CA ILE A 163 33.45 -40.80 -6.84
C ILE A 163 33.93 -41.00 -5.41
N VAL A 164 35.10 -40.43 -5.09
CA VAL A 164 35.72 -40.57 -3.78
C VAL A 164 36.26 -39.23 -3.35
N GLY A 165 36.47 -39.06 -2.04
CA GLY A 165 37.21 -37.93 -1.55
C GLY A 165 36.63 -37.37 -0.26
N ASN A 166 37.10 -36.17 0.07
CA ASN A 166 36.80 -35.50 1.33
C ASN A 166 36.40 -34.06 1.04
N PRO A 167 35.11 -33.74 1.10
CA PRO A 167 34.65 -32.40 0.69
C PRO A 167 35.02 -31.35 1.74
N PRO A 168 34.94 -30.07 1.40
CA PRO A 168 35.10 -29.03 2.42
C PRO A 168 33.90 -28.97 3.35
N TYR A 169 34.17 -28.61 4.60
CA TYR A 169 33.11 -28.40 5.59
C TYR A 169 33.12 -26.93 5.97
N ILE A 170 32.02 -26.23 5.73
CA ILE A 170 31.87 -24.84 6.15
C ILE A 170 30.48 -24.65 6.73
N GLY A 171 30.40 -24.21 7.99
CA GLY A 171 29.14 -24.02 8.67
C GLY A 171 28.52 -22.67 8.36
N HIS A 172 27.40 -22.40 9.05
CA HIS A 172 26.57 -21.25 8.69
C HIS A 172 27.22 -19.93 9.09
N LYS A 173 28.02 -19.92 10.16
CA LYS A 173 28.68 -18.68 10.57
C LYS A 173 29.82 -18.32 9.63
N LYS A 174 30.63 -19.31 9.25
CA LYS A 174 31.85 -19.04 8.49
C LYS A 174 31.62 -18.94 6.99
N LEU A 175 30.46 -19.37 6.49
CA LEU A 175 30.22 -19.34 5.05
C LEU A 175 29.95 -17.93 4.58
N GLU A 176 30.58 -17.55 3.47
CA GLU A 176 30.41 -16.20 2.93
C GLU A 176 28.96 -15.97 2.51
N LYS A 177 28.45 -14.79 2.85
CA LYS A 177 27.01 -14.53 2.71
C LYS A 177 26.57 -14.55 1.24
N LYS A 178 27.37 -13.97 0.35
CA LYS A 178 27.00 -13.95 -1.07
C LYS A 178 26.94 -15.37 -1.63
N TYR A 179 27.85 -16.25 -1.20
CA TYR A 179 27.82 -17.63 -1.66
C TYR A 179 26.58 -18.36 -1.11
N LYS A 180 26.18 -18.05 0.12
CA LYS A 180 25.03 -18.74 0.72
C LYS A 180 23.76 -18.49 -0.07
N LYS A 181 23.60 -17.28 -0.61
CA LYS A 181 22.42 -16.99 -1.42
C LYS A 181 22.36 -17.91 -2.63
N PHE A 182 23.50 -18.16 -3.27
CA PHE A 182 23.54 -19.12 -4.36
C PHE A 182 23.15 -20.52 -3.90
N LEU A 183 23.68 -20.95 -2.75
CA LEU A 183 23.35 -22.28 -2.24
C LEU A 183 21.87 -22.38 -1.88
N LEU A 184 21.34 -21.35 -1.22
CA LEU A 184 19.94 -21.36 -0.82
C LEU A 184 19.01 -21.35 -2.03
N GLU A 185 19.47 -20.87 -3.18
CA GLU A 185 18.64 -20.80 -4.37
C GLU A 185 18.79 -22.02 -5.27
N LYS A 186 19.99 -22.59 -5.37
CA LYS A 186 20.25 -23.69 -6.29
C LYS A 186 20.40 -25.05 -5.63
N TYR A 187 20.63 -25.09 -4.32
CA TYR A 187 20.78 -26.34 -3.58
C TYR A 187 19.74 -26.47 -2.47
N SER A 188 18.56 -25.89 -2.69
CA SER A 188 17.57 -25.80 -1.62
C SER A 188 17.05 -27.17 -1.18
N GLU A 189 17.24 -28.21 -2.00
CA GLU A 189 16.81 -29.55 -1.61
C GLU A 189 17.60 -30.10 -0.43
N VAL A 190 18.81 -29.61 -0.22
CA VAL A 190 19.63 -30.07 0.90
C VAL A 190 20.13 -28.92 1.77
N TYR A 191 20.06 -27.67 1.33
CA TYR A 191 20.65 -26.55 2.05
C TYR A 191 19.57 -25.55 2.42
N LYS A 192 19.18 -25.53 3.69
CA LYS A 192 18.38 -24.46 4.26
C LYS A 192 18.94 -24.11 5.63
N ASP A 193 18.60 -22.90 6.10
CA ASP A 193 18.75 -22.50 7.49
C ASP A 193 20.21 -22.68 7.91
N LYS A 194 20.52 -23.51 8.90
CA LYS A 194 21.87 -23.65 9.44
C LYS A 194 22.61 -24.85 8.84
N ALA A 195 22.34 -25.17 7.57
CA ALA A 195 22.96 -26.31 6.92
C ALA A 195 24.45 -26.03 6.68
N ASP A 196 25.14 -27.04 6.15
CA ASP A 196 26.59 -26.97 5.93
C ASP A 196 26.91 -27.13 4.45
N LEU A 197 28.09 -26.61 4.08
CA LEU A 197 28.52 -26.66 2.68
C LEU A 197 28.63 -28.10 2.19
N TYR A 198 29.10 -29.02 3.05
CA TYR A 198 29.30 -30.39 2.61
C TYR A 198 27.98 -31.09 2.30
N PHE A 199 26.84 -30.54 2.74
CA PHE A 199 25.56 -31.05 2.29
C PHE A 199 25.45 -30.97 0.78
N CYS A 200 25.89 -29.84 0.20
CA CYS A 200 25.77 -29.64 -1.23
C CYS A 200 26.70 -30.54 -2.02
N PHE A 201 27.85 -30.90 -1.45
CA PHE A 201 28.74 -31.85 -2.12
C PHE A 201 28.12 -33.24 -2.15
N TYR A 202 27.40 -33.63 -1.10
CA TYR A 202 26.65 -34.87 -1.13
C TYR A 202 25.65 -34.86 -2.28
N LYS A 203 24.93 -33.75 -2.44
CA LYS A 203 23.96 -33.65 -3.54
C LYS A 203 24.65 -33.72 -4.89
N LYS A 204 25.75 -32.97 -5.05
CA LYS A 204 26.44 -32.95 -6.33
C LYS A 204 27.01 -34.32 -6.68
N ILE A 205 27.60 -35.00 -5.70
CA ILE A 205 28.18 -36.31 -5.94
C ILE A 205 27.11 -37.31 -6.38
N ILE A 206 25.97 -37.30 -5.68
CA ILE A 206 24.87 -38.21 -6.02
C ILE A 206 24.37 -37.92 -7.43
N ASP A 207 24.28 -36.65 -7.80
CA ASP A 207 23.66 -36.27 -9.07
C ASP A 207 24.52 -36.70 -10.27
N ILE A 208 25.84 -36.62 -10.14
CA ILE A 208 26.73 -36.92 -11.26
C ILE A 208 27.31 -38.35 -11.16
N LEU A 209 26.71 -39.18 -10.31
CA LEU A 209 27.13 -40.58 -10.20
C LEU A 209 26.39 -41.41 -11.23
N LYS A 210 27.13 -42.20 -12.00
CA LYS A 210 26.52 -43.04 -13.03
C LYS A 210 25.58 -44.05 -12.40
N GLN A 211 24.56 -44.44 -13.18
CA GLN A 211 23.73 -45.56 -12.76
C GLN A 211 24.61 -46.80 -12.59
N GLY A 212 24.46 -47.46 -11.44
CA GLY A 212 25.34 -48.55 -11.09
C GLY A 212 26.68 -48.14 -10.53
N GLY A 213 26.92 -46.83 -10.34
CA GLY A 213 28.18 -46.36 -9.80
C GLY A 213 28.24 -46.45 -8.29
N ILE A 214 29.43 -46.17 -7.75
CA ILE A 214 29.69 -46.29 -6.33
C ILE A 214 30.39 -45.02 -5.84
N GLY A 215 29.89 -44.44 -4.76
CA GLY A 215 30.51 -43.29 -4.13
C GLY A 215 30.90 -43.60 -2.70
N SER A 216 32.05 -43.07 -2.28
CA SER A 216 32.54 -43.29 -0.92
C SER A 216 33.29 -42.04 -0.48
N VAL A 217 32.82 -41.41 0.60
CA VAL A 217 33.38 -40.15 1.07
C VAL A 217 33.47 -40.15 2.58
N ILE A 218 34.37 -39.31 3.10
CA ILE A 218 34.45 -39.02 4.53
C ILE A 218 33.98 -37.59 4.76
N THR A 219 32.99 -37.43 5.63
CA THR A 219 32.37 -36.14 5.92
C THR A 219 32.18 -36.03 7.43
N PRO A 220 31.74 -34.89 7.96
CA PRO A 220 31.32 -34.85 9.35
C PRO A 220 30.14 -35.80 9.58
N ARG A 221 30.05 -36.32 10.80
CA ARG A 221 29.00 -37.25 11.15
C ARG A 221 27.69 -36.57 11.51
N TYR A 222 27.69 -35.26 11.71
CA TYR A 222 26.58 -34.60 12.39
C TYR A 222 25.29 -34.69 11.60
N PHE A 223 25.36 -34.76 10.27
CA PHE A 223 24.13 -34.81 9.47
C PHE A 223 23.32 -36.08 9.73
N LEU A 224 23.93 -37.12 10.30
CA LEU A 224 23.20 -38.34 10.60
C LEU A 224 22.09 -38.10 11.60
N GLU A 225 22.25 -37.12 12.49
CA GLU A 225 21.28 -36.85 13.53
C GLU A 225 20.78 -35.41 13.57
N SER A 226 21.48 -34.46 12.96
CA SER A 226 21.16 -33.05 13.16
C SER A 226 19.84 -32.67 12.50
N LEU A 227 19.21 -31.63 13.06
CA LEU A 227 17.99 -31.09 12.49
C LEU A 227 18.23 -30.50 11.10
N SER A 228 19.41 -29.89 10.89
CA SER A 228 19.71 -29.30 9.59
C SER A 228 19.86 -30.37 8.51
N GLY A 229 20.29 -31.58 8.88
CA GLY A 229 20.53 -32.65 7.94
C GLY A 229 19.31 -33.43 7.51
N LYS A 230 18.12 -33.03 7.97
CA LYS A 230 16.90 -33.79 7.67
C LYS A 230 16.68 -33.92 6.17
N ASP A 231 16.79 -32.80 5.45
CA ASP A 231 16.58 -32.83 4.00
C ASP A 231 17.68 -33.61 3.30
N LEU A 232 18.93 -33.46 3.75
CA LEU A 232 20.03 -34.22 3.15
C LEU A 232 19.83 -35.73 3.35
N ARG A 233 19.39 -36.14 4.56
CA ARG A 233 19.13 -37.54 4.80
C ARG A 233 18.03 -38.07 3.88
N GLU A 234 16.99 -37.26 3.66
CA GLU A 234 15.93 -37.66 2.74
C GLU A 234 16.45 -37.81 1.31
N TYR A 235 17.34 -36.90 0.89
CA TYR A 235 17.88 -36.96 -0.45
C TYR A 235 18.72 -38.21 -0.67
N ILE A 236 19.54 -38.57 0.33
CA ILE A 236 20.39 -39.76 0.20
C ILE A 236 19.54 -41.02 0.17
N LYS A 237 18.60 -41.14 1.10
CA LYS A 237 17.80 -42.36 1.22
C LYS A 237 16.97 -42.64 -0.02
N SER A 238 16.50 -41.60 -0.69
CA SER A 238 15.58 -41.74 -1.82
C SER A 238 16.25 -41.69 -3.18
N ASN A 239 17.58 -41.57 -3.24
CA ASN A 239 18.28 -41.50 -4.52
C ASN A 239 19.42 -42.49 -4.67
N VAL A 240 20.00 -43.00 -3.59
CA VAL A 240 21.06 -43.99 -3.66
C VAL A 240 20.76 -45.10 -2.66
N ASN A 241 21.47 -46.21 -2.83
CA ASN A 241 21.46 -47.30 -1.86
C ASN A 241 22.69 -47.13 -0.98
N VAL A 242 22.47 -46.87 0.30
CA VAL A 242 23.57 -46.69 1.24
C VAL A 242 24.14 -48.07 1.57
N GLN A 243 25.35 -48.34 1.09
CA GLN A 243 25.97 -49.64 1.34
C GLN A 243 26.42 -49.76 2.79
N GLU A 244 27.10 -48.73 3.29
CA GLU A 244 27.82 -48.87 4.56
C GLU A 244 28.01 -47.49 5.19
N ILE A 245 27.95 -47.46 6.52
CA ILE A 245 28.22 -46.26 7.31
C ILE A 245 29.23 -46.63 8.38
N VAL A 246 30.37 -45.95 8.39
CA VAL A 246 31.38 -46.10 9.44
C VAL A 246 31.30 -44.85 10.30
N ASP A 247 30.89 -45.00 11.55
CA ASP A 247 30.71 -43.88 12.47
C ASP A 247 31.83 -43.91 13.50
N PHE A 248 32.75 -42.94 13.41
CA PHE A 248 33.85 -42.82 14.36
C PHE A 248 33.45 -42.10 15.63
N LEU A 249 32.21 -41.63 15.73
CA LEU A 249 31.68 -40.93 16.91
C LEU A 249 32.64 -39.79 17.24
N GLY A 250 33.07 -39.64 18.49
CA GLY A 250 33.94 -38.56 18.92
C GLY A 250 35.41 -38.80 18.75
N ALA A 251 35.82 -39.87 18.08
CA ALA A 251 37.24 -40.12 17.87
C ALA A 251 37.87 -39.01 17.05
N ASN A 252 39.13 -38.73 17.33
CA ASN A 252 39.87 -37.66 16.64
C ASN A 252 40.57 -38.27 15.44
N ILE A 253 39.93 -38.16 14.27
CA ILE A 253 40.47 -38.71 13.03
C ILE A 253 41.43 -37.73 12.38
N PHE A 254 41.09 -36.45 12.37
CA PHE A 254 41.96 -35.41 11.83
C PHE A 254 42.67 -34.74 13.00
N LYS A 255 43.99 -34.92 13.06
CA LYS A 255 44.77 -34.38 14.15
C LYS A 255 44.64 -32.86 14.21
N ASN A 256 44.45 -32.33 15.41
CA ASN A 256 44.31 -30.90 15.69
C ASN A 256 43.11 -30.27 14.98
N ILE A 257 42.09 -31.07 14.69
CA ILE A 257 40.85 -30.59 14.09
C ILE A 257 39.70 -30.99 15.00
N GLY A 258 38.90 -30.02 15.40
CA GLY A 258 37.73 -30.30 16.21
C GLY A 258 36.53 -30.69 15.39
N VAL A 259 36.54 -31.91 14.84
CA VAL A 259 35.44 -32.42 14.03
C VAL A 259 35.30 -33.92 14.27
N SER A 260 34.09 -34.42 14.09
CA SER A 260 33.79 -35.83 14.23
C SER A 260 33.32 -36.38 12.88
N SER A 261 33.85 -37.55 12.51
CA SER A 261 33.83 -38.00 11.13
C SER A 261 33.04 -39.30 10.97
N CYS A 262 32.54 -39.50 9.76
CA CYS A 262 31.99 -40.78 9.33
C CYS A 262 32.40 -41.03 7.88
N ILE A 263 32.31 -42.30 7.47
CA ILE A 263 32.57 -42.69 6.09
C ILE A 263 31.27 -43.28 5.53
N LEU A 264 30.79 -42.71 4.44
CA LEU A 264 29.56 -43.16 3.79
C LEU A 264 29.90 -43.78 2.45
N THR A 265 29.35 -44.96 2.19
CA THR A 265 29.52 -45.65 0.92
C THR A 265 28.14 -45.97 0.36
N PHE A 266 27.89 -45.52 -0.88
CA PHE A 266 26.58 -45.65 -1.48
C PHE A 266 26.73 -45.97 -2.96
N ASP A 267 25.67 -46.53 -3.55
CA ASP A 267 25.69 -46.89 -4.95
C ASP A 267 24.34 -46.57 -5.60
N LYS A 268 24.33 -46.62 -6.93
CA LYS A 268 23.09 -46.51 -7.69
C LYS A 268 22.83 -47.79 -8.45
N LYS A 269 22.98 -48.93 -7.78
CA LYS A 269 22.77 -50.23 -8.39
C LYS A 269 21.33 -50.68 -8.19
N LYS A 270 20.76 -51.27 -9.24
CA LYS A 270 19.43 -51.86 -9.15
C LYS A 270 19.53 -53.17 -8.36
N THR A 271 19.01 -53.18 -7.14
CA THR A 271 19.07 -54.36 -6.30
C THR A 271 17.86 -54.36 -5.37
N LYS A 272 17.30 -55.55 -5.14
CA LYS A 272 16.28 -55.71 -4.11
C LYS A 272 16.85 -55.54 -2.71
N GLU A 273 18.18 -55.51 -2.58
CA GLU A 273 18.81 -55.33 -1.28
C GLU A 273 18.54 -53.92 -0.76
N THR A 274 18.25 -53.82 0.54
CA THR A 274 17.97 -52.54 1.18
C THR A 274 18.61 -52.41 2.55
N TYR A 275 19.68 -53.15 2.84
CA TYR A 275 20.28 -53.18 4.17
C TYR A 275 21.63 -52.49 4.19
N ILE A 276 21.87 -51.73 5.26
CA ILE A 276 23.09 -50.96 5.45
C ILE A 276 23.98 -51.68 6.44
N ASP A 277 25.26 -51.81 6.11
CA ASP A 277 26.26 -52.19 7.11
C ASP A 277 26.62 -50.96 7.93
N VAL A 278 26.45 -51.04 9.24
CA VAL A 278 26.83 -49.96 10.14
C VAL A 278 27.94 -50.46 11.05
N PHE A 279 29.08 -49.77 10.99
CA PHE A 279 30.20 -50.02 11.89
C PHE A 279 30.31 -48.83 12.83
N LYS A 280 29.94 -49.03 14.09
CA LYS A 280 29.98 -47.99 15.11
C LYS A 280 31.15 -48.26 16.03
N ILE A 281 31.99 -47.25 16.23
CA ILE A 281 33.16 -47.43 17.09
C ILE A 281 32.70 -47.61 18.53
N LYS A 282 33.42 -48.46 19.27
CA LYS A 282 33.08 -48.74 20.66
C LYS A 282 33.92 -47.96 21.66
N ASN A 283 35.15 -47.62 21.30
CA ASN A 283 36.04 -46.85 22.16
C ASN A 283 36.57 -45.66 21.37
N GLU A 284 36.27 -44.45 21.85
CA GLU A 284 36.66 -43.23 21.15
C GLU A 284 38.12 -42.86 21.39
N ASP A 285 38.80 -43.51 22.33
CA ASP A 285 40.18 -43.19 22.67
C ASP A 285 41.18 -43.89 21.77
N ILE A 286 40.74 -44.70 20.81
CA ILE A 286 41.66 -45.48 20.00
C ILE A 286 42.38 -44.57 19.01
N CYS A 287 43.60 -44.97 18.64
CA CYS A 287 44.35 -44.31 17.59
C CYS A 287 44.16 -45.09 16.29
N ILE A 288 43.96 -44.37 15.19
CA ILE A 288 43.47 -44.97 13.96
C ILE A 288 44.46 -45.94 13.33
N ASN A 289 45.73 -45.89 13.72
CA ASN A 289 46.77 -46.68 13.08
C ASN A 289 47.12 -47.94 13.87
N LYS A 290 46.14 -48.54 14.55
CA LYS A 290 46.41 -49.76 15.31
C LYS A 290 46.83 -50.90 14.39
N PHE A 291 46.12 -51.07 13.28
CA PHE A 291 46.46 -52.09 12.30
C PHE A 291 46.90 -51.44 10.99
N GLU A 292 47.41 -52.26 10.08
CA GLU A 292 47.87 -51.75 8.79
C GLU A 292 46.72 -51.30 7.91
N THR A 293 45.51 -51.83 8.12
CA THR A 293 44.34 -51.50 7.31
C THR A 293 43.18 -51.10 8.22
N LEU A 294 42.27 -50.30 7.67
CA LEU A 294 41.08 -49.92 8.42
C LEU A 294 40.15 -51.10 8.63
N GLU A 295 40.01 -51.98 7.62
CA GLU A 295 39.08 -53.10 7.74
C GLU A 295 39.49 -54.07 8.83
N GLU A 296 40.77 -54.10 9.20
CA GLU A 296 41.16 -54.86 10.39
C GLU A 296 40.56 -54.24 11.65
N LEU A 297 40.50 -52.91 11.71
CA LEU A 297 39.87 -52.23 12.83
C LEU A 297 38.38 -52.54 12.89
N LEU A 298 37.70 -52.50 11.74
CA LEU A 298 36.25 -52.67 11.72
C LEU A 298 35.84 -54.09 12.14
N LYS A 299 36.59 -55.10 11.68
CA LYS A 299 36.28 -56.47 12.08
C LYS A 299 36.65 -56.78 13.52
N SER A 300 37.40 -55.90 14.18
CA SER A 300 37.90 -56.16 15.52
C SER A 300 36.84 -55.82 16.57
N SER A 301 37.19 -56.08 17.84
CA SER A 301 36.34 -55.75 18.97
C SER A 301 36.28 -54.25 19.23
N LYS A 302 37.14 -53.46 18.58
CA LYS A 302 37.09 -52.01 18.72
C LYS A 302 35.84 -51.41 18.10
N PHE A 303 35.19 -52.12 17.18
CA PHE A 303 33.97 -51.68 16.52
C PHE A 303 32.87 -52.70 16.74
N GLU A 304 31.62 -52.23 16.66
CA GLU A 304 30.47 -53.12 16.59
C GLU A 304 29.82 -52.97 15.22
N HIS A 305 29.26 -54.08 14.74
CA HIS A 305 28.60 -54.11 13.45
C HIS A 305 27.15 -54.55 13.61
N PHE A 306 26.27 -53.92 12.84
CA PHE A 306 24.86 -54.30 12.78
C PHE A 306 24.29 -53.77 11.48
N ASN A 307 23.12 -54.28 11.12
CA ASN A 307 22.47 -53.93 9.86
C ASN A 307 21.19 -53.14 10.11
N ILE A 308 20.92 -52.21 9.18
CA ILE A 308 19.74 -51.35 9.23
C ILE A 308 19.05 -51.44 7.88
N ASN A 309 17.73 -51.66 7.90
CA ASN A 309 16.93 -51.69 6.68
C ASN A 309 16.69 -50.26 6.22
N GLN A 310 17.22 -49.90 5.05
CA GLN A 310 17.06 -48.54 4.56
C GLN A 310 15.59 -48.19 4.34
N ARG A 311 14.76 -49.18 4.01
CA ARG A 311 13.33 -48.92 3.83
C ARG A 311 12.65 -48.51 5.13
N LEU A 312 13.22 -48.86 6.27
CA LEU A 312 12.63 -48.55 7.57
C LEU A 312 13.13 -47.23 8.15
N LEU A 313 13.98 -46.50 7.43
CA LEU A 313 14.44 -45.20 7.90
C LEU A 313 13.33 -44.18 7.75
N SER A 314 12.98 -43.52 8.86
CA SER A 314 12.09 -42.38 8.84
C SER A 314 12.92 -41.12 8.55
N ASP A 315 12.34 -39.94 8.77
CA ASP A 315 13.13 -38.72 8.65
C ASP A 315 14.31 -38.72 9.61
N GLU A 316 14.24 -39.49 10.68
CA GLU A 316 15.39 -39.76 11.54
C GLU A 316 16.00 -41.11 11.18
N TRP A 317 17.32 -41.19 11.29
CA TRP A 317 18.07 -42.43 11.09
C TRP A 317 18.49 -42.92 12.47
N ILE A 318 17.79 -43.93 12.99
CA ILE A 318 18.09 -44.50 14.29
C ILE A 318 18.97 -45.72 14.05
N LEU A 319 20.28 -45.53 14.17
CA LEU A 319 21.27 -46.55 13.82
C LEU A 319 21.79 -47.17 15.12
N VAL A 320 21.08 -48.18 15.61
CA VAL A 320 21.45 -48.88 16.83
C VAL A 320 21.30 -50.37 16.62
N ASN A 321 21.95 -51.15 17.48
CA ASN A 321 21.87 -52.61 17.39
C ASN A 321 20.49 -53.08 17.84
N LYS A 322 20.28 -54.40 17.75
CA LYS A 322 18.96 -54.96 18.01
C LYS A 322 18.54 -54.76 19.46
N ASP A 323 19.49 -54.90 20.39
CA ASP A 323 19.16 -54.71 21.80
C ASP A 323 18.73 -53.27 22.08
N ASP A 324 19.42 -52.29 21.49
CA ASP A 324 19.06 -50.90 21.71
C ASP A 324 17.75 -50.54 21.01
N GLU A 325 17.51 -51.11 19.84
CA GLU A 325 16.23 -50.90 19.17
C GLU A 325 15.07 -51.41 20.02
N THR A 326 15.22 -52.61 20.60
CA THR A 326 14.22 -53.13 21.52
C THR A 326 14.06 -52.22 22.74
N PHE A 327 15.20 -51.79 23.30
CA PHE A 327 15.17 -50.87 24.44
C PHE A 327 14.45 -49.57 24.08
N TYR A 328 14.82 -48.98 22.95
CA TYR A 328 14.23 -47.71 22.53
C TYR A 328 12.74 -47.85 22.28
N ASN A 329 12.33 -48.90 21.56
CA ASN A 329 10.93 -49.07 21.21
C ASN A 329 10.06 -49.36 22.43
N LYS A 330 10.61 -50.02 23.45
CA LYS A 330 9.85 -50.26 24.68
C LYS A 330 9.48 -48.94 25.34
N ILE A 331 10.44 -48.03 25.46
CA ILE A 331 10.19 -46.75 26.11
C ILE A 331 9.23 -45.91 25.29
N GLN A 332 9.42 -45.89 23.96
CA GLN A 332 8.56 -45.08 23.10
C GLN A 332 7.10 -45.53 23.20
N GLU A 333 6.86 -46.85 23.18
CA GLU A 333 5.50 -47.35 23.22
C GLU A 333 4.86 -47.12 24.59
N LYS A 334 5.64 -47.27 25.66
CA LYS A 334 5.07 -47.21 27.00
C LYS A 334 4.73 -45.78 27.42
N CYS A 335 5.48 -44.80 26.93
CA CYS A 335 5.34 -43.42 27.37
C CYS A 335 4.28 -42.71 26.53
N LYS A 336 3.27 -42.15 27.20
CA LYS A 336 2.16 -41.47 26.53
C LYS A 336 2.38 -39.98 26.35
N TYR A 337 3.41 -39.41 26.97
CA TYR A 337 3.67 -37.98 26.89
C TYR A 337 5.10 -37.76 26.42
N SER A 338 5.32 -36.59 25.82
CA SER A 338 6.66 -36.08 25.56
C SER A 338 6.86 -34.80 26.36
N LEU A 339 8.12 -34.42 26.54
CA LEU A 339 8.40 -33.15 27.22
C LEU A 339 7.73 -31.99 26.50
N GLU A 340 7.75 -32.02 25.15
CA GLU A 340 7.11 -30.96 24.37
C GLU A 340 5.62 -30.87 24.69
N ASP A 341 4.98 -32.00 24.98
CA ASP A 341 3.56 -31.99 25.32
C ASP A 341 3.30 -31.23 26.61
N ILE A 342 4.15 -31.41 27.62
CA ILE A 342 3.85 -30.95 28.97
C ILE A 342 4.63 -29.71 29.37
N ALA A 343 5.57 -29.24 28.56
CA ALA A 343 6.49 -28.21 29.00
C ALA A 343 6.62 -27.10 27.95
N ILE A 344 7.05 -25.94 28.42
CA ILE A 344 7.42 -24.82 27.56
C ILE A 344 8.93 -24.67 27.62
N SER A 345 9.58 -24.76 26.47
CA SER A 345 11.02 -24.69 26.36
C SER A 345 11.47 -23.33 25.85
N PHE A 346 12.66 -22.90 26.24
CA PHE A 346 13.23 -21.69 25.69
C PHE A 346 14.74 -21.70 25.86
N GLN A 347 15.41 -20.98 24.96
CA GLN A 347 16.85 -20.78 25.01
C GLN A 347 17.19 -19.62 25.94
N GLY A 348 18.42 -19.62 26.44
CA GLY A 348 18.85 -18.61 27.37
C GLY A 348 19.11 -17.27 26.72
N ILE A 349 19.54 -16.32 27.56
CA ILE A 349 19.87 -14.98 27.08
C ILE A 349 21.01 -15.04 26.08
N ILE A 350 20.93 -14.23 25.04
CA ILE A 350 22.05 -13.99 24.14
C ILE A 350 22.33 -12.49 24.21
N THR A 351 23.33 -12.12 25.01
CA THR A 351 23.65 -10.70 25.17
C THR A 351 24.25 -10.12 23.90
N GLY A 352 25.00 -10.92 23.15
CA GLY A 352 25.72 -10.45 21.99
C GLY A 352 27.12 -9.95 22.29
N CYS A 353 27.41 -9.63 23.56
CA CYS A 353 28.77 -9.37 24.01
C CYS A 353 28.77 -9.59 25.53
N ASP A 354 29.21 -10.79 25.95
CA ASP A 354 29.10 -11.16 27.36
C ASP A 354 29.96 -10.27 28.24
N LYS A 355 31.16 -9.91 27.78
CA LYS A 355 32.07 -9.11 28.60
C LYS A 355 31.47 -7.76 28.95
N ALA A 356 30.55 -7.24 28.13
CA ALA A 356 29.95 -5.95 28.42
C ALA A 356 28.90 -6.04 29.53
N PHE A 357 28.20 -7.16 29.63
CA PHE A 357 27.04 -7.26 30.52
C PHE A 357 27.22 -8.23 31.68
N ILE A 358 28.23 -9.09 31.66
CA ILE A 358 28.44 -10.10 32.70
C ILE A 358 29.60 -9.66 33.57
N LEU A 359 29.36 -9.59 34.88
CA LEU A 359 30.37 -9.18 35.84
C LEU A 359 30.42 -10.18 36.99
N SER A 360 31.61 -10.34 37.56
CA SER A 360 31.74 -11.14 38.78
C SER A 360 30.92 -10.50 39.89
N LYS A 361 30.27 -11.35 40.70
CA LYS A 361 29.39 -10.85 41.75
C LYS A 361 30.15 -10.04 42.79
N ASP A 362 31.48 -10.16 42.82
CA ASP A 362 32.32 -9.38 43.73
C ASP A 362 32.97 -8.18 43.05
N ASP A 363 32.62 -7.89 41.80
CA ASP A 363 33.19 -6.74 41.12
C ASP A 363 32.69 -5.45 41.75
N VAL A 364 33.60 -4.51 42.00
CA VAL A 364 33.23 -3.24 42.62
C VAL A 364 32.33 -2.41 41.72
N LYS A 365 32.37 -2.65 40.40
CA LYS A 365 31.55 -1.88 39.48
C LYS A 365 30.06 -2.16 39.65
N LEU A 366 29.70 -3.25 40.33
CA LEU A 366 28.29 -3.52 40.59
C LEU A 366 27.69 -2.55 41.61
N ASN A 367 28.52 -1.85 42.37
CA ASN A 367 28.02 -0.78 43.22
C ASN A 367 27.41 0.34 42.40
N LEU A 368 27.81 0.46 41.12
CA LEU A 368 27.23 1.45 40.23
C LEU A 368 25.86 1.04 39.71
N VAL A 369 25.51 -0.23 39.80
CA VAL A 369 24.30 -0.77 39.16
C VAL A 369 23.26 -1.02 40.25
N ASP A 370 22.07 -0.44 40.07
CA ASP A 370 20.95 -0.70 40.95
C ASP A 370 20.59 -2.19 40.91
N ASP A 371 20.28 -2.75 42.07
CA ASP A 371 19.99 -4.17 42.15
C ASP A 371 18.72 -4.57 41.39
N LYS A 372 17.89 -3.60 41.00
CA LYS A 372 16.74 -3.93 40.15
C LYS A 372 17.20 -4.47 38.80
N PHE A 373 18.40 -4.08 38.35
CA PHE A 373 18.91 -4.46 37.05
C PHE A 373 19.71 -5.77 37.07
N LEU A 374 20.12 -6.25 38.24
CA LEU A 374 21.04 -7.36 38.34
C LEU A 374 20.30 -8.68 38.44
N LYS A 375 20.75 -9.67 37.68
CA LYS A 375 20.21 -11.02 37.70
C LYS A 375 21.33 -12.01 37.97
N CYS A 376 20.98 -13.13 38.61
CA CYS A 376 21.94 -14.20 38.79
C CYS A 376 22.24 -14.90 37.46
N TRP A 377 23.50 -15.24 37.26
CA TRP A 377 24.00 -15.72 35.99
C TRP A 377 24.82 -16.99 36.23
N ILE A 378 24.53 -18.05 35.47
CA ILE A 378 25.22 -19.31 35.61
C ILE A 378 25.71 -19.78 34.24
N LYS A 379 26.73 -20.62 34.26
CA LYS A 379 27.24 -21.27 33.07
C LYS A 379 26.78 -22.72 33.04
N SER A 380 27.10 -23.40 31.94
CA SER A 380 26.68 -24.80 31.81
C SER A 380 27.33 -25.68 32.87
N LYS A 381 28.57 -25.38 33.25
CA LYS A 381 29.25 -26.17 34.26
C LYS A 381 28.61 -26.05 35.64
N ASN A 382 27.78 -25.03 35.86
CA ASN A 382 27.11 -24.86 37.14
C ASN A 382 25.91 -25.80 37.30
N ILE A 383 25.51 -26.50 36.25
CA ILE A 383 24.37 -27.42 36.31
C ILE A 383 24.90 -28.80 36.67
N ASN A 384 24.47 -29.32 37.81
CA ASN A 384 24.68 -30.71 38.18
C ASN A 384 23.37 -31.46 38.02
N LYS A 385 23.40 -32.75 38.35
CA LYS A 385 22.15 -33.48 38.49
C LYS A 385 21.37 -32.95 39.67
N TYR A 386 20.10 -32.62 39.43
CA TYR A 386 19.08 -32.22 40.40
C TYR A 386 19.18 -30.82 40.97
N ILE A 387 20.33 -30.15 40.88
CA ILE A 387 20.49 -28.82 41.48
C ILE A 387 21.59 -28.05 40.76
N VAL A 388 21.52 -26.73 40.89
CA VAL A 388 22.47 -25.80 40.28
C VAL A 388 23.42 -25.30 41.35
N ASP A 389 24.69 -25.09 40.97
CA ASP A 389 25.64 -24.46 41.85
C ASP A 389 25.21 -23.02 42.14
N LYS A 390 25.69 -22.49 43.26
CA LYS A 390 25.48 -21.08 43.56
C LYS A 390 26.18 -20.22 42.51
N SER A 391 25.47 -19.20 42.03
CA SER A 391 26.00 -18.37 40.96
C SER A 391 27.13 -17.48 41.46
N GLU A 392 28.11 -17.26 40.59
CA GLU A 392 29.22 -16.37 40.86
C GLU A 392 29.23 -15.14 39.96
N TYR A 393 28.32 -15.05 39.01
CA TYR A 393 28.28 -13.95 38.06
C TYR A 393 26.92 -13.26 38.10
N ARG A 394 26.90 -12.01 37.66
CA ARG A 394 25.70 -11.21 37.59
C ARG A 394 25.52 -10.69 36.17
N LEU A 395 24.27 -10.63 35.73
CA LEU A 395 23.92 -10.05 34.45
C LEU A 395 23.28 -8.68 34.67
N ILE A 396 23.74 -7.69 33.91
CA ILE A 396 23.09 -6.38 33.89
C ILE A 396 22.00 -6.46 32.84
N TYR A 397 20.75 -6.55 33.29
CA TYR A 397 19.62 -6.59 32.34
C TYR A 397 19.42 -5.16 31.84
N SER A 398 20.27 -4.79 30.88
CA SER A 398 20.33 -3.41 30.41
C SER A 398 19.08 -2.95 29.68
N ASN A 399 18.20 -3.88 29.29
CA ASN A 399 16.97 -3.50 28.62
C ASN A 399 16.06 -2.65 29.50
N ASP A 400 16.23 -2.72 30.82
CA ASP A 400 15.41 -1.93 31.73
C ASP A 400 15.95 -0.52 31.95
N ILE A 401 17.11 -0.20 31.39
CA ILE A 401 17.65 1.16 31.46
C ILE A 401 16.90 2.02 30.44
N ASP A 402 16.27 3.09 30.92
CA ASP A 402 15.37 3.86 30.08
C ASP A 402 16.13 4.67 29.04
N ASN A 403 16.97 5.60 29.49
CA ASN A 403 17.71 6.47 28.59
C ASN A 403 19.12 6.67 29.11
N GLU A 404 19.98 7.20 28.23
CA GLU A 404 21.40 7.31 28.53
C GLU A 404 21.72 8.41 29.53
N ASN A 405 20.75 9.26 29.89
CA ASN A 405 21.01 10.38 30.79
C ASN A 405 20.84 10.01 32.26
N THR A 406 19.87 9.13 32.57
CA THR A 406 19.61 8.80 33.97
C THR A 406 20.63 7.84 34.55
N ASN A 407 21.17 6.92 33.73
CA ASN A 407 22.14 5.95 34.21
C ASN A 407 23.45 6.05 33.44
N LYS A 408 23.94 7.28 33.26
CA LYS A 408 25.16 7.50 32.47
C LYS A 408 26.34 6.73 33.05
N ARG A 409 26.40 6.61 34.38
CA ARG A 409 27.54 5.94 35.01
C ARG A 409 27.64 4.47 34.60
N ILE A 410 26.49 3.78 34.54
CA ILE A 410 26.50 2.38 34.12
C ILE A 410 26.96 2.27 32.67
N LEU A 411 26.48 3.16 31.80
CA LEU A 411 26.83 3.10 30.40
C LEU A 411 28.28 3.54 30.17
N ASP A 412 28.70 4.62 30.83
CA ASP A 412 30.02 5.17 30.56
C ASP A 412 31.13 4.25 31.07
N GLU A 413 30.94 3.64 32.23
CA GLU A 413 32.03 2.93 32.90
C GLU A 413 31.96 1.42 32.78
N ILE A 414 30.82 0.84 32.41
CA ILE A 414 30.71 -0.61 32.36
C ILE A 414 30.40 -1.07 30.95
N ILE A 415 29.23 -0.69 30.43
CA ILE A 415 28.78 -1.21 29.14
C ILE A 415 29.50 -0.52 27.99
N GLY A 416 29.83 0.77 28.14
CA GLY A 416 30.46 1.51 27.06
C GLY A 416 31.90 1.15 26.78
N LEU A 417 32.53 0.35 27.65
CA LEU A 417 33.87 -0.12 27.37
C LEU A 417 33.92 -1.01 26.13
N TYR A 418 32.78 -1.51 25.68
CA TYR A 418 32.68 -2.37 24.50
C TYR A 418 31.70 -1.80 23.48
N LYS A 419 31.56 -0.47 23.45
CA LYS A 419 30.53 0.14 22.62
C LYS A 419 30.75 -0.16 21.14
N THR A 420 32.01 -0.11 20.68
CA THR A 420 32.29 -0.40 19.28
C THR A 420 31.84 -1.81 18.90
N LYS A 421 32.18 -2.80 19.73
CA LYS A 421 31.76 -4.17 19.45
C LYS A 421 30.24 -4.33 19.56
N LEU A 422 29.63 -3.66 20.54
CA LEU A 422 28.18 -3.73 20.70
C LEU A 422 27.47 -3.14 19.49
N GLU A 423 28.02 -2.07 18.91
CA GLU A 423 27.39 -1.43 17.76
C GLU A 423 27.48 -2.28 16.50
N ASN A 424 28.36 -3.29 16.47
CA ASN A 424 28.47 -4.16 15.30
C ASN A 424 27.45 -5.28 15.29
N ARG A 425 26.71 -5.48 16.38
CA ARG A 425 25.66 -6.50 16.39
C ARG A 425 24.60 -6.15 15.36
N ARG A 426 24.01 -7.18 14.76
CA ARG A 426 23.13 -7.00 13.62
C ARG A 426 21.96 -6.07 13.95
N GLU A 427 21.34 -6.26 15.11
CA GLU A 427 20.17 -5.47 15.45
C GLU A 427 20.52 -4.04 15.85
N CYS A 428 21.78 -3.78 16.21
CA CYS A 428 22.21 -2.40 16.44
C CYS A 428 22.45 -1.68 15.11
N LYS A 429 23.01 -2.37 14.12
CA LYS A 429 23.26 -1.76 12.82
C LYS A 429 21.96 -1.42 12.10
N SER A 430 20.90 -2.17 12.36
CA SER A 430 19.59 -1.88 11.77
C SER A 430 18.74 -0.95 12.63
N GLY A 431 19.20 -0.61 13.83
CA GLY A 431 18.48 0.28 14.71
C GLY A 431 17.43 -0.39 15.59
N ILE A 432 17.28 -1.71 15.50
CA ILE A 432 16.29 -2.41 16.32
C ILE A 432 16.67 -2.33 17.79
N ARG A 433 17.96 -2.47 18.10
CA ARG A 433 18.45 -2.41 19.48
C ARG A 433 19.29 -1.16 19.69
N LYS A 434 19.19 -0.59 20.88
CA LYS A 434 20.15 0.42 21.29
C LYS A 434 21.50 -0.24 21.55
N TRP A 435 22.56 0.56 21.45
CA TRP A 435 23.91 -0.01 21.53
C TRP A 435 24.17 -0.68 22.88
N TYR A 436 23.48 -0.24 23.93
CA TYR A 436 23.67 -0.80 25.26
C TYR A 436 22.67 -1.90 25.61
N GLU A 437 21.74 -2.23 24.73
CA GLU A 437 20.73 -3.22 25.04
C GLU A 437 21.25 -4.63 24.77
N LEU A 438 20.66 -5.61 25.47
CA LEU A 438 20.94 -7.01 25.18
C LEU A 438 20.38 -7.36 23.80
N GLN A 439 21.15 -8.16 23.05
CA GLN A 439 20.73 -8.51 21.70
C GLN A 439 19.42 -9.31 21.72
N TRP A 440 19.39 -10.39 22.51
CA TRP A 440 18.18 -11.20 22.67
C TRP A 440 17.95 -11.37 24.17
N GLY A 441 17.26 -10.40 24.77
CA GLY A 441 17.00 -10.40 26.20
C GLY A 441 15.86 -11.28 26.66
N ARG A 442 15.15 -11.91 25.73
CA ARG A 442 14.07 -12.87 26.03
C ARG A 442 13.02 -12.18 26.90
N GLU A 443 12.30 -12.96 27.69
CA GLU A 443 11.32 -12.47 28.64
C GLU A 443 11.80 -12.81 30.05
N LYS A 444 11.92 -11.78 30.90
CA LYS A 444 12.40 -12.00 32.27
C LYS A 444 11.51 -13.00 33.00
N LEU A 445 10.19 -12.86 32.86
CA LEU A 445 9.25 -13.70 33.59
C LEU A 445 9.44 -15.18 33.30
N PHE A 446 10.01 -15.54 32.14
CA PHE A 446 10.30 -16.94 31.86
C PHE A 446 11.42 -17.46 32.74
N PHE A 447 12.39 -16.61 33.09
CA PHE A 447 13.52 -17.04 33.91
C PHE A 447 13.26 -16.91 35.40
N GLU A 448 12.39 -15.98 35.81
CA GLU A 448 12.17 -15.69 37.22
C GLU A 448 10.99 -16.51 37.76
N ARG A 449 11.17 -17.83 37.69
CA ARG A 449 10.17 -18.78 38.17
C ARG A 449 10.86 -20.12 38.38
N LYS A 450 10.18 -21.01 39.10
CA LYS A 450 10.66 -22.37 39.25
C LYS A 450 10.72 -23.04 37.88
N LYS A 451 11.87 -23.65 37.57
CA LYS A 451 12.07 -24.22 36.24
C LYS A 451 13.20 -25.24 36.31
N ILE A 452 13.32 -26.01 35.23
CA ILE A 452 14.36 -27.02 35.07
C ILE A 452 15.36 -26.52 34.04
N MET A 453 16.64 -26.67 34.36
CA MET A 453 17.72 -26.24 33.48
C MET A 453 18.68 -27.39 33.22
N TYR A 454 19.28 -27.39 32.02
CA TYR A 454 20.25 -28.40 31.65
C TYR A 454 21.29 -27.79 30.73
N PRO A 455 22.53 -28.29 30.75
CA PRO A 455 23.56 -27.75 29.86
C PRO A 455 23.31 -28.14 28.41
N TYR A 456 23.78 -27.29 27.49
CA TYR A 456 23.53 -27.52 26.07
C TYR A 456 24.46 -28.57 25.48
N LYS A 457 25.59 -28.86 26.13
CA LYS A 457 26.52 -29.89 25.70
C LYS A 457 27.06 -30.58 26.94
N SER A 458 26.90 -31.90 27.01
CA SER A 458 27.27 -32.62 28.22
C SER A 458 27.62 -34.07 27.88
N ASN A 459 28.31 -34.72 28.81
CA ASN A 459 28.59 -36.15 28.70
C ASN A 459 27.45 -37.01 29.21
N GLU A 460 26.51 -36.43 29.98
CA GLU A 460 25.44 -37.22 30.59
C GLU A 460 24.26 -36.30 30.84
N ASN A 461 23.11 -36.92 31.11
CA ASN A 461 21.92 -36.17 31.49
C ASN A 461 22.18 -35.41 32.79
N ARG A 462 21.98 -34.09 32.75
CA ARG A 462 22.11 -33.25 33.94
C ARG A 462 20.96 -32.25 33.92
N PHE A 463 19.83 -32.64 34.50
CA PHE A 463 18.65 -31.79 34.59
C PHE A 463 18.48 -31.38 36.05
N ALA A 464 18.46 -30.07 36.29
CA ALA A 464 18.41 -29.53 37.63
C ALA A 464 17.14 -28.70 37.81
N ILE A 465 16.64 -28.67 39.04
CA ILE A 465 15.58 -27.73 39.42
C ILE A 465 16.23 -26.43 39.83
N ASP A 466 15.79 -25.32 39.23
CA ASP A 466 16.28 -24.01 39.60
C ASP A 466 15.31 -23.35 40.55
N TYR A 467 15.78 -23.01 41.74
CA TYR A 467 14.99 -22.31 42.74
C TYR A 467 15.34 -20.84 42.86
N ASP A 468 16.40 -20.38 42.18
CA ASP A 468 17.01 -19.09 42.47
C ASP A 468 16.86 -18.08 41.35
N ASN A 469 15.89 -18.28 40.45
CA ASN A 469 15.63 -17.36 39.34
C ASN A 469 16.91 -17.10 38.54
N ASN A 470 17.63 -18.17 38.23
CA ASN A 470 18.90 -18.05 37.53
C ASN A 470 18.68 -17.72 36.05
N PHE A 471 19.39 -16.70 35.57
CA PHE A 471 19.52 -16.44 34.15
C PHE A 471 20.77 -17.11 33.63
N SER A 472 20.82 -17.32 32.32
CA SER A 472 21.97 -17.98 31.71
C SER A 472 22.05 -17.58 30.24
N SER A 473 23.19 -17.87 29.63
CA SER A 473 23.36 -17.68 28.20
C SER A 473 22.79 -18.91 27.48
N ALA A 474 23.09 -19.02 26.19
CA ALA A 474 22.55 -20.12 25.38
C ALA A 474 23.27 -21.44 25.62
N ASP A 475 24.25 -21.49 26.53
CA ASP A 475 24.86 -22.75 26.90
C ASP A 475 24.05 -23.50 27.95
N VAL A 476 22.94 -22.93 28.40
CA VAL A 476 22.01 -23.58 29.31
C VAL A 476 20.61 -23.41 28.75
N TYR A 477 19.84 -24.49 28.73
CA TYR A 477 18.44 -24.45 28.31
C TYR A 477 17.54 -24.64 29.51
N SER A 478 16.33 -24.09 29.41
CA SER A 478 15.37 -24.12 30.51
C SER A 478 14.01 -24.55 29.99
N PHE A 479 13.22 -25.16 30.88
CA PHE A 479 11.81 -25.34 30.60
C PHE A 479 11.03 -25.33 31.90
N PHE A 480 9.75 -25.01 31.80
CA PHE A 480 8.81 -25.12 32.91
C PHE A 480 7.59 -25.89 32.46
N ILE A 481 6.88 -26.44 33.43
CA ILE A 481 5.73 -27.30 33.16
C ILE A 481 4.51 -26.43 32.90
N LYS A 482 3.74 -26.78 31.87
CA LYS A 482 2.49 -26.09 31.59
C LYS A 482 1.54 -26.20 32.78
N GLU A 483 0.70 -25.19 32.95
CA GLU A 483 -0.20 -25.15 34.10
C GLU A 483 -1.12 -26.36 34.12
N GLU A 484 -1.62 -26.78 32.95
CA GLU A 484 -2.58 -27.88 32.90
C GLU A 484 -1.94 -29.24 33.15
N TYR A 485 -0.62 -29.35 33.19
CA TYR A 485 0.05 -30.62 33.47
C TYR A 485 0.70 -30.65 34.85
N LEU A 486 0.45 -29.64 35.69
CA LEU A 486 1.09 -29.60 37.00
C LEU A 486 0.56 -30.68 37.93
N ASP A 487 -0.71 -31.07 37.78
CA ASP A 487 -1.28 -32.11 38.64
C ASP A 487 -0.90 -33.52 38.19
N LYS A 488 -0.28 -33.67 37.02
CA LYS A 488 0.22 -34.96 36.58
C LYS A 488 1.72 -35.11 36.75
N PHE A 489 2.47 -34.03 36.58
CA PHE A 489 3.93 -34.07 36.64
C PHE A 489 4.45 -32.95 37.52
N SER A 490 5.38 -33.29 38.41
CA SER A 490 6.07 -32.33 39.25
C SER A 490 7.52 -32.22 38.79
N TYR A 491 8.15 -31.09 39.13
CA TYR A 491 9.55 -30.91 38.79
C TYR A 491 10.42 -31.97 39.46
N GLU A 492 10.07 -32.36 40.69
CA GLU A 492 10.84 -33.37 41.40
C GLU A 492 10.75 -34.72 40.70
N TYR A 493 9.57 -35.10 40.21
CA TYR A 493 9.45 -36.35 39.48
C TYR A 493 10.24 -36.30 38.17
N LEU A 494 10.19 -35.17 37.48
CA LEU A 494 10.84 -35.08 36.16
C LEU A 494 12.36 -35.22 36.27
N VAL A 495 12.98 -34.52 37.21
CA VAL A 495 14.43 -34.64 37.34
C VAL A 495 14.82 -36.03 37.80
N GLY A 496 13.93 -36.73 38.49
CA GLY A 496 14.18 -38.10 38.88
C GLY A 496 14.37 -39.02 37.70
N ILE A 497 13.40 -39.07 36.79
CA ILE A 497 13.51 -39.98 35.65
C ILE A 497 14.53 -39.45 34.64
N LEU A 498 14.57 -38.12 34.43
CA LEU A 498 15.46 -37.57 33.42
C LEU A 498 16.92 -37.77 33.75
N ASN A 499 17.27 -37.80 35.04
CA ASN A 499 18.64 -38.02 35.46
C ASN A 499 18.97 -39.49 35.67
N SER A 500 18.00 -40.39 35.49
CA SER A 500 18.25 -41.80 35.72
C SER A 500 19.16 -42.37 34.64
N SER A 501 19.78 -43.51 34.97
CA SER A 501 20.62 -44.20 33.99
C SER A 501 19.80 -44.67 32.80
N VAL A 502 18.53 -45.00 33.03
CA VAL A 502 17.65 -45.41 31.93
C VAL A 502 17.54 -44.30 30.90
N TYR A 503 17.24 -43.09 31.36
CA TYR A 503 17.02 -41.99 30.44
C TYR A 503 18.32 -41.43 29.87
N ASP A 504 19.45 -41.62 30.58
CA ASP A 504 20.74 -41.27 29.99
C ASP A 504 20.99 -42.11 28.74
N LYS A 505 20.86 -43.42 28.85
CA LYS A 505 20.99 -44.30 27.69
C LYS A 505 19.90 -44.02 26.66
N TYR A 506 18.68 -43.78 27.13
CA TYR A 506 17.56 -43.57 26.22
C TYR A 506 17.75 -42.33 25.35
N PHE A 507 18.16 -41.21 25.97
CA PHE A 507 18.37 -39.99 25.19
C PHE A 507 19.53 -40.14 24.21
N LYS A 508 20.61 -40.81 24.64
CA LYS A 508 21.80 -40.89 23.80
C LYS A 508 21.61 -41.76 22.56
N ILE A 509 20.54 -42.57 22.52
CA ILE A 509 20.30 -43.40 21.35
C ILE A 509 20.09 -42.53 20.11
N THR A 510 19.36 -41.43 20.24
CA THR A 510 19.09 -40.54 19.13
C THR A 510 19.79 -39.19 19.26
N ALA A 511 20.59 -38.98 20.30
CA ALA A 511 21.20 -37.68 20.53
C ALA A 511 22.28 -37.39 19.49
N LYS A 512 22.59 -36.11 19.34
CA LYS A 512 23.60 -35.63 18.40
C LYS A 512 24.97 -35.71 19.06
N LYS A 513 25.82 -36.59 18.55
CA LYS A 513 27.16 -36.79 19.11
C LYS A 513 28.10 -35.75 18.52
N MET A 514 28.69 -34.90 19.37
CA MET A 514 29.44 -33.74 18.93
C MET A 514 30.94 -33.97 18.93
N SER A 515 31.51 -34.31 20.08
CA SER A 515 32.92 -34.63 20.20
C SER A 515 33.06 -35.65 21.33
N LYS A 516 34.30 -36.03 21.62
CA LYS A 516 34.54 -37.09 22.59
C LYS A 516 33.86 -36.78 23.92
N ASN A 517 32.95 -37.67 24.33
CA ASN A 517 32.19 -37.53 25.57
C ASN A 517 31.34 -36.27 25.61
N ILE A 518 30.83 -35.82 24.46
CA ILE A 518 29.95 -34.66 24.40
C ILE A 518 28.79 -34.96 23.47
N TYR A 519 27.57 -34.78 23.98
CA TYR A 519 26.36 -34.81 23.17
C TYR A 519 25.71 -33.43 23.24
N ASP A 520 25.00 -33.08 22.16
CA ASP A 520 24.16 -31.91 22.21
C ASP A 520 22.92 -32.20 23.04
N TYR A 521 22.65 -31.34 24.01
CA TYR A 521 21.37 -31.34 24.72
C TYR A 521 20.64 -30.07 24.30
N TYR A 522 19.96 -30.17 23.16
CA TYR A 522 19.22 -29.06 22.58
C TYR A 522 17.74 -29.40 22.53
N PRO A 523 16.86 -28.41 22.62
CA PRO A 523 15.41 -28.70 22.64
C PRO A 523 14.92 -29.47 21.44
N ASN A 524 15.56 -29.33 20.27
CA ASN A 524 15.09 -30.04 19.09
C ASN A 524 15.15 -31.55 19.27
N LYS A 525 15.90 -32.04 20.25
CA LYS A 525 15.85 -33.43 20.64
C LYS A 525 15.43 -33.66 22.09
N VAL A 526 15.80 -32.77 23.01
CA VAL A 526 15.45 -32.95 24.42
C VAL A 526 13.94 -32.91 24.60
N MET A 527 13.24 -32.01 23.90
CA MET A 527 11.80 -31.92 24.05
C MET A 527 11.06 -33.08 23.41
N LYS A 528 11.74 -33.94 22.64
CA LYS A 528 11.13 -35.14 22.10
C LYS A 528 11.26 -36.33 23.04
N ILE A 529 11.99 -36.19 24.15
CA ILE A 529 12.04 -37.24 25.16
C ILE A 529 10.63 -37.54 25.65
N ARG A 530 10.29 -38.82 25.71
CA ARG A 530 8.97 -39.26 26.14
C ARG A 530 9.02 -39.67 27.61
N ILE A 531 7.95 -39.36 28.33
CA ILE A 531 7.86 -39.61 29.76
C ILE A 531 6.59 -40.39 30.06
N PHE A 532 6.57 -41.05 31.21
CA PHE A 532 5.49 -41.93 31.62
C PHE A 532 4.98 -41.54 32.99
N ARG A 533 3.86 -42.13 33.37
CA ARG A 533 3.25 -41.89 34.67
CA ARG A 533 3.24 -41.90 34.67
C ARG A 533 2.48 -43.15 35.06
N ASP A 534 2.90 -43.80 36.14
CA ASP A 534 2.26 -45.05 36.54
C ASP A 534 2.34 -45.20 38.05
N ASN A 535 2.15 -46.44 38.53
CA ASN A 535 2.07 -46.71 39.97
C ASN A 535 3.34 -46.39 40.71
N ASN A 536 4.49 -46.34 40.03
CA ASN A 536 5.75 -46.03 40.69
C ASN A 536 5.98 -44.53 40.84
N TYR A 537 5.02 -43.70 40.44
CA TYR A 537 5.21 -42.25 40.44
C TYR A 537 5.58 -41.74 41.83
N GLU A 538 4.81 -42.14 42.85
CA GLU A 538 5.01 -41.57 44.18
C GLU A 538 6.38 -41.91 44.75
N GLU A 539 6.82 -43.17 44.58
CA GLU A 539 8.10 -43.56 45.14
C GLU A 539 9.26 -42.95 44.36
N ILE A 540 9.12 -42.85 43.03
CA ILE A 540 10.15 -42.19 42.23
C ILE A 540 10.30 -40.73 42.65
N GLU A 541 9.17 -40.03 42.81
CA GLU A 541 9.20 -38.64 43.22
C GLU A 541 9.81 -38.50 44.62
N ASN A 542 9.43 -39.39 45.53
CA ASN A 542 9.95 -39.32 46.90
C ASN A 542 11.47 -39.54 46.94
N LEU A 543 11.96 -40.51 46.16
CA LEU A 543 13.40 -40.73 46.09
C LEU A 543 14.12 -39.50 45.55
N SER A 544 13.53 -38.83 44.57
CA SER A 544 14.13 -37.62 44.02
C SER A 544 14.21 -36.51 45.05
N LYS A 545 13.15 -36.35 45.87
CA LYS A 545 13.17 -35.32 46.90
C LYS A 545 14.22 -35.64 47.97
N GLN A 546 14.42 -36.92 48.28
CA GLN A 546 15.49 -37.29 49.21
C GLN A 546 16.85 -36.93 48.64
N ILE A 547 17.06 -37.18 47.34
CA ILE A 547 18.32 -36.84 46.71
C ILE A 547 18.55 -35.34 46.75
N ILE A 548 17.52 -34.57 46.41
CA ILE A 548 17.62 -33.11 46.42
C ILE A 548 17.90 -32.60 47.83
N SER A 549 17.26 -33.19 48.83
CA SER A 549 17.47 -32.77 50.21
C SER A 549 18.91 -33.01 50.64
N ILE A 550 19.49 -34.15 50.27
CA ILE A 550 20.88 -34.43 50.61
C ILE A 550 21.81 -33.48 49.88
N LEU A 551 21.56 -33.24 48.59
CA LEU A 551 22.47 -32.42 47.79
C LEU A 551 22.52 -30.98 48.29
N LEU A 552 21.46 -30.52 48.95
CA LEU A 552 21.40 -29.16 49.46
C LEU A 552 21.90 -29.03 50.90
N ASN A 553 22.40 -30.12 51.49
CA ASN A 553 22.91 -30.09 52.85
C ASN A 553 24.30 -29.45 52.90
N LYS A 554 24.67 -29.00 54.11
CA LYS A 554 26.02 -28.48 54.31
C LYS A 554 27.04 -29.61 54.29
N SER A 555 26.76 -30.69 55.02
CA SER A 555 27.62 -31.88 55.02
C SER A 555 26.96 -32.90 54.12
N ILE A 556 27.25 -32.81 52.82
CA ILE A 556 26.59 -33.64 51.82
C ILE A 556 27.06 -35.08 51.99
N ASP A 557 26.15 -35.95 52.43
CA ASP A 557 26.38 -37.39 52.39
C ASP A 557 26.20 -37.86 50.95
N LYS A 558 27.20 -37.51 50.13
CA LYS A 558 27.12 -37.76 48.69
C LYS A 558 26.94 -39.25 48.39
N GLY A 559 27.46 -40.12 49.27
CA GLY A 559 27.38 -41.55 49.01
C GLY A 559 25.95 -42.05 48.92
N LYS A 560 25.10 -41.67 49.88
CA LYS A 560 23.74 -42.19 49.90
C LYS A 560 22.95 -41.78 48.67
N VAL A 561 23.33 -40.67 48.03
CA VAL A 561 22.66 -40.24 46.81
C VAL A 561 22.78 -41.31 45.73
N GLU A 562 23.96 -41.90 45.59
CA GLU A 562 24.17 -42.94 44.59
C GLU A 562 23.27 -44.15 44.85
N LYS A 563 23.17 -44.56 46.13
CA LYS A 563 22.29 -45.67 46.48
C LYS A 563 20.84 -45.35 46.18
N LEU A 564 20.40 -44.13 46.50
CA LEU A 564 19.03 -43.72 46.18
C LEU A 564 18.80 -43.72 44.68
N GLN A 565 19.82 -43.33 43.90
CA GLN A 565 19.69 -43.36 42.45
C GLN A 565 19.53 -44.79 41.93
N ILE A 566 20.30 -45.72 42.48
CA ILE A 566 20.21 -47.12 42.04
C ILE A 566 18.81 -47.66 42.30
N LYS A 567 18.24 -47.34 43.45
CA LYS A 567 16.87 -47.77 43.73
C LYS A 567 15.87 -47.16 42.76
N MET A 568 16.06 -45.87 42.43
CA MET A 568 15.15 -45.24 41.48
C MET A 568 15.27 -45.85 40.09
N ASP A 569 16.50 -46.16 39.66
CA ASP A 569 16.68 -46.79 38.35
C ASP A 569 15.97 -48.14 38.29
N ASN A 570 15.94 -48.87 39.41
CA ASN A 570 15.20 -50.12 39.45
C ASN A 570 13.71 -49.89 39.25
N LEU A 571 13.16 -48.87 39.90
CA LEU A 571 11.73 -48.55 39.72
C LEU A 571 11.44 -48.18 38.27
N ILE A 572 12.30 -47.37 37.67
CA ILE A 572 12.09 -46.93 36.30
C ILE A 572 12.20 -48.10 35.34
N MET A 573 13.17 -48.99 35.55
CA MET A 573 13.27 -50.19 34.72
C MET A 573 12.06 -51.10 34.94
N ASP A 574 11.58 -51.19 36.19
CA ASP A 574 10.35 -51.93 36.45
C ASP A 574 9.17 -51.31 35.73
N SER A 575 9.08 -49.98 35.75
CA SER A 575 7.97 -49.29 35.10
C SER A 575 7.98 -49.50 33.59
N LEU A 576 9.16 -49.40 32.97
CA LEU A 576 9.27 -49.48 31.53
C LEU A 576 9.42 -50.90 31.00
N GLY A 577 9.50 -51.88 31.88
CA GLY A 577 9.58 -53.27 31.45
C GLY A 577 10.86 -53.60 30.71
N ILE A 578 11.98 -53.03 31.14
CA ILE A 578 13.27 -53.31 30.52
C ILE A 578 14.13 -54.12 31.47
N GLY B 29 -2.46 16.65 -2.85
CA GLY B 29 -1.51 17.60 -3.38
C GLY B 29 -1.54 18.95 -2.70
N ILE B 30 -2.48 19.80 -3.10
CA ILE B 30 -2.61 21.15 -2.60
C ILE B 30 -3.82 21.21 -1.68
N TYR B 31 -3.60 21.65 -0.44
CA TYR B 31 -4.64 21.71 0.57
C TYR B 31 -4.84 23.14 1.02
N TYR B 32 -6.09 23.60 0.98
CA TYR B 32 -6.42 25.01 1.22
C TYR B 32 -6.76 25.21 2.68
N THR B 33 -5.92 25.99 3.38
CA THR B 33 -6.17 26.34 4.77
C THR B 33 -7.25 27.43 4.84
N PRO B 34 -8.22 27.30 5.75
CA PRO B 34 -9.26 28.34 5.86
C PRO B 34 -8.65 29.71 6.14
N LYS B 35 -9.25 30.73 5.53
CA LYS B 35 -8.69 32.07 5.62
C LYS B 35 -8.66 32.57 7.06
N ILE B 36 -9.68 32.22 7.85
CA ILE B 36 -9.71 32.64 9.25
C ILE B 36 -8.53 32.04 10.02
N ILE B 37 -8.11 30.82 9.65
CA ILE B 37 -6.93 30.23 10.25
C ILE B 37 -5.67 30.94 9.80
N VAL B 38 -5.56 31.22 8.50
CA VAL B 38 -4.36 31.87 7.96
C VAL B 38 -4.19 33.25 8.56
N ASP B 39 -5.27 34.02 8.65
CA ASP B 39 -5.19 35.35 9.23
C ASP B 39 -4.73 35.29 10.68
N TYR B 40 -5.22 34.29 11.42
CA TYR B 40 -4.84 34.14 12.82
C TYR B 40 -3.35 33.83 12.96
N ILE B 41 -2.86 32.88 12.16
CA ILE B 41 -1.47 32.46 12.27
C ILE B 41 -0.53 33.60 11.90
N VAL B 42 -0.84 34.33 10.83
CA VAL B 42 -0.01 35.46 10.43
C VAL B 42 -0.02 36.54 11.49
N LYS B 43 -1.21 36.84 12.04
CA LYS B 43 -1.30 37.85 13.10
C LYS B 43 -0.53 37.42 14.33
N LYS B 44 -0.60 36.13 14.69
CA LYS B 44 0.06 35.66 15.90
C LYS B 44 1.56 35.91 15.87
N THR B 45 2.18 35.80 14.69
CA THR B 45 3.61 35.97 14.58
C THR B 45 4.04 37.42 14.40
N LEU B 46 3.23 38.24 13.72
CA LEU B 46 3.66 39.55 13.28
C LEU B 46 3.04 40.71 14.06
N LYS B 47 2.05 40.46 14.91
CA LYS B 47 1.25 41.56 15.46
C LYS B 47 2.09 42.52 16.29
N ASN B 48 3.08 42.01 17.03
CA ASN B 48 3.88 42.83 17.92
C ASN B 48 5.30 43.06 17.39
N HIS B 49 5.52 42.88 16.10
CA HIS B 49 6.84 43.12 15.55
C HIS B 49 7.17 44.61 15.52
N ASP B 50 8.39 44.95 15.94
CA ASP B 50 8.87 46.33 15.96
C ASP B 50 9.55 46.60 14.63
N ILE B 51 8.78 47.20 13.70
CA ILE B 51 9.31 47.41 12.36
C ILE B 51 10.39 48.49 12.35
N ILE B 52 10.31 49.45 13.26
CA ILE B 52 11.32 50.51 13.31
C ILE B 52 12.65 49.96 13.84
N LYS B 53 12.59 49.10 14.86
CA LYS B 53 13.82 48.51 15.39
C LYS B 53 14.44 47.55 14.38
N ASN B 54 13.63 46.73 13.73
CA ASN B 54 14.09 45.80 12.70
C ASN B 54 13.20 45.91 11.47
N PRO B 55 13.60 46.73 10.49
CA PRO B 55 12.85 46.82 9.23
C PRO B 55 13.17 45.72 8.23
N TYR B 56 13.95 44.70 8.60
CA TYR B 56 14.29 43.59 7.71
C TYR B 56 13.93 42.25 8.35
N PRO B 57 12.65 42.01 8.63
CA PRO B 57 12.26 40.69 9.17
C PRO B 57 12.09 39.68 8.03
N ARG B 58 12.64 38.49 8.22
CA ARG B 58 12.49 37.41 7.26
C ARG B 58 11.33 36.52 7.68
N ILE B 59 10.31 36.43 6.83
CA ILE B 59 9.15 35.57 7.07
C ILE B 59 9.16 34.47 6.02
N LEU B 60 9.13 33.22 6.47
CA LEU B 60 9.34 32.06 5.62
C LEU B 60 8.19 31.07 5.74
N ASP B 61 7.80 30.50 4.59
CA ASP B 61 6.90 29.36 4.54
C ASP B 61 7.58 28.28 3.69
N ILE B 62 7.83 27.12 4.30
CA ILE B 62 8.59 26.06 3.62
C ILE B 62 7.69 25.04 2.94
N SER B 63 6.38 25.22 2.98
CA SER B 63 5.44 24.49 2.14
C SER B 63 4.39 25.47 1.61
N CYS B 64 4.87 26.59 1.06
CA CYS B 64 4.02 27.75 0.80
C CYS B 64 2.92 27.49 -0.22
N GLY B 65 3.09 26.53 -1.12
CA GLY B 65 2.08 26.31 -2.14
C GLY B 65 1.88 27.54 -3.01
N CYS B 66 0.62 27.88 -3.27
CA CYS B 66 0.31 29.05 -4.09
C CYS B 66 0.40 30.36 -3.31
N GLY B 67 0.60 30.30 -2.00
CA GLY B 67 0.79 31.51 -1.23
C GLY B 67 -0.36 31.82 -0.28
N ASN B 68 -1.01 30.77 0.25
CA ASN B 68 -2.09 30.97 1.21
C ASN B 68 -1.64 31.86 2.36
N PHE B 69 -0.46 31.59 2.91
CA PHE B 69 0.07 32.35 4.04
C PHE B 69 0.90 33.56 3.59
N LEU B 70 1.76 33.38 2.58
CA LEU B 70 2.68 34.45 2.20
C LEU B 70 1.94 35.66 1.63
N LEU B 71 0.87 35.42 0.87
CA LEU B 71 0.08 36.55 0.36
C LEU B 71 -0.52 37.36 1.50
N GLU B 72 -1.01 36.69 2.54
CA GLU B 72 -1.47 37.40 3.73
C GLU B 72 -0.32 38.08 4.44
N VAL B 73 0.85 37.42 4.49
CA VAL B 73 2.04 38.04 5.08
C VAL B 73 2.37 39.34 4.37
N TYR B 74 2.27 39.35 3.04
CA TYR B 74 2.57 40.57 2.29
C TYR B 74 1.66 41.71 2.73
N ASP B 75 0.36 41.46 2.81
CA ASP B 75 -0.59 42.52 3.15
C ASP B 75 -0.33 43.06 4.55
N ILE B 76 -0.04 42.18 5.51
CA ILE B 76 0.27 42.63 6.86
C ILE B 76 1.56 43.44 6.87
N LEU B 77 2.59 42.97 6.16
CA LEU B 77 3.85 43.70 6.10
C LEU B 77 3.68 45.06 5.47
N TYR B 78 2.92 45.14 4.37
CA TYR B 78 2.78 46.40 3.66
C TYR B 78 2.17 47.47 4.54
N ASP B 79 1.13 47.12 5.31
CA ASP B 79 0.53 48.07 6.23
C ASP B 79 1.49 48.42 7.35
N LEU B 80 2.29 47.45 7.80
CA LEU B 80 3.27 47.72 8.86
C LEU B 80 4.31 48.73 8.40
N PHE B 81 4.83 48.55 7.18
CA PHE B 81 5.79 49.52 6.64
C PHE B 81 5.13 50.86 6.35
N GLU B 82 3.94 50.84 5.75
CA GLU B 82 3.27 52.08 5.37
C GLU B 82 2.95 52.95 6.58
N GLU B 83 2.53 52.33 7.68
CA GLU B 83 2.16 53.07 8.87
C GLU B 83 3.34 53.76 9.53
N ASN B 84 4.56 53.31 9.25
CA ASN B 84 5.75 53.86 9.92
C ASN B 84 6.79 54.36 8.91
N ILE B 85 6.38 54.71 7.70
CA ILE B 85 7.35 54.99 6.64
C ILE B 85 8.16 56.24 6.97
N TYR B 86 7.54 57.23 7.60
CA TYR B 86 8.28 58.45 7.92
C TYR B 86 9.26 58.25 9.07
N GLU B 87 8.91 57.39 10.04
CA GLU B 87 9.86 57.06 11.10
C GLU B 87 11.06 56.32 10.54
N LEU B 88 10.83 55.37 9.63
CA LEU B 88 11.93 54.67 8.98
C LEU B 88 12.76 55.61 8.13
N LYS B 89 12.09 56.51 7.39
CA LYS B 89 12.80 57.47 6.55
C LYS B 89 13.70 58.38 7.38
N LYS B 90 13.22 58.79 8.56
CA LYS B 90 14.02 59.65 9.43
C LYS B 90 15.18 58.90 10.06
N LYS B 91 14.93 57.66 10.50
CA LYS B 91 15.95 56.88 11.21
C LYS B 91 16.99 56.30 10.27
N TYR B 92 16.60 55.95 9.05
CA TYR B 92 17.44 55.28 8.07
C TYR B 92 17.59 56.17 6.84
N ASP B 93 18.14 55.59 5.76
CA ASP B 93 18.31 56.30 4.50
C ASP B 93 16.99 56.87 4.01
N GLU B 94 16.87 58.20 3.99
CA GLU B 94 15.61 58.84 3.66
C GLU B 94 15.24 58.70 2.19
N ASN B 95 16.22 58.51 1.31
CA ASN B 95 15.92 58.26 -0.10
C ASN B 95 15.32 56.88 -0.30
N TYR B 96 15.75 55.90 0.50
CA TYR B 96 15.31 54.52 0.31
C TYR B 96 13.88 54.32 0.80
N TRP B 97 13.50 54.96 1.91
CA TRP B 97 12.23 54.66 2.57
C TRP B 97 11.14 55.60 2.07
N THR B 98 10.53 55.19 0.95
CA THR B 98 9.35 55.82 0.41
C THR B 98 8.25 54.78 0.30
N VAL B 99 7.00 55.25 0.23
CA VAL B 99 5.87 54.33 0.09
C VAL B 99 6.00 53.53 -1.20
N ASP B 100 6.46 54.20 -2.27
CA ASP B 100 6.59 53.54 -3.56
C ASP B 100 7.62 52.41 -3.55
N ASN B 101 8.54 52.39 -2.58
CA ASN B 101 9.59 51.40 -2.52
C ASN B 101 9.30 50.27 -1.53
N ILE B 102 8.16 50.30 -0.84
CA ILE B 102 7.83 49.25 0.12
C ILE B 102 7.68 47.91 -0.60
N HIS B 103 7.03 47.92 -1.76
CA HIS B 103 6.77 46.68 -2.49
C HIS B 103 8.07 45.95 -2.81
N ARG B 104 9.05 46.65 -3.39
CA ARG B 104 10.33 46.02 -3.71
C ARG B 104 11.06 45.57 -2.45
N HIS B 105 10.99 46.37 -1.38
CA HIS B 105 11.67 46.01 -0.15
C HIS B 105 11.14 44.71 0.44
N ILE B 106 9.81 44.54 0.40
CA ILE B 106 9.21 43.33 0.97
C ILE B 106 9.66 42.09 0.21
N LEU B 107 9.66 42.17 -1.13
CA LEU B 107 10.02 41.01 -1.93
C LEU B 107 11.51 40.71 -1.88
N ASN B 108 12.35 41.74 -1.77
CA ASN B 108 13.80 41.52 -1.76
C ASN B 108 14.27 40.92 -0.44
N TYR B 109 13.73 41.39 0.69
CA TYR B 109 14.34 41.12 1.98
C TYR B 109 13.44 40.44 3.00
N CYS B 110 12.13 40.35 2.76
CA CYS B 110 11.23 39.95 3.84
C CYS B 110 10.49 38.66 3.60
N ILE B 111 10.04 38.39 2.37
CA ILE B 111 9.21 37.24 2.08
C ILE B 111 10.06 36.14 1.46
N TYR B 112 10.01 34.96 2.07
CA TYR B 112 10.74 33.78 1.60
C TYR B 112 9.76 32.63 1.48
N GLY B 113 9.77 31.95 0.34
CA GLY B 113 8.90 30.81 0.14
C GLY B 113 9.59 29.64 -0.51
N ALA B 114 9.28 28.44 -0.03
CA ALA B 114 9.78 27.21 -0.64
C ALA B 114 8.63 26.23 -0.80
N ASP B 115 8.58 25.58 -1.96
CA ASP B 115 7.63 24.51 -2.20
C ASP B 115 8.18 23.61 -3.29
N ILE B 116 7.78 22.34 -3.26
CA ILE B 116 8.31 21.36 -4.21
C ILE B 116 7.54 21.35 -5.52
N ASP B 117 6.36 21.97 -5.58
CA ASP B 117 5.56 22.02 -6.79
C ASP B 117 5.99 23.22 -7.63
N GLU B 118 6.49 22.95 -8.83
CA GLU B 118 6.95 24.01 -9.72
C GLU B 118 5.81 24.91 -10.15
N LYS B 119 4.64 24.33 -10.46
CA LYS B 119 3.51 25.13 -10.91
C LYS B 119 3.05 26.11 -9.83
N ALA B 120 3.01 25.65 -8.57
CA ALA B 120 2.56 26.52 -7.49
C ALA B 120 3.52 27.69 -7.26
N ILE B 121 4.83 27.45 -7.38
CA ILE B 121 5.80 28.51 -7.17
C ILE B 121 5.65 29.59 -8.24
N SER B 122 5.41 29.19 -9.49
CA SER B 122 5.20 30.17 -10.54
C SER B 122 3.93 30.98 -10.30
N ILE B 123 2.87 30.32 -9.83
CA ILE B 123 1.63 31.03 -9.52
C ILE B 123 1.86 32.05 -8.42
N LEU B 124 2.55 31.64 -7.35
CA LEU B 124 2.86 32.57 -6.27
C LEU B 124 3.74 33.72 -6.76
N LYS B 125 4.67 33.42 -7.68
CA LYS B 125 5.52 34.46 -8.23
C LYS B 125 4.69 35.53 -8.94
N ASP B 126 3.69 35.10 -9.72
CA ASP B 126 2.81 36.07 -10.38
C ASP B 126 1.99 36.85 -9.37
N SER B 127 1.46 36.18 -8.35
CA SER B 127 0.60 36.86 -7.38
C SER B 127 1.37 37.91 -6.59
N LEU B 128 2.57 37.60 -6.14
CA LEU B 128 3.40 38.58 -5.44
C LEU B 128 3.79 39.72 -6.37
N THR B 129 4.06 39.41 -7.64
CA THR B 129 4.39 40.44 -8.61
C THR B 129 3.23 41.38 -8.85
N ASN B 130 2.00 40.85 -8.88
CA ASN B 130 0.83 41.66 -9.18
C ASN B 130 0.30 42.42 -7.98
N LYS B 131 0.99 42.38 -6.84
CA LYS B 131 0.60 43.22 -5.71
C LYS B 131 0.87 44.70 -6.01
N LYS B 132 1.84 44.99 -6.87
CA LYS B 132 2.14 46.35 -7.27
C LYS B 132 1.26 46.75 -8.45
N VAL B 133 0.57 47.89 -8.30
CA VAL B 133 -0.38 48.31 -9.33
C VAL B 133 0.33 48.60 -10.64
N VAL B 134 1.45 49.31 -10.58
CA VAL B 134 2.15 49.76 -11.79
C VAL B 134 2.99 48.60 -12.34
N ASN B 135 2.88 48.38 -13.64
CA ASN B 135 3.69 47.39 -14.34
C ASN B 135 4.87 48.10 -14.99
N ASP B 136 6.04 47.46 -14.95
CA ASP B 136 7.30 48.05 -15.43
C ASP B 136 7.58 49.37 -14.70
N LEU B 137 7.53 49.32 -13.37
CA LEU B 137 7.82 50.49 -12.55
C LEU B 137 9.28 50.92 -12.69
N ASP B 138 10.21 49.97 -12.54
CA ASP B 138 11.62 50.24 -12.74
C ASP B 138 12.21 49.53 -13.95
N GLU B 139 11.41 48.72 -14.67
CA GLU B 139 11.82 47.94 -15.84
C GLU B 139 12.85 46.86 -15.52
N SER B 140 13.34 46.79 -14.29
CA SER B 140 14.26 45.75 -13.85
C SER B 140 13.49 44.78 -12.97
N ASP B 141 13.68 43.49 -13.21
CA ASP B 141 12.96 42.48 -12.45
C ASP B 141 13.28 42.59 -10.96
N ILE B 142 12.28 42.28 -10.14
CA ILE B 142 12.44 42.35 -8.69
C ILE B 142 12.85 40.98 -8.19
N LYS B 143 13.91 40.94 -7.38
CA LYS B 143 14.32 39.68 -6.75
C LYS B 143 13.23 39.21 -5.81
N ILE B 144 12.84 37.94 -5.95
CA ILE B 144 11.84 37.32 -5.10
C ILE B 144 12.42 36.03 -4.56
N ASN B 145 12.32 35.85 -3.24
CA ASN B 145 12.95 34.70 -2.58
C ASN B 145 11.98 33.51 -2.56
N LEU B 146 11.80 32.93 -3.74
CA LEU B 146 11.01 31.72 -3.92
C LEU B 146 11.92 30.59 -4.37
N PHE B 147 11.77 29.43 -3.73
CA PHE B 147 12.63 28.28 -4.01
C PHE B 147 11.75 27.08 -4.34
N CYS B 148 11.95 26.50 -5.52
CA CYS B 148 11.27 25.27 -5.90
C CYS B 148 12.22 24.11 -5.56
N CYS B 149 11.98 23.46 -4.43
CA CYS B 149 12.93 22.50 -3.89
C CYS B 149 12.24 21.65 -2.82
N ASP B 150 13.01 20.71 -2.28
CA ASP B 150 12.62 19.95 -1.10
C ASP B 150 13.11 20.71 0.12
N SER B 151 12.17 21.27 0.89
CA SER B 151 12.55 22.07 2.05
C SER B 151 13.31 21.25 3.08
N LEU B 152 13.07 19.94 3.14
CA LEU B 152 13.77 19.09 4.08
C LEU B 152 15.20 18.79 3.66
N LYS B 153 15.56 19.09 2.40
CA LYS B 153 16.92 18.87 1.92
C LYS B 153 17.70 20.15 1.70
N LYS B 154 17.04 21.29 1.57
CA LYS B 154 17.74 22.53 1.24
C LYS B 154 18.66 22.95 2.38
N LYS B 155 19.88 23.36 2.01
CA LYS B 155 20.84 23.89 2.96
C LYS B 155 20.62 25.40 3.05
N TRP B 156 20.01 25.83 4.15
CA TRP B 156 19.71 27.25 4.35
C TRP B 156 20.94 27.97 4.87
N ARG B 157 21.27 29.10 4.25
CA ARG B 157 22.45 29.86 4.62
C ARG B 157 22.26 30.65 5.91
N TYR B 158 21.02 30.89 6.33
CA TYR B 158 20.77 31.69 7.53
C TYR B 158 19.41 31.31 8.08
N LYS B 159 19.12 31.83 9.28
CA LYS B 159 17.86 31.55 9.96
C LYS B 159 16.85 32.66 9.71
N PHE B 160 15.62 32.43 10.19
CA PHE B 160 14.49 33.26 9.82
C PHE B 160 13.78 33.77 11.07
N ASP B 161 13.30 35.02 10.99
CA ASP B 161 12.64 35.64 12.13
C ASP B 161 11.27 35.03 12.39
N TYR B 162 10.53 34.69 11.34
CA TYR B 162 9.19 34.16 11.49
C TYR B 162 8.94 33.07 10.45
N ILE B 163 8.29 32.00 10.87
CA ILE B 163 7.97 30.86 10.01
C ILE B 163 6.51 30.49 10.22
N VAL B 164 5.74 30.42 9.13
CA VAL B 164 4.32 30.08 9.17
C VAL B 164 4.00 29.10 8.06
N GLY B 165 2.86 28.42 8.18
CA GLY B 165 2.33 27.67 7.07
C GLY B 165 1.69 26.37 7.49
N ASN B 166 1.37 25.57 6.48
CA ASN B 166 0.70 24.28 6.63
C ASN B 166 1.51 23.20 5.92
N PRO B 167 2.22 22.36 6.66
CA PRO B 167 3.11 21.38 6.03
C PRO B 167 2.32 20.22 5.45
N PRO B 168 2.94 19.40 4.59
CA PRO B 168 2.25 18.20 4.12
C PRO B 168 2.15 17.15 5.23
N TYR B 169 1.06 16.39 5.20
CA TYR B 169 0.88 15.25 6.10
C TYR B 169 0.91 13.98 5.25
N ILE B 170 1.89 13.11 5.51
CA ILE B 170 1.98 11.83 4.81
C ILE B 170 2.37 10.76 5.82
N GLY B 171 1.52 9.74 5.97
CA GLY B 171 1.76 8.67 6.90
C GLY B 171 2.68 7.59 6.35
N HIS B 172 2.88 6.55 7.17
CA HIS B 172 3.86 5.51 6.83
C HIS B 172 3.43 4.68 5.62
N LYS B 173 2.13 4.55 5.39
CA LYS B 173 1.66 3.76 4.25
C LYS B 173 1.91 4.48 2.93
N LYS B 174 1.61 5.78 2.87
CA LYS B 174 1.57 6.51 1.61
C LYS B 174 2.91 7.12 1.22
N LEU B 175 3.87 7.18 2.13
CA LEU B 175 5.18 7.77 1.83
C LEU B 175 6.05 6.74 1.12
N GLU B 176 6.69 7.15 0.03
CA GLU B 176 7.52 6.22 -0.72
C GLU B 176 8.75 5.82 0.10
N LYS B 177 9.11 4.53 -0.02
CA LYS B 177 10.08 3.96 0.92
C LYS B 177 11.49 4.47 0.69
N LYS B 178 11.85 4.77 -0.56
CA LYS B 178 13.19 5.30 -0.83
C LYS B 178 13.41 6.65 -0.14
N TYR B 179 12.36 7.46 -0.04
CA TYR B 179 12.49 8.73 0.66
C TYR B 179 12.58 8.52 2.17
N LYS B 180 11.86 7.52 2.71
CA LYS B 180 11.91 7.24 4.13
C LYS B 180 13.33 6.96 4.61
N LYS B 181 14.15 6.36 3.75
CA LYS B 181 15.54 6.10 4.13
C LYS B 181 16.28 7.40 4.41
N PHE B 182 16.02 8.44 3.61
CA PHE B 182 16.58 9.75 3.89
C PHE B 182 16.05 10.30 5.21
N LEU B 183 14.75 10.15 5.46
CA LEU B 183 14.18 10.66 6.71
C LEU B 183 14.70 9.89 7.91
N LEU B 184 14.82 8.56 7.80
CA LEU B 184 15.29 7.78 8.93
C LEU B 184 16.77 8.04 9.24
N GLU B 185 17.55 8.45 8.23
CA GLU B 185 18.97 8.72 8.46
C GLU B 185 19.20 10.14 8.94
N LYS B 186 18.43 11.10 8.43
CA LYS B 186 18.69 12.51 8.69
C LYS B 186 17.73 13.15 9.68
N TYR B 187 16.55 12.60 9.86
CA TYR B 187 15.55 13.17 10.78
C TYR B 187 15.20 12.19 11.89
N SER B 188 16.17 11.37 12.30
CA SER B 188 15.90 10.32 13.28
C SER B 188 15.53 10.87 14.65
N GLU B 189 15.87 12.13 14.95
CA GLU B 189 15.52 12.69 16.24
C GLU B 189 14.01 12.80 16.41
N VAL B 190 13.26 12.88 15.31
CA VAL B 190 11.80 12.95 15.38
C VAL B 190 11.11 11.92 14.51
N TYR B 191 11.78 11.28 13.55
CA TYR B 191 11.12 10.38 12.60
C TYR B 191 11.68 8.98 12.76
N LYS B 192 10.82 8.04 13.15
CA LYS B 192 11.14 6.62 13.18
C LYS B 192 9.82 5.85 13.14
N ASP B 193 9.92 4.57 12.77
CA ASP B 193 8.78 3.66 12.76
C ASP B 193 7.59 4.23 11.99
N LYS B 194 6.47 4.44 12.67
CA LYS B 194 5.23 4.90 12.05
C LYS B 194 5.03 6.39 12.17
N ALA B 195 6.12 7.17 12.19
CA ALA B 195 6.02 8.62 12.26
C ALA B 195 5.41 9.18 10.98
N ASP B 196 5.18 10.49 10.99
CA ASP B 196 4.58 11.18 9.86
C ASP B 196 5.55 12.21 9.30
N LEU B 197 5.37 12.53 8.01
CA LEU B 197 6.26 13.47 7.34
C LEU B 197 6.26 14.83 8.03
N TYR B 198 5.09 15.27 8.52
CA TYR B 198 5.01 16.59 9.14
C TYR B 198 5.81 16.67 10.43
N PHE B 199 6.19 15.53 11.01
CA PHE B 199 7.14 15.56 12.13
C PHE B 199 8.43 16.22 11.71
N CYS B 200 8.94 15.87 10.52
CA CYS B 200 10.20 16.42 10.04
C CYS B 200 10.10 17.90 9.73
N PHE B 201 8.92 18.37 9.31
CA PHE B 201 8.75 19.80 9.08
C PHE B 201 8.81 20.58 10.39
N TYR B 202 8.25 20.03 11.47
CA TYR B 202 8.43 20.63 12.78
C TYR B 202 9.92 20.80 13.11
N LYS B 203 10.72 19.74 12.90
CA LYS B 203 12.14 19.81 13.21
C LYS B 203 12.84 20.85 12.34
N LYS B 204 12.56 20.85 11.03
CA LYS B 204 13.23 21.79 10.14
C LYS B 204 12.86 23.22 10.49
N ILE B 205 11.58 23.48 10.77
CA ILE B 205 11.13 24.82 11.16
C ILE B 205 11.84 25.26 12.43
N ILE B 206 11.91 24.37 13.42
CA ILE B 206 12.58 24.67 14.67
C ILE B 206 14.06 24.94 14.44
N ASP B 207 14.70 24.14 13.57
CA ASP B 207 16.14 24.24 13.38
C ASP B 207 16.55 25.55 12.72
N ILE B 208 15.73 26.09 11.83
CA ILE B 208 16.10 27.31 11.11
C ILE B 208 15.35 28.54 11.65
N LEU B 209 14.72 28.44 12.81
CA LEU B 209 14.11 29.59 13.44
C LEU B 209 15.18 30.41 14.16
N LYS B 210 15.24 31.70 13.84
CA LYS B 210 16.25 32.57 14.43
C LYS B 210 16.00 32.72 15.93
N GLN B 211 17.08 33.04 16.66
CA GLN B 211 16.97 33.30 18.08
C GLN B 211 16.05 34.50 18.31
N GLY B 212 15.01 34.30 19.13
CA GLY B 212 14.00 35.30 19.34
C GLY B 212 12.86 35.28 18.35
N GLY B 213 12.88 34.38 17.37
CA GLY B 213 11.83 34.31 16.39
C GLY B 213 10.59 33.59 16.87
N ILE B 214 9.55 33.62 16.04
CA ILE B 214 8.27 33.00 16.34
C ILE B 214 7.85 32.11 15.17
N GLY B 215 7.45 30.89 15.47
CA GLY B 215 6.89 29.99 14.47
C GLY B 215 5.46 29.64 14.82
N SER B 216 4.61 29.56 13.80
CA SER B 216 3.20 29.22 14.01
C SER B 216 2.71 28.42 12.80
N VAL B 217 2.25 27.20 13.06
CA VAL B 217 1.84 26.27 12.01
C VAL B 217 0.54 25.58 12.42
N ILE B 218 -0.13 25.00 11.42
CA ILE B 218 -1.28 24.14 11.65
C ILE B 218 -0.94 22.76 11.09
N THR B 219 -1.05 21.74 11.95
CA THR B 219 -0.68 20.36 11.62
C THR B 219 -1.78 19.43 12.14
N PRO B 220 -1.69 18.12 11.90
CA PRO B 220 -2.58 17.21 12.63
C PRO B 220 -2.32 17.27 14.12
N ARG B 221 -3.37 16.97 14.90
CA ARG B 221 -3.26 17.02 16.34
C ARG B 221 -2.68 15.75 16.94
N TYR B 222 -2.52 14.69 16.14
CA TYR B 222 -2.28 13.36 16.69
C TYR B 222 -0.94 13.26 17.41
N PHE B 223 0.04 14.07 17.04
CA PHE B 223 1.34 13.99 17.70
C PHE B 223 1.29 14.40 19.16
N LEU B 224 0.26 15.16 19.55
CA LEU B 224 0.12 15.55 20.95
C LEU B 224 -0.15 14.37 21.87
N GLU B 225 -0.61 13.24 21.32
CA GLU B 225 -0.98 12.08 22.11
C GLU B 225 -0.40 10.76 21.62
N SER B 226 -0.03 10.65 20.34
CA SER B 226 0.29 9.35 19.76
C SER B 226 1.63 8.82 20.25
N LEU B 227 1.77 7.49 20.19
CA LEU B 227 3.04 6.85 20.50
C LEU B 227 4.14 7.30 19.54
N SER B 228 3.78 7.49 18.27
CA SER B 228 4.79 7.84 17.27
C SER B 228 5.41 9.20 17.56
N GLY B 229 4.62 10.15 18.05
CA GLY B 229 5.07 11.51 18.28
C GLY B 229 5.85 11.74 19.55
N LYS B 230 6.23 10.68 20.25
CA LYS B 230 6.95 10.83 21.52
C LYS B 230 8.23 11.62 21.34
N ASP B 231 9.05 11.25 20.36
CA ASP B 231 10.31 11.95 20.13
C ASP B 231 10.09 13.38 19.65
N LEU B 232 9.04 13.60 18.85
CA LEU B 232 8.74 14.97 18.40
C LEU B 232 8.36 15.86 19.57
N ARG B 233 7.54 15.36 20.50
CA ARG B 233 7.18 16.15 21.67
C ARG B 233 8.40 16.52 22.49
N GLU B 234 9.33 15.58 22.66
CA GLU B 234 10.56 15.86 23.38
C GLU B 234 11.40 16.91 22.65
N TYR B 235 11.46 16.82 21.32
CA TYR B 235 12.23 17.79 20.54
C TYR B 235 11.63 19.19 20.66
N ILE B 236 10.31 19.30 20.54
CA ILE B 236 9.65 20.60 20.67
C ILE B 236 9.84 21.17 22.06
N LYS B 237 9.60 20.35 23.08
CA LYS B 237 9.61 20.82 24.47
C LYS B 237 10.98 21.34 24.87
N SER B 238 12.06 20.73 24.37
CA SER B 238 13.41 21.05 24.80
C SER B 238 14.13 22.02 23.87
N ASN B 239 13.49 22.52 22.82
CA ASN B 239 14.15 23.43 21.89
C ASN B 239 13.44 24.76 21.67
N VAL B 240 12.14 24.85 21.94
CA VAL B 240 11.39 26.10 21.80
C VAL B 240 10.47 26.26 23.00
N ASN B 241 10.01 27.50 23.19
CA ASN B 241 8.97 27.80 24.17
C ASN B 241 7.62 27.75 23.44
N VAL B 242 6.75 26.83 23.84
CA VAL B 242 5.44 26.72 23.22
C VAL B 242 4.54 27.81 23.81
N GLN B 243 4.23 28.82 23.00
CA GLN B 243 3.37 29.91 23.47
C GLN B 243 1.93 29.44 23.62
N GLU B 244 1.42 28.71 22.63
CA GLU B 244 -0.01 28.48 22.55
C GLU B 244 -0.26 27.19 21.76
N ILE B 245 -1.31 26.48 22.16
CA ILE B 245 -1.79 25.31 21.43
C ILE B 245 -3.30 25.47 21.29
N VAL B 246 -3.78 25.47 20.05
CA VAL B 246 -5.21 25.48 19.75
C VAL B 246 -5.56 24.07 19.27
N ASP B 247 -6.29 23.33 20.10
CA ASP B 247 -6.68 21.96 19.79
C ASP B 247 -8.15 21.96 19.37
N PHE B 248 -8.40 21.63 18.10
CA PHE B 248 -9.76 21.55 17.59
C PHE B 248 -10.40 20.18 17.83
N LEU B 249 -9.70 19.27 18.51
CA LEU B 249 -10.17 17.91 18.80
C LEU B 249 -10.64 17.28 17.48
N GLY B 250 -11.82 16.67 17.42
CA GLY B 250 -12.31 16.03 16.23
C GLY B 250 -13.03 16.93 15.25
N ALA B 251 -12.96 18.24 15.42
CA ALA B 251 -13.65 19.15 14.52
C ALA B 251 -13.08 19.07 13.11
N ASN B 252 -13.92 19.35 12.12
CA ASN B 252 -13.58 19.21 10.71
C ASN B 252 -13.18 20.59 10.17
N ILE B 253 -11.92 20.94 10.35
CA ILE B 253 -11.41 22.25 9.91
C ILE B 253 -11.22 22.28 8.40
N PHE B 254 -10.76 21.17 7.81
CA PHE B 254 -10.55 21.07 6.37
C PHE B 254 -11.72 20.34 5.75
N LYS B 255 -12.46 21.03 4.89
CA LYS B 255 -13.65 20.46 4.28
C LYS B 255 -13.27 19.25 3.42
N ASN B 256 -14.02 18.15 3.60
CA ASN B 256 -13.84 16.92 2.84
C ASN B 256 -12.47 16.29 3.06
N ILE B 257 -11.85 16.56 4.20
CA ILE B 257 -10.59 15.95 4.59
C ILE B 257 -10.79 15.23 5.92
N GLY B 258 -10.42 13.95 5.96
CA GLY B 258 -10.52 13.19 7.18
C GLY B 258 -9.30 13.36 8.07
N VAL B 259 -9.09 14.58 8.57
CA VAL B 259 -7.99 14.86 9.49
C VAL B 259 -8.50 15.75 10.61
N SER B 260 -7.83 15.66 11.76
CA SER B 260 -8.11 16.50 12.91
C SER B 260 -6.91 17.39 13.17
N SER B 261 -7.16 18.68 13.40
CA SER B 261 -6.14 19.71 13.29
C SER B 261 -5.82 20.34 14.64
N CYS B 262 -4.67 21.00 14.68
CA CYS B 262 -4.29 21.86 15.80
C CYS B 262 -3.37 22.95 15.28
N ILE B 263 -3.23 24.01 16.08
CA ILE B 263 -2.35 25.12 15.77
C ILE B 263 -1.34 25.25 16.91
N LEU B 264 -0.05 25.26 16.57
CA LEU B 264 1.01 25.46 17.53
C LEU B 264 1.74 26.76 17.24
N THR B 265 1.98 27.54 18.28
CA THR B 265 2.77 28.76 18.17
C THR B 265 3.89 28.70 19.20
N PHE B 266 5.12 28.87 18.74
CA PHE B 266 6.30 28.69 19.58
C PHE B 266 7.31 29.78 19.24
N ASP B 267 8.28 29.97 20.13
CA ASP B 267 9.30 30.99 19.94
C ASP B 267 10.62 30.50 20.50
N LYS B 268 11.68 31.26 20.19
CA LYS B 268 13.00 31.07 20.76
C LYS B 268 13.43 32.30 21.55
N LYS B 269 12.49 32.87 22.30
CA LYS B 269 12.76 34.04 23.12
C LYS B 269 13.24 33.63 24.51
N LYS B 270 13.93 34.54 25.18
CA LYS B 270 14.42 34.32 26.54
C LYS B 270 13.24 34.49 27.48
N THR B 271 12.52 33.39 27.73
CA THR B 271 11.38 33.37 28.63
C THR B 271 11.79 32.80 29.98
N LYS B 272 11.15 33.31 31.04
CA LYS B 272 11.46 32.91 32.41
C LYS B 272 10.49 31.87 32.94
N GLU B 273 9.18 32.12 32.85
CA GLU B 273 8.18 31.23 33.42
C GLU B 273 7.70 30.17 32.44
N THR B 274 7.70 30.49 31.14
CA THR B 274 7.36 29.59 30.03
C THR B 274 6.12 28.74 30.32
N TYR B 275 4.96 29.39 30.42
CA TYR B 275 3.67 28.71 30.45
C TYR B 275 3.06 28.67 29.05
N ILE B 276 2.13 27.74 28.86
CA ILE B 276 1.49 27.50 27.58
C ILE B 276 0.02 27.90 27.67
N ASP B 277 -0.42 28.73 26.73
CA ASP B 277 -1.85 28.97 26.55
C ASP B 277 -2.44 27.80 25.78
N VAL B 278 -3.39 27.09 26.39
CA VAL B 278 -4.05 25.97 25.75
C VAL B 278 -5.51 26.31 25.54
N PHE B 279 -5.95 26.28 24.29
CA PHE B 279 -7.35 26.49 23.94
C PHE B 279 -7.88 25.16 23.41
N LYS B 280 -8.82 24.57 24.13
CA LYS B 280 -9.43 23.29 23.76
C LYS B 280 -10.89 23.53 23.42
N ILE B 281 -11.31 23.07 22.24
CA ILE B 281 -12.68 23.26 21.80
C ILE B 281 -13.62 22.44 22.68
N LYS B 282 -14.78 23.01 23.00
CA LYS B 282 -15.75 22.33 23.85
C LYS B 282 -16.73 21.48 23.07
N ASN B 283 -17.11 21.91 21.86
CA ASN B 283 -18.06 21.17 21.02
C ASN B 283 -17.43 20.99 19.65
N GLU B 284 -17.29 19.73 19.23
CA GLU B 284 -16.68 19.42 17.95
C GLU B 284 -17.58 19.72 16.76
N ASP B 285 -18.86 20.04 16.99
CA ASP B 285 -19.81 20.27 15.92
C ASP B 285 -19.84 21.71 15.44
N ILE B 286 -19.05 22.61 16.03
CA ILE B 286 -19.15 24.02 15.69
C ILE B 286 -18.53 24.28 14.33
N CYS B 287 -18.94 25.39 13.72
CA CYS B 287 -18.41 25.85 12.44
C CYS B 287 -17.37 26.94 12.68
N ILE B 288 -16.25 26.84 11.96
CA ILE B 288 -15.11 27.73 12.22
C ILE B 288 -15.42 29.18 11.85
N ASN B 289 -16.47 29.43 11.08
CA ASN B 289 -16.83 30.77 10.63
C ASN B 289 -17.88 31.43 11.53
N LYS B 290 -17.87 31.10 12.82
CA LYS B 290 -18.86 31.69 13.73
C LYS B 290 -18.70 33.20 13.83
N PHE B 291 -17.46 33.67 13.97
CA PHE B 291 -17.16 35.09 13.99
C PHE B 291 -16.25 35.44 12.81
N GLU B 292 -16.00 36.74 12.64
CA GLU B 292 -15.12 37.19 11.57
C GLU B 292 -13.66 36.80 11.82
N THR B 293 -13.30 36.53 13.07
CA THR B 293 -11.93 36.20 13.44
C THR B 293 -11.92 34.94 14.30
N LEU B 294 -10.77 34.26 14.30
CA LEU B 294 -10.61 33.10 15.18
C LEU B 294 -10.46 33.53 16.63
N GLU B 295 -9.89 34.71 16.87
CA GLU B 295 -9.69 35.17 18.25
C GLU B 295 -11.00 35.28 19.00
N GLU B 296 -12.04 35.80 18.33
CA GLU B 296 -13.36 35.88 18.97
C GLU B 296 -13.88 34.50 19.32
N LEU B 297 -13.61 33.50 18.46
CA LEU B 297 -14.01 32.13 18.77
C LEU B 297 -13.26 31.60 19.98
N LEU B 298 -11.95 31.84 20.04
CA LEU B 298 -11.14 31.31 21.13
C LEU B 298 -11.53 31.90 22.47
N LYS B 299 -11.83 33.20 22.50
CA LYS B 299 -12.18 33.87 23.74
C LYS B 299 -13.62 33.62 24.18
N SER B 300 -14.42 32.94 23.35
CA SER B 300 -15.82 32.72 23.65
C SER B 300 -16.00 31.44 24.48
N SER B 301 -17.27 31.16 24.82
CA SER B 301 -17.60 29.94 25.54
C SER B 301 -17.48 28.69 24.67
N LYS B 302 -17.27 28.85 23.36
CA LYS B 302 -17.05 27.71 22.48
C LYS B 302 -15.74 27.01 22.77
N PHE B 303 -14.79 27.70 23.42
CA PHE B 303 -13.48 27.14 23.72
C PHE B 303 -13.19 27.26 25.21
N GLU B 304 -12.38 26.34 25.71
CA GLU B 304 -11.88 26.37 27.08
C GLU B 304 -10.40 26.73 27.07
N HIS B 305 -10.00 27.57 28.01
CA HIS B 305 -8.62 28.00 28.13
C HIS B 305 -8.05 27.62 29.49
N PHE B 306 -6.80 27.14 29.48
CA PHE B 306 -6.06 26.87 30.70
C PHE B 306 -4.58 26.89 30.35
N ASN B 307 -3.75 27.04 31.39
CA ASN B 307 -2.32 27.13 31.22
C ASN B 307 -1.64 25.84 31.67
N ILE B 308 -0.57 25.47 30.96
CA ILE B 308 0.23 24.30 31.29
C ILE B 308 1.68 24.75 31.42
N ASN B 309 2.32 24.40 32.53
CA ASN B 309 3.72 24.70 32.72
C ASN B 309 4.55 23.75 31.86
N GLN B 310 5.27 24.31 30.88
CA GLN B 310 6.05 23.49 29.96
C GLN B 310 7.16 22.75 30.69
N ARG B 311 7.77 23.38 31.68
CA ARG B 311 8.86 22.76 32.43
C ARG B 311 8.41 21.51 33.18
N LEU B 312 7.10 21.38 33.45
CA LEU B 312 6.56 20.24 34.16
C LEU B 312 6.03 19.15 33.23
N LEU B 313 6.29 19.26 31.93
CA LEU B 313 5.86 18.24 30.99
C LEU B 313 6.77 17.02 31.07
N SER B 314 6.16 15.84 31.04
CA SER B 314 6.89 14.59 30.93
C SER B 314 7.03 14.22 29.46
N ASP B 315 7.42 12.97 29.18
CA ASP B 315 7.41 12.49 27.80
C ASP B 315 6.00 12.48 27.22
N GLU B 316 4.97 12.53 28.08
CA GLU B 316 3.58 12.62 27.67
C GLU B 316 3.08 14.03 27.95
N TRP B 317 2.32 14.59 27.00
CA TRP B 317 1.72 15.90 27.15
C TRP B 317 0.27 15.71 27.56
N ILE B 318 0.00 15.83 28.86
CA ILE B 318 -1.35 15.69 29.39
C ILE B 318 -1.89 17.11 29.56
N LEU B 319 -2.55 17.61 28.52
CA LEU B 319 -3.03 18.98 28.46
C LEU B 319 -4.49 19.01 28.88
N VAL B 320 -4.71 19.04 30.21
CA VAL B 320 -6.04 19.03 30.77
C VAL B 320 -6.13 20.11 31.86
N ASN B 321 -7.36 20.47 32.19
CA ASN B 321 -7.59 21.43 33.26
C ASN B 321 -7.26 20.80 34.62
N LYS B 322 -7.25 21.64 35.66
CA LYS B 322 -6.84 21.20 36.97
C LYS B 322 -7.77 20.12 37.54
N ASP B 323 -9.07 20.20 37.24
CA ASP B 323 -9.99 19.18 37.71
C ASP B 323 -9.65 17.81 37.15
N ASP B 324 -9.37 17.75 35.84
CA ASP B 324 -8.99 16.49 35.22
C ASP B 324 -7.65 15.99 35.76
N GLU B 325 -6.71 16.90 35.98
CA GLU B 325 -5.39 16.49 36.47
C GLU B 325 -5.49 15.82 37.83
N THR B 326 -6.28 16.39 38.75
CA THR B 326 -6.48 15.77 40.05
C THR B 326 -7.27 14.48 39.93
N PHE B 327 -8.28 14.46 39.06
CA PHE B 327 -9.04 13.24 38.81
C PHE B 327 -8.14 12.14 38.27
N TYR B 328 -7.29 12.50 37.29
CA TYR B 328 -6.37 11.52 36.70
C TYR B 328 -5.37 11.02 37.73
N ASN B 329 -4.81 11.93 38.55
CA ASN B 329 -3.77 11.53 39.49
C ASN B 329 -4.30 10.62 40.59
N LYS B 330 -5.53 10.88 41.06
CA LYS B 330 -6.10 10.04 42.11
C LYS B 330 -6.23 8.60 41.66
N ILE B 331 -6.69 8.39 40.42
CA ILE B 331 -6.82 7.04 39.90
C ILE B 331 -5.46 6.39 39.72
N GLN B 332 -4.48 7.14 39.20
CA GLN B 332 -3.15 6.58 38.98
C GLN B 332 -2.51 6.12 40.29
N GLU B 333 -2.60 6.95 41.33
CA GLU B 333 -1.98 6.60 42.61
C GLU B 333 -2.72 5.45 43.29
N LYS B 334 -4.06 5.46 43.23
CA LYS B 334 -4.84 4.45 43.94
C LYS B 334 -4.61 3.07 43.35
N CYS B 335 -4.48 2.98 42.03
CA CYS B 335 -4.40 1.68 41.35
C CYS B 335 -2.98 1.14 41.41
N LYS B 336 -2.86 -0.13 41.84
CA LYS B 336 -1.57 -0.78 41.98
C LYS B 336 -1.18 -1.63 40.78
N TYR B 337 -2.09 -1.84 39.83
CA TYR B 337 -1.84 -2.71 38.69
C TYR B 337 -2.20 -1.98 37.41
N SER B 338 -1.60 -2.45 36.30
CA SER B 338 -1.99 -2.04 34.96
C SER B 338 -2.48 -3.27 34.21
N LEU B 339 -3.24 -3.02 33.14
CA LEU B 339 -3.69 -4.14 32.30
C LEU B 339 -2.50 -4.90 31.74
N GLU B 340 -1.43 -4.20 31.39
CA GLU B 340 -0.24 -4.85 30.86
C GLU B 340 0.32 -5.85 31.87
N ASP B 341 0.27 -5.52 33.16
CA ASP B 341 0.79 -6.41 34.18
C ASP B 341 0.05 -7.74 34.22
N ILE B 342 -1.28 -7.70 34.09
CA ILE B 342 -2.10 -8.86 34.37
C ILE B 342 -2.61 -9.58 33.13
N ALA B 343 -2.40 -9.02 31.95
CA ALA B 343 -3.06 -9.52 30.75
C ALA B 343 -2.08 -9.73 29.61
N ILE B 344 -2.42 -10.66 28.72
CA ILE B 344 -1.72 -10.87 27.45
C ILE B 344 -2.59 -10.25 26.35
N SER B 345 -2.02 -9.30 25.62
CA SER B 345 -2.73 -8.51 24.63
C SER B 345 -2.26 -8.88 23.22
N PHE B 346 -3.18 -8.85 22.26
CA PHE B 346 -2.80 -9.14 20.89
C PHE B 346 -3.79 -8.51 19.90
N GLN B 347 -3.25 -8.07 18.76
CA GLN B 347 -4.05 -7.59 17.65
C GLN B 347 -4.71 -8.76 16.93
N GLY B 348 -5.80 -8.47 16.23
CA GLY B 348 -6.55 -9.49 15.54
C GLY B 348 -5.87 -9.96 14.27
N ILE B 349 -6.59 -10.83 13.54
CA ILE B 349 -6.07 -11.42 12.31
C ILE B 349 -5.91 -10.35 11.25
N ILE B 350 -4.80 -10.40 10.52
CA ILE B 350 -4.61 -9.58 9.33
C ILE B 350 -4.46 -10.55 8.15
N THR B 351 -5.56 -10.77 7.42
CA THR B 351 -5.51 -11.68 6.28
C THR B 351 -4.64 -11.12 5.16
N GLY B 352 -4.73 -9.82 4.92
CA GLY B 352 -4.09 -9.18 3.79
C GLY B 352 -5.00 -8.97 2.60
N CYS B 353 -6.08 -9.76 2.50
CA CYS B 353 -7.12 -9.51 1.51
C CYS B 353 -8.40 -10.14 2.07
N ASP B 354 -9.23 -9.33 2.72
CA ASP B 354 -10.39 -9.88 3.43
C ASP B 354 -11.39 -10.53 2.49
N LYS B 355 -11.55 -9.98 1.28
CA LYS B 355 -12.52 -10.52 0.33
C LYS B 355 -12.20 -11.95 -0.08
N ALA B 356 -10.94 -12.37 0.02
CA ALA B 356 -10.56 -13.72 -0.36
C ALA B 356 -10.73 -14.74 0.76
N PHE B 357 -10.92 -14.29 2.00
CA PHE B 357 -11.00 -15.18 3.15
C PHE B 357 -12.26 -15.03 3.99
N ILE B 358 -12.97 -13.91 3.88
CA ILE B 358 -14.15 -13.65 4.70
C ILE B 358 -15.38 -13.85 3.84
N LEU B 359 -16.31 -14.68 4.32
CA LEU B 359 -17.57 -14.93 3.64
C LEU B 359 -18.72 -14.66 4.60
N SER B 360 -19.80 -14.08 4.07
CA SER B 360 -21.04 -13.99 4.82
C SER B 360 -21.51 -15.38 5.21
N LYS B 361 -22.04 -15.52 6.42
CA LYS B 361 -22.41 -16.85 6.91
C LYS B 361 -23.51 -17.48 6.06
N ASP B 362 -24.23 -16.69 5.27
CA ASP B 362 -25.26 -17.20 4.38
C ASP B 362 -24.72 -17.47 2.97
N ASP B 363 -23.42 -17.30 2.75
CA ASP B 363 -22.86 -17.48 1.41
C ASP B 363 -22.91 -18.94 0.99
N VAL B 364 -23.27 -19.16 -0.27
CA VAL B 364 -23.36 -20.52 -0.81
C VAL B 364 -21.97 -21.13 -0.94
N LYS B 365 -20.93 -20.31 -1.15
CA LYS B 365 -19.58 -20.83 -1.30
C LYS B 365 -19.07 -21.49 -0.02
N LEU B 366 -19.71 -21.25 1.13
CA LEU B 366 -19.31 -21.90 2.37
C LEU B 366 -19.57 -23.40 2.37
N ASN B 367 -20.41 -23.89 1.45
CA ASN B 367 -20.63 -25.33 1.35
C ASN B 367 -19.37 -26.06 0.89
N LEU B 368 -18.46 -25.37 0.22
CA LEU B 368 -17.22 -25.99 -0.26
C LEU B 368 -16.14 -26.07 0.80
N VAL B 369 -16.35 -25.46 1.97
CA VAL B 369 -15.33 -25.35 2.99
C VAL B 369 -15.71 -26.24 4.16
N ASP B 370 -14.81 -27.16 4.51
CA ASP B 370 -15.02 -28.02 5.66
C ASP B 370 -15.13 -27.17 6.92
N ASP B 371 -16.05 -27.56 7.81
CA ASP B 371 -16.31 -26.76 9.01
C ASP B 371 -15.08 -26.63 9.90
N LYS B 372 -14.12 -27.55 9.81
CA LYS B 372 -12.90 -27.43 10.60
C LYS B 372 -12.07 -26.23 10.19
N PHE B 373 -12.26 -25.70 8.98
CA PHE B 373 -11.54 -24.52 8.53
C PHE B 373 -12.23 -23.21 8.91
N LEU B 374 -13.48 -23.26 9.37
CA LEU B 374 -14.30 -22.07 9.52
C LEU B 374 -14.23 -21.52 10.94
N LYS B 375 -14.06 -20.21 11.04
CA LYS B 375 -14.04 -19.50 12.31
C LYS B 375 -15.10 -18.41 12.31
N CYS B 376 -15.66 -18.13 13.48
CA CYS B 376 -16.55 -16.99 13.61
C CYS B 376 -15.76 -15.69 13.49
N TRP B 377 -16.35 -14.71 12.81
CA TRP B 377 -15.67 -13.47 12.42
C TRP B 377 -16.56 -12.30 12.79
N ILE B 378 -16.03 -11.37 13.57
CA ILE B 378 -16.79 -10.20 14.02
C ILE B 378 -16.03 -8.94 13.62
N LYS B 379 -16.77 -7.85 13.51
CA LYS B 379 -16.24 -6.54 13.21
C LYS B 379 -16.34 -5.67 14.47
N SER B 380 -15.78 -4.46 14.38
CA SER B 380 -15.76 -3.56 15.53
C SER B 380 -17.17 -3.23 15.99
N LYS B 381 -18.12 -3.11 15.06
CA LYS B 381 -19.48 -2.74 15.41
C LYS B 381 -20.22 -3.85 16.16
N ASN B 382 -19.66 -5.06 16.23
CA ASN B 382 -20.31 -6.14 16.97
C ASN B 382 -20.04 -6.07 18.47
N ILE B 383 -19.08 -5.26 18.91
CA ILE B 383 -18.72 -5.18 20.32
C ILE B 383 -19.65 -4.20 21.02
N ASN B 384 -20.35 -4.69 22.04
CA ASN B 384 -21.05 -3.84 22.99
C ASN B 384 -20.35 -3.92 24.33
N LYS B 385 -20.86 -3.17 25.30
CA LYS B 385 -20.44 -3.38 26.68
C LYS B 385 -20.84 -4.77 27.13
N TYR B 386 -19.87 -5.51 27.66
CA TYR B 386 -20.01 -6.79 28.36
C TYR B 386 -20.29 -8.02 27.48
N ILE B 387 -20.71 -7.86 26.22
CA ILE B 387 -21.05 -9.00 25.37
C ILE B 387 -20.91 -8.60 23.91
N VAL B 388 -20.76 -9.61 23.05
CA VAL B 388 -20.55 -9.43 21.62
C VAL B 388 -21.82 -9.85 20.88
N ASP B 389 -22.14 -9.12 19.82
CA ASP B 389 -23.23 -9.52 18.94
C ASP B 389 -22.87 -10.80 18.19
N LYS B 390 -23.91 -11.55 17.80
CA LYS B 390 -23.69 -12.76 17.04
C LYS B 390 -22.99 -12.45 15.72
N SER B 391 -22.00 -13.27 15.38
CA SER B 391 -21.21 -13.03 14.17
C SER B 391 -22.04 -13.27 12.92
N GLU B 392 -21.79 -12.44 11.90
CA GLU B 392 -22.44 -12.56 10.61
C GLU B 392 -21.51 -13.01 9.50
N TYR B 393 -20.23 -13.25 9.82
CA TYR B 393 -19.23 -13.62 8.83
C TYR B 393 -18.45 -14.83 9.31
N ARG B 394 -17.84 -15.53 8.37
CA ARG B 394 -17.00 -16.68 8.66
C ARG B 394 -15.63 -16.47 8.05
N LEU B 395 -14.60 -16.89 8.77
CA LEU B 395 -13.22 -16.81 8.31
C LEU B 395 -12.76 -18.19 7.86
N ILE B 396 -12.11 -18.25 6.70
CA ILE B 396 -11.46 -19.46 6.22
C ILE B 396 -10.02 -19.41 6.71
N TYR B 397 -9.71 -20.16 7.76
CA TYR B 397 -8.36 -20.18 8.30
C TYR B 397 -7.48 -21.03 7.39
N SER B 398 -7.06 -20.40 6.29
CA SER B 398 -6.37 -21.10 5.21
C SER B 398 -4.98 -21.59 5.59
N ASN B 399 -4.44 -21.15 6.72
CA ASN B 399 -3.15 -21.68 7.17
C ASN B 399 -3.21 -23.18 7.42
N ASP B 400 -4.40 -23.69 7.75
CA ASP B 400 -4.58 -25.12 8.02
C ASP B 400 -4.78 -25.94 6.75
N ILE B 401 -4.82 -25.31 5.58
CA ILE B 401 -4.85 -26.03 4.32
C ILE B 401 -3.44 -26.54 4.04
N ASP B 402 -3.28 -27.87 4.03
CA ASP B 402 -1.95 -28.45 3.97
C ASP B 402 -1.30 -28.25 2.59
N ASN B 403 -1.92 -28.79 1.55
CA ASN B 403 -1.38 -28.71 0.20
C ASN B 403 -2.46 -28.24 -0.76
N GLU B 404 -2.03 -27.90 -1.98
CA GLU B 404 -2.93 -27.31 -2.97
C GLU B 404 -3.77 -28.35 -3.72
N ASN B 405 -3.54 -29.64 -3.49
CA ASN B 405 -4.23 -30.69 -4.24
C ASN B 405 -5.42 -31.27 -3.51
N THR B 406 -5.34 -31.44 -2.18
CA THR B 406 -6.44 -32.05 -1.44
C THR B 406 -7.65 -31.13 -1.38
N ASN B 407 -7.42 -29.82 -1.27
CA ASN B 407 -8.51 -28.85 -1.13
C ASN B 407 -8.56 -27.91 -2.33
N LYS B 408 -8.48 -28.47 -3.54
CA LYS B 408 -8.38 -27.64 -4.74
C LYS B 408 -9.62 -26.75 -4.90
N ARG B 409 -10.80 -27.25 -4.53
CA ARG B 409 -12.03 -26.50 -4.74
C ARG B 409 -12.01 -25.18 -3.99
N ILE B 410 -11.56 -25.20 -2.73
CA ILE B 410 -11.49 -23.97 -1.94
C ILE B 410 -10.52 -22.98 -2.58
N LEU B 411 -9.36 -23.47 -3.03
CA LEU B 411 -8.37 -22.59 -3.66
C LEU B 411 -8.85 -22.10 -5.02
N ASP B 412 -9.47 -22.98 -5.81
CA ASP B 412 -9.84 -22.61 -7.17
C ASP B 412 -11.01 -21.64 -7.20
N GLU B 413 -11.98 -21.81 -6.30
CA GLU B 413 -13.25 -21.12 -6.41
C GLU B 413 -13.48 -20.03 -5.37
N ILE B 414 -12.70 -19.98 -4.30
CA ILE B 414 -12.92 -18.96 -3.28
C ILE B 414 -11.70 -18.07 -3.12
N ILE B 415 -10.59 -18.67 -2.67
CA ILE B 415 -9.40 -17.88 -2.36
C ILE B 415 -8.69 -17.42 -3.63
N GLY B 416 -8.59 -18.30 -4.63
CA GLY B 416 -7.85 -18.00 -5.85
C GLY B 416 -8.47 -16.91 -6.70
N LEU B 417 -9.70 -16.49 -6.41
CA LEU B 417 -10.30 -15.38 -7.11
C LEU B 417 -9.52 -14.09 -6.90
N TYR B 418 -8.70 -14.04 -5.85
CA TYR B 418 -7.87 -12.87 -5.54
C TYR B 418 -6.39 -13.24 -5.50
N LYS B 419 -6.01 -14.25 -6.29
CA LYS B 419 -4.65 -14.79 -6.22
C LYS B 419 -3.61 -13.74 -6.56
N THR B 420 -3.90 -12.88 -7.55
CA THR B 420 -2.94 -11.85 -7.94
C THR B 420 -2.67 -10.89 -6.79
N LYS B 421 -3.73 -10.44 -6.11
CA LYS B 421 -3.54 -9.55 -4.97
C LYS B 421 -2.82 -10.25 -3.83
N LEU B 422 -3.15 -11.52 -3.58
CA LEU B 422 -2.52 -12.27 -2.50
C LEU B 422 -1.02 -12.44 -2.75
N GLU B 423 -0.63 -12.65 -4.00
CA GLU B 423 0.79 -12.81 -4.33
C GLU B 423 1.56 -11.51 -4.21
N ASN B 424 0.88 -10.36 -4.20
CA ASN B 424 1.56 -9.08 -4.05
C ASN B 424 1.89 -8.76 -2.60
N ARG B 425 1.38 -9.53 -1.65
CA ARG B 425 1.69 -9.31 -0.25
C ARG B 425 3.17 -9.57 0.01
N ARG B 426 3.73 -8.82 0.97
CA ARG B 426 5.18 -8.77 1.14
C ARG B 426 5.75 -10.15 1.46
N GLU B 427 5.09 -10.90 2.35
CA GLU B 427 5.62 -12.19 2.77
C GLU B 427 5.46 -13.27 1.71
N CYS B 428 4.53 -13.10 0.76
CA CYS B 428 4.47 -14.02 -0.37
C CYS B 428 5.63 -13.79 -1.33
N LYS B 429 5.94 -12.53 -1.63
CA LYS B 429 7.05 -12.22 -2.52
C LYS B 429 8.39 -12.64 -1.93
N SER B 430 8.51 -12.66 -0.61
CA SER B 430 9.73 -13.13 0.03
C SER B 430 9.80 -14.65 0.12
N GLY B 431 8.70 -15.35 -0.17
CA GLY B 431 8.70 -16.79 -0.23
C GLY B 431 8.38 -17.53 1.05
N ILE B 432 8.19 -16.81 2.16
CA ILE B 432 7.93 -17.48 3.44
C ILE B 432 6.45 -17.71 3.71
N ARG B 433 5.56 -17.13 2.91
CA ARG B 433 4.12 -17.30 3.06
C ARG B 433 3.54 -17.79 1.73
N LYS B 434 2.73 -18.84 1.79
CA LYS B 434 2.08 -19.34 0.59
C LYS B 434 1.03 -18.33 0.11
N TRP B 435 0.76 -18.37 -1.20
CA TRP B 435 -0.13 -17.37 -1.79
C TRP B 435 -1.54 -17.44 -1.21
N TYR B 436 -1.96 -18.62 -0.74
CA TYR B 436 -3.31 -18.79 -0.22
C TYR B 436 -3.38 -18.68 1.30
N GLU B 437 -2.28 -18.41 1.98
CA GLU B 437 -2.27 -18.36 3.43
C GLU B 437 -2.59 -16.96 3.94
N LEU B 438 -3.11 -16.90 5.16
CA LEU B 438 -3.31 -15.62 5.82
C LEU B 438 -1.97 -14.95 6.06
N GLN B 439 -1.92 -13.63 5.80
CA GLN B 439 -0.64 -12.92 5.91
C GLN B 439 -0.12 -12.95 7.34
N TRP B 440 -0.97 -12.63 8.32
CA TRP B 440 -0.65 -12.76 9.73
C TRP B 440 -1.80 -13.50 10.39
N GLY B 441 -1.71 -14.83 10.38
CA GLY B 441 -2.74 -15.67 10.94
C GLY B 441 -2.72 -15.78 12.45
N ARG B 442 -1.72 -15.19 13.11
CA ARG B 442 -1.63 -15.16 14.56
C ARG B 442 -1.67 -16.58 15.12
N GLU B 443 -2.11 -16.73 16.37
CA GLU B 443 -2.17 -18.03 17.02
C GLU B 443 -3.62 -18.34 17.39
N LYS B 444 -4.13 -19.47 16.88
CA LYS B 444 -5.51 -19.84 17.15
C LYS B 444 -5.77 -20.07 18.63
N LEU B 445 -4.78 -20.58 19.37
CA LEU B 445 -4.95 -20.81 20.79
C LEU B 445 -5.24 -19.53 21.55
N PHE B 446 -4.85 -18.38 21.01
CA PHE B 446 -5.15 -17.10 21.65
C PHE B 446 -6.60 -16.67 21.43
N PHE B 447 -7.20 -17.05 20.30
CA PHE B 447 -8.57 -16.64 19.99
C PHE B 447 -9.61 -17.62 20.48
N GLU B 448 -9.32 -18.92 20.47
CA GLU B 448 -10.30 -19.94 20.83
C GLU B 448 -10.25 -20.20 22.34
N ARG B 449 -10.63 -19.18 23.08
CA ARG B 449 -10.64 -19.20 24.53
C ARG B 449 -11.49 -18.04 25.03
N LYS B 450 -11.84 -18.10 26.31
CA LYS B 450 -12.50 -16.96 26.94
C LYS B 450 -11.55 -15.77 26.96
N LYS B 451 -12.05 -14.61 26.54
CA LYS B 451 -11.22 -13.43 26.42
C LYS B 451 -12.10 -12.19 26.37
N ILE B 452 -11.46 -11.03 26.47
CA ILE B 452 -12.12 -9.74 26.39
C ILE B 452 -11.75 -9.10 25.06
N MET B 453 -12.75 -8.57 24.35
CA MET B 453 -12.56 -7.92 23.07
C MET B 453 -13.13 -6.52 23.10
N TYR B 454 -12.49 -5.61 22.38
CA TYR B 454 -12.94 -4.23 22.32
C TYR B 454 -12.65 -3.66 20.94
N PRO B 455 -13.47 -2.73 20.45
CA PRO B 455 -13.20 -2.12 19.14
C PRO B 455 -11.97 -1.23 19.18
N TYR B 456 -11.29 -1.13 18.04
CA TYR B 456 -10.07 -0.34 17.97
C TYR B 456 -10.32 1.16 17.85
N LYS B 457 -11.54 1.55 17.48
CA LYS B 457 -11.94 2.95 17.37
C LYS B 457 -13.39 3.04 17.82
N SER B 458 -13.67 3.94 18.75
CA SER B 458 -15.00 3.99 19.35
C SER B 458 -15.18 5.35 20.01
N ASN B 459 -16.45 5.65 20.34
CA ASN B 459 -16.79 6.84 21.10
C ASN B 459 -16.74 6.61 22.61
N GLU B 460 -16.70 5.37 23.06
CA GLU B 460 -16.79 5.08 24.48
C GLU B 460 -16.17 3.71 24.76
N ASN B 461 -15.93 3.44 26.04
CA ASN B 461 -15.41 2.14 26.46
C ASN B 461 -16.42 1.05 26.15
N ARG B 462 -16.01 0.07 25.35
CA ARG B 462 -16.84 -1.09 25.00
C ARG B 462 -15.97 -2.33 25.13
N PHE B 463 -15.94 -2.91 26.34
CA PHE B 463 -15.17 -4.11 26.61
C PHE B 463 -16.14 -5.26 26.86
N ALA B 464 -16.01 -6.31 26.08
CA ALA B 464 -16.94 -7.43 26.09
C ALA B 464 -16.20 -8.73 26.40
N ILE B 465 -16.88 -9.62 27.09
CA ILE B 465 -16.39 -10.98 27.30
C ILE B 465 -16.84 -11.83 26.12
N ASP B 466 -15.89 -12.49 25.46
CA ASP B 466 -16.19 -13.36 24.34
C ASP B 466 -16.23 -14.80 24.81
N TYR B 467 -17.36 -15.46 24.62
CA TYR B 467 -17.53 -16.87 24.96
C TYR B 467 -17.51 -17.77 23.73
N ASP B 468 -17.46 -17.20 22.53
CA ASP B 468 -17.79 -17.93 21.31
C ASP B 468 -16.59 -18.13 20.39
N ASN B 469 -15.36 -17.99 20.89
CA ASN B 469 -14.15 -18.18 20.10
C ASN B 469 -14.16 -17.30 18.86
N ASN B 470 -14.61 -16.05 19.02
CA ASN B 470 -14.68 -15.15 17.88
C ASN B 470 -13.30 -14.73 17.42
N PHE B 471 -13.07 -14.78 16.12
CA PHE B 471 -11.93 -14.16 15.47
C PHE B 471 -12.33 -12.79 14.96
N SER B 472 -11.33 -11.96 14.66
CA SER B 472 -11.60 -10.62 14.17
C SER B 472 -10.38 -10.13 13.41
N SER B 473 -10.58 -9.06 12.64
CA SER B 473 -9.47 -8.37 11.98
C SER B 473 -8.82 -7.42 12.99
N ALA B 474 -7.98 -6.53 12.51
CA ALA B 474 -7.28 -5.59 13.37
C ALA B 474 -8.14 -4.40 13.80
N ASP B 475 -9.43 -4.42 13.48
CA ASP B 475 -10.36 -3.43 14.02
C ASP B 475 -10.91 -3.83 15.37
N VAL B 476 -10.53 -5.01 15.88
CA VAL B 476 -10.90 -5.47 17.21
C VAL B 476 -9.65 -5.99 17.88
N TYR B 477 -9.40 -5.57 19.12
CA TYR B 477 -8.29 -6.08 19.90
C TYR B 477 -8.83 -7.02 20.99
N SER B 478 -7.94 -7.89 21.46
CA SER B 478 -8.30 -8.88 22.47
C SER B 478 -7.23 -8.94 23.53
N PHE B 479 -7.63 -9.37 24.72
CA PHE B 479 -6.67 -9.80 25.73
C PHE B 479 -7.31 -10.84 26.61
N PHE B 480 -6.47 -11.68 27.20
CA PHE B 480 -6.87 -12.60 28.24
C PHE B 480 -5.95 -12.41 29.43
N ILE B 481 -6.39 -12.90 30.58
CA ILE B 481 -5.71 -12.70 31.84
C ILE B 481 -4.62 -13.75 32.01
N LYS B 482 -3.44 -13.30 32.47
CA LYS B 482 -2.34 -14.23 32.71
C LYS B 482 -2.72 -15.23 33.80
N GLU B 483 -2.08 -16.41 33.73
CA GLU B 483 -2.38 -17.48 34.68
C GLU B 483 -2.12 -17.04 36.12
N GLU B 484 -1.01 -16.34 36.36
CA GLU B 484 -0.63 -15.97 37.71
C GLU B 484 -1.52 -14.88 38.30
N TYR B 485 -2.40 -14.27 37.52
CA TYR B 485 -3.31 -13.24 38.02
C TYR B 485 -4.75 -13.68 38.08
N LEU B 486 -5.06 -14.92 37.67
CA LEU B 486 -6.44 -15.37 37.63
C LEU B 486 -7.07 -15.40 39.01
N ASP B 487 -6.28 -15.64 40.05
CA ASP B 487 -6.82 -15.63 41.41
C ASP B 487 -7.02 -14.22 41.95
N LYS B 488 -6.50 -13.20 41.26
CA LYS B 488 -6.67 -11.81 41.68
C LYS B 488 -7.73 -11.06 40.87
N PHE B 489 -7.85 -11.34 39.58
CA PHE B 489 -8.79 -10.64 38.71
C PHE B 489 -9.56 -11.61 37.84
N SER B 490 -10.86 -11.38 37.73
CA SER B 490 -11.72 -12.16 36.84
C SER B 490 -12.15 -11.29 35.66
N TYR B 491 -12.56 -11.96 34.59
CA TYR B 491 -13.02 -11.25 33.41
C TYR B 491 -14.26 -10.41 33.72
N GLU B 492 -15.14 -10.95 34.56
CA GLU B 492 -16.36 -10.22 34.91
C GLU B 492 -16.04 -8.95 35.68
N TYR B 493 -15.06 -9.00 36.58
CA TYR B 493 -14.65 -7.79 37.29
C TYR B 493 -14.04 -6.77 36.34
N LEU B 494 -13.20 -7.22 35.41
CA LEU B 494 -12.49 -6.30 34.52
C LEU B 494 -13.47 -5.54 33.62
N VAL B 495 -14.42 -6.23 33.00
CA VAL B 495 -15.39 -5.54 32.17
C VAL B 495 -16.29 -4.65 33.04
N GLY B 496 -16.47 -5.01 34.31
CA GLY B 496 -17.24 -4.16 35.21
C GLY B 496 -16.61 -2.80 35.39
N ILE B 497 -15.31 -2.75 35.64
CA ILE B 497 -14.68 -1.46 35.87
C ILE B 497 -14.36 -0.76 34.54
N LEU B 498 -14.02 -1.51 33.49
CA LEU B 498 -13.61 -0.89 32.24
C LEU B 498 -14.78 -0.23 31.51
N ASN B 499 -16.00 -0.74 31.71
CA ASN B 499 -17.19 -0.19 31.07
C ASN B 499 -17.87 0.87 31.92
N SER B 500 -17.28 1.25 33.05
CA SER B 500 -17.90 2.19 33.95
C SER B 500 -17.73 3.62 33.45
N SER B 501 -18.63 4.50 33.90
CA SER B 501 -18.50 5.92 33.61
C SER B 501 -17.17 6.47 34.10
N VAL B 502 -16.66 5.95 35.22
CA VAL B 502 -15.39 6.41 35.76
C VAL B 502 -14.25 6.11 34.79
N TYR B 503 -14.19 4.88 34.30
CA TYR B 503 -13.09 4.49 33.43
C TYR B 503 -13.24 4.99 32.01
N ASP B 504 -14.45 5.33 31.58
CA ASP B 504 -14.60 6.01 30.30
C ASP B 504 -13.99 7.39 30.33
N LYS B 505 -14.29 8.16 31.39
CA LYS B 505 -13.67 9.47 31.56
C LYS B 505 -12.17 9.36 31.79
N TYR B 506 -11.76 8.36 32.58
CA TYR B 506 -10.35 8.19 32.91
C TYR B 506 -9.52 7.88 31.67
N PHE B 507 -9.99 6.96 30.83
CA PHE B 507 -9.23 6.60 29.63
C PHE B 507 -9.11 7.77 28.67
N LYS B 508 -10.19 8.55 28.52
CA LYS B 508 -10.20 9.65 27.56
C LYS B 508 -9.37 10.85 28.00
N ILE B 509 -8.86 10.86 29.24
CA ILE B 509 -7.98 11.93 29.66
C ILE B 509 -6.74 11.98 28.77
N THR B 510 -6.22 10.80 28.40
CA THR B 510 -4.99 10.70 27.63
C THR B 510 -5.18 10.01 26.29
N ALA B 511 -6.40 9.58 25.95
CA ALA B 511 -6.63 8.81 24.74
C ALA B 511 -6.39 9.65 23.49
N LYS B 512 -6.02 8.96 22.41
CA LYS B 512 -5.72 9.57 21.13
C LYS B 512 -7.02 9.91 20.41
N LYS B 513 -7.31 11.21 20.25
CA LYS B 513 -8.55 11.64 19.60
C LYS B 513 -8.36 11.63 18.09
N MET B 514 -9.13 10.81 17.39
CA MET B 514 -8.92 10.57 15.96
C MET B 514 -9.82 11.44 15.08
N SER B 515 -11.14 11.35 15.27
CA SER B 515 -12.08 12.16 14.52
C SER B 515 -13.28 12.43 15.42
N LYS B 516 -14.31 13.04 14.86
CA LYS B 516 -15.51 13.38 15.64
C LYS B 516 -16.08 12.13 16.29
N ASN B 517 -16.12 12.12 17.62
CA ASN B 517 -16.67 11.03 18.43
C ASN B 517 -15.88 9.73 18.26
N ILE B 518 -14.58 9.80 17.98
CA ILE B 518 -13.78 8.58 17.82
C ILE B 518 -12.45 8.76 18.54
N TYR B 519 -12.18 7.88 19.50
CA TYR B 519 -10.86 7.71 20.09
C TYR B 519 -10.27 6.39 19.63
N ASP B 520 -8.95 6.34 19.54
CA ASP B 520 -8.28 5.06 19.35
C ASP B 520 -8.32 4.26 20.64
N TYR B 521 -8.74 3.00 20.54
CA TYR B 521 -8.58 2.05 21.63
C TYR B 521 -7.55 1.03 21.16
N TYR B 522 -6.28 1.38 21.32
CA TYR B 522 -5.15 0.56 20.93
C TYR B 522 -4.37 0.13 22.16
N PRO B 523 -3.70 -1.03 22.10
CA PRO B 523 -2.95 -1.51 23.27
C PRO B 523 -1.92 -0.52 23.78
N ASN B 524 -1.34 0.32 22.92
CA ASN B 524 -0.32 1.25 23.41
C ASN B 524 -0.86 2.22 24.45
N LYS B 525 -2.19 2.39 24.51
CA LYS B 525 -2.81 3.14 25.59
C LYS B 525 -3.76 2.32 26.45
N VAL B 526 -4.49 1.36 25.86
CA VAL B 526 -5.42 0.56 26.64
C VAL B 526 -4.68 -0.28 27.68
N MET B 527 -3.55 -0.86 27.31
CA MET B 527 -2.78 -1.67 28.25
C MET B 527 -2.11 -0.84 29.32
N LYS B 528 -2.10 0.50 29.20
CA LYS B 528 -1.62 1.37 30.26
C LYS B 528 -2.71 1.69 31.27
N ILE B 529 -3.96 1.31 31.01
CA ILE B 529 -5.04 1.56 31.96
C ILE B 529 -4.72 0.88 33.27
N ARG B 530 -4.84 1.62 34.36
CA ARG B 530 -4.51 1.12 35.69
C ARG B 530 -5.77 0.64 36.40
N ILE B 531 -5.65 -0.52 37.06
CA ILE B 531 -6.78 -1.17 37.71
C ILE B 531 -6.44 -1.39 39.17
N PHE B 532 -7.49 -1.60 39.96
CA PHE B 532 -7.39 -1.72 41.41
C PHE B 532 -8.17 -2.94 41.87
N ARG B 533 -7.87 -3.36 43.10
CA ARG B 533 -8.70 -4.35 43.78
C ARG B 533 -8.70 -4.03 45.27
N ASP B 534 -9.90 -3.95 45.85
CA ASP B 534 -10.04 -3.59 47.26
C ASP B 534 -11.29 -4.27 47.79
N ASN B 535 -11.81 -3.78 48.92
CA ASN B 535 -12.95 -4.41 49.58
C ASN B 535 -14.22 -4.36 48.73
N ASN B 536 -14.27 -3.54 47.69
CA ASN B 536 -15.43 -3.47 46.82
C ASN B 536 -15.38 -4.48 45.68
N TYR B 537 -14.35 -5.33 45.62
CA TYR B 537 -14.18 -6.23 44.49
C TYR B 537 -15.38 -7.16 44.32
N GLU B 538 -15.83 -7.78 45.42
CA GLU B 538 -16.88 -8.79 45.31
C GLU B 538 -18.19 -8.19 44.80
N GLU B 539 -18.58 -7.02 45.30
CA GLU B 539 -19.84 -6.42 44.88
C GLU B 539 -19.77 -5.90 43.45
N ILE B 540 -18.62 -5.32 43.06
CA ILE B 540 -18.45 -4.89 41.69
C ILE B 540 -18.56 -6.08 40.74
N GLU B 541 -17.87 -7.18 41.09
CA GLU B 541 -17.91 -8.37 40.25
C GLU B 541 -19.32 -8.95 40.17
N ASN B 542 -20.04 -8.96 41.31
CA ASN B 542 -21.39 -9.48 41.30
C ASN B 542 -22.33 -8.63 40.46
N LEU B 543 -22.17 -7.30 40.54
CA LEU B 543 -23.00 -6.42 39.73
C LEU B 543 -22.75 -6.65 38.24
N SER B 544 -21.48 -6.84 37.86
CA SER B 544 -21.16 -7.11 36.47
C SER B 544 -21.79 -8.43 36.01
N LYS B 545 -21.76 -9.45 36.87
CA LYS B 545 -22.34 -10.74 36.50
C LYS B 545 -23.85 -10.65 36.32
N GLN B 546 -24.51 -9.85 37.17
CA GLN B 546 -25.95 -9.64 36.98
C GLN B 546 -26.23 -8.95 35.65
N ILE B 547 -25.44 -7.95 35.31
CA ILE B 547 -25.63 -7.24 34.04
C ILE B 547 -25.47 -8.21 32.87
N ILE B 548 -24.45 -9.05 32.92
CA ILE B 548 -24.22 -10.02 31.85
C ILE B 548 -25.41 -10.97 31.72
N SER B 549 -25.96 -11.41 32.86
CA SER B 549 -27.11 -12.31 32.82
C SER B 549 -28.32 -11.65 32.16
N ILE B 550 -28.57 -10.38 32.48
CA ILE B 550 -29.70 -9.68 31.88
C ILE B 550 -29.49 -9.50 30.39
N LEU B 551 -28.27 -9.13 29.98
CA LEU B 551 -28.00 -8.90 28.57
C LEU B 551 -28.13 -10.18 27.74
N LEU B 552 -27.85 -11.33 28.35
CA LEU B 552 -27.98 -12.62 27.68
C LEU B 552 -29.39 -13.20 27.78
N ASN B 553 -30.29 -12.54 28.52
CA ASN B 553 -31.64 -13.05 28.69
C ASN B 553 -32.48 -12.84 27.44
N LYS B 554 -33.60 -13.55 27.36
CA LYS B 554 -34.51 -13.42 26.22
C LYS B 554 -35.13 -12.03 26.19
N SER B 555 -35.59 -11.53 27.33
CA SER B 555 -36.09 -10.17 27.45
C SER B 555 -35.09 -9.37 28.25
N ILE B 556 -34.58 -8.29 27.65
CA ILE B 556 -33.55 -7.46 28.27
C ILE B 556 -34.25 -6.28 28.95
N ASP B 557 -34.08 -6.18 30.26
CA ASP B 557 -34.58 -5.05 31.04
C ASP B 557 -33.50 -3.98 31.00
N LYS B 558 -33.58 -3.09 30.01
CA LYS B 558 -32.58 -2.03 29.88
C LYS B 558 -32.60 -1.11 31.09
N GLY B 559 -33.77 -0.90 31.70
CA GLY B 559 -33.83 -0.08 32.90
C GLY B 559 -33.08 -0.69 34.07
N LYS B 560 -33.21 -2.01 34.27
CA LYS B 560 -32.52 -2.67 35.37
C LYS B 560 -31.00 -2.64 35.18
N VAL B 561 -30.54 -2.83 33.94
CA VAL B 561 -29.12 -2.74 33.66
C VAL B 561 -28.58 -1.36 34.01
N GLU B 562 -29.35 -0.32 33.68
CA GLU B 562 -28.92 1.04 34.01
C GLU B 562 -28.79 1.23 35.51
N LYS B 563 -29.75 0.72 36.29
CA LYS B 563 -29.68 0.84 37.75
C LYS B 563 -28.47 0.09 38.29
N LEU B 564 -28.20 -1.10 37.78
CA LEU B 564 -27.02 -1.85 38.21
C LEU B 564 -25.75 -1.11 37.81
N GLN B 565 -25.72 -0.55 36.59
CA GLN B 565 -24.54 0.18 36.14
C GLN B 565 -24.27 1.41 37.00
N ILE B 566 -25.32 2.15 37.35
CA ILE B 566 -25.15 3.32 38.22
C ILE B 566 -24.64 2.89 39.58
N LYS B 567 -25.19 1.80 40.12
CA LYS B 567 -24.75 1.31 41.43
C LYS B 567 -23.27 0.91 41.39
N MET B 568 -22.83 0.31 40.28
CA MET B 568 -21.43 -0.05 40.15
C MET B 568 -20.54 1.18 40.00
N ASP B 569 -21.02 2.20 39.27
CA ASP B 569 -20.23 3.41 39.07
C ASP B 569 -19.91 4.08 40.40
N ASN B 570 -20.89 4.15 41.31
CA ASN B 570 -20.66 4.77 42.60
C ASN B 570 -19.69 3.96 43.44
N LEU B 571 -19.74 2.63 43.35
CA LEU B 571 -18.78 1.80 44.08
C LEU B 571 -17.36 2.07 43.61
N ILE B 572 -17.18 2.25 42.30
CA ILE B 572 -15.86 2.55 41.77
C ILE B 572 -15.43 3.96 42.16
N MET B 573 -16.36 4.92 42.15
CA MET B 573 -16.05 6.26 42.63
C MET B 573 -15.63 6.24 44.10
N ASP B 574 -16.35 5.47 44.92
CA ASP B 574 -15.99 5.35 46.33
C ASP B 574 -14.62 4.71 46.49
N SER B 575 -14.32 3.69 45.68
CA SER B 575 -13.04 2.99 45.79
C SER B 575 -11.87 3.88 45.40
N LEU B 576 -12.05 4.72 44.37
CA LEU B 576 -10.97 5.54 43.86
C LEU B 576 -10.91 6.92 44.50
N GLY B 577 -11.79 7.22 45.45
CA GLY B 577 -11.72 8.48 46.16
C GLY B 577 -12.14 9.69 45.36
N ILE B 578 -12.98 9.50 44.34
CA ILE B 578 -13.45 10.60 43.52
C ILE B 578 -14.95 10.80 43.68
N ILE C 30 -34.39 5.83 -38.48
CA ILE C 30 -35.01 6.09 -39.77
C ILE C 30 -34.66 7.50 -40.25
N TYR C 31 -33.37 7.74 -40.47
CA TYR C 31 -32.86 9.04 -40.86
C TYR C 31 -32.15 8.93 -42.21
N TYR C 32 -32.79 9.42 -43.26
CA TYR C 32 -32.23 9.35 -44.61
C TYR C 32 -31.26 10.49 -44.82
N THR C 33 -29.97 10.17 -44.88
CA THR C 33 -28.96 11.17 -45.19
C THR C 33 -29.11 11.63 -46.63
N PRO C 34 -29.05 12.93 -46.90
CA PRO C 34 -29.24 13.40 -48.29
C PRO C 34 -28.21 12.80 -49.23
N LYS C 35 -28.67 12.51 -50.46
CA LYS C 35 -27.81 11.87 -51.45
C LYS C 35 -26.52 12.64 -51.68
N ILE C 36 -26.57 13.97 -51.54
CA ILE C 36 -25.37 14.79 -51.70
C ILE C 36 -24.33 14.43 -50.65
N ILE C 37 -24.76 14.26 -49.39
CA ILE C 37 -23.83 14.00 -48.30
C ILE C 37 -23.20 12.62 -48.44
N VAL C 38 -24.02 11.60 -48.70
CA VAL C 38 -23.52 10.22 -48.69
C VAL C 38 -22.52 10.00 -49.83
N ASP C 39 -22.80 10.56 -51.01
CA ASP C 39 -21.84 10.47 -52.11
C ASP C 39 -20.52 11.11 -51.74
N TYR C 40 -20.57 12.27 -51.07
CA TYR C 40 -19.35 12.96 -50.67
C TYR C 40 -18.56 12.12 -49.67
N ILE C 41 -19.24 11.49 -48.71
CA ILE C 41 -18.55 10.70 -47.69
C ILE C 41 -17.88 9.48 -48.31
N VAL C 42 -18.59 8.78 -49.20
CA VAL C 42 -18.00 7.63 -49.88
C VAL C 42 -16.81 8.09 -50.73
N LYS C 43 -16.95 9.23 -51.40
CA LYS C 43 -15.84 9.79 -52.17
C LYS C 43 -14.65 10.10 -51.27
N LYS C 44 -14.91 10.62 -50.07
CA LYS C 44 -13.83 11.03 -49.18
C LYS C 44 -12.96 9.86 -48.74
N THR C 45 -13.46 8.63 -48.85
CA THR C 45 -12.72 7.44 -48.43
C THR C 45 -12.14 6.64 -49.58
N LEU C 46 -12.90 6.46 -50.67
CA LEU C 46 -12.50 5.58 -51.75
C LEU C 46 -11.88 6.31 -52.94
N LYS C 47 -11.67 7.63 -52.84
CA LYS C 47 -11.18 8.38 -53.99
C LYS C 47 -9.78 7.94 -54.40
N ASN C 48 -8.92 7.61 -53.44
CA ASN C 48 -7.53 7.31 -53.71
C ASN C 48 -7.17 5.86 -53.39
N HIS C 49 -8.14 4.96 -53.44
CA HIS C 49 -7.86 3.55 -53.21
C HIS C 49 -7.28 2.92 -54.46
N ASP C 50 -6.16 2.22 -54.30
CA ASP C 50 -5.50 1.52 -55.40
C ASP C 50 -6.06 0.10 -55.44
N ILE C 51 -7.02 -0.14 -56.33
CA ILE C 51 -7.64 -1.45 -56.42
C ILE C 51 -6.69 -2.49 -56.99
N ILE C 52 -5.66 -2.05 -57.74
CA ILE C 52 -4.66 -3.00 -58.24
C ILE C 52 -3.79 -3.49 -57.11
N LYS C 53 -3.35 -2.60 -56.23
CA LYS C 53 -2.44 -2.98 -55.15
C LYS C 53 -3.18 -3.75 -54.05
N ASN C 54 -4.38 -3.31 -53.68
CA ASN C 54 -5.16 -3.94 -52.62
C ASN C 54 -6.55 -4.25 -53.17
N PRO C 55 -6.72 -5.39 -53.84
CA PRO C 55 -8.04 -5.74 -54.40
C PRO C 55 -9.06 -6.18 -53.36
N TYR C 56 -8.73 -6.15 -52.07
CA TYR C 56 -9.63 -6.60 -51.02
C TYR C 56 -9.81 -5.50 -49.98
N PRO C 57 -10.58 -4.46 -50.30
CA PRO C 57 -10.87 -3.43 -49.30
C PRO C 57 -12.01 -3.86 -48.38
N ARG C 58 -11.97 -3.34 -47.15
CA ARG C 58 -12.99 -3.63 -46.15
C ARG C 58 -13.68 -2.31 -45.78
N ILE C 59 -14.84 -2.07 -46.38
CA ILE C 59 -15.63 -0.87 -46.12
C ILE C 59 -16.78 -1.23 -45.19
N LEU C 60 -16.93 -0.48 -44.11
CA LEU C 60 -17.85 -0.83 -43.04
C LEU C 60 -18.75 0.35 -42.69
N ASP C 61 -20.01 0.04 -42.36
CA ASP C 61 -20.96 1.01 -41.82
C ASP C 61 -21.62 0.35 -40.62
N ILE C 62 -21.27 0.79 -39.41
CA ILE C 62 -21.80 0.18 -38.19
C ILE C 62 -23.16 0.72 -37.79
N SER C 63 -23.71 1.65 -38.56
CA SER C 63 -25.10 2.10 -38.39
C SER C 63 -25.76 2.18 -39.76
N CYS C 64 -25.61 1.10 -40.55
CA CYS C 64 -25.94 1.14 -41.97
C CYS C 64 -27.43 1.37 -42.23
N GLY C 65 -28.30 0.93 -41.32
CA GLY C 65 -29.72 1.08 -41.56
C GLY C 65 -30.14 0.28 -42.78
N CYS C 66 -30.87 0.93 -43.68
CA CYS C 66 -31.27 0.30 -44.93
C CYS C 66 -30.16 0.30 -45.98
N GLY C 67 -29.04 0.96 -45.71
CA GLY C 67 -27.93 0.95 -46.64
C GLY C 67 -27.81 2.22 -47.46
N ASN C 68 -28.01 3.37 -46.81
CA ASN C 68 -27.84 4.65 -47.52
C ASN C 68 -26.43 4.79 -48.05
N PHE C 69 -25.44 4.43 -47.25
CA PHE C 69 -24.03 4.54 -47.63
C PHE C 69 -23.52 3.29 -48.35
N LEU C 70 -23.94 2.11 -47.89
CA LEU C 70 -23.38 0.87 -48.43
C LEU C 70 -23.83 0.60 -49.86
N LEU C 71 -25.07 0.98 -50.21
CA LEU C 71 -25.52 0.82 -51.58
C LEU C 71 -24.71 1.70 -52.52
N GLU C 72 -24.39 2.92 -52.09
CA GLU C 72 -23.51 3.77 -52.89
C GLU C 72 -22.09 3.23 -52.92
N VAL C 73 -21.64 2.59 -51.84
CA VAL C 73 -20.33 1.94 -51.85
C VAL C 73 -20.29 0.82 -52.88
N TYR C 74 -21.38 0.08 -53.02
CA TYR C 74 -21.44 -1.00 -54.00
C TYR C 74 -21.29 -0.46 -55.41
N ASP C 75 -21.98 0.64 -55.72
CA ASP C 75 -21.89 1.21 -57.07
C ASP C 75 -20.48 1.72 -57.36
N ILE C 76 -19.86 2.39 -56.39
CA ILE C 76 -18.51 2.91 -56.59
C ILE C 76 -17.52 1.76 -56.77
N LEU C 77 -17.64 0.71 -55.97
CA LEU C 77 -16.75 -0.43 -56.10
C LEU C 77 -16.93 -1.13 -57.44
N TYR C 78 -18.18 -1.27 -57.90
CA TYR C 78 -18.43 -1.97 -59.15
C TYR C 78 -17.74 -1.28 -60.33
N ASP C 79 -17.83 0.05 -60.40
CA ASP C 79 -17.14 0.78 -61.45
C ASP C 79 -15.63 0.68 -61.31
N LEU C 80 -15.13 0.65 -60.06
CA LEU C 80 -13.69 0.57 -59.85
C LEU C 80 -13.12 -0.74 -60.34
N PHE C 81 -13.86 -1.84 -60.16
CA PHE C 81 -13.39 -3.14 -60.64
C PHE C 81 -13.48 -3.23 -62.15
N GLU C 82 -14.54 -2.68 -62.76
CA GLU C 82 -14.69 -2.76 -64.21
C GLU C 82 -13.55 -2.04 -64.93
N GLU C 83 -13.18 -0.85 -64.46
CA GLU C 83 -12.16 -0.07 -65.14
C GLU C 83 -10.80 -0.73 -65.09
N ASN C 84 -10.53 -1.53 -64.05
CA ASN C 84 -9.24 -2.18 -63.86
C ASN C 84 -9.31 -3.70 -64.01
N ILE C 85 -10.34 -4.20 -64.70
CA ILE C 85 -10.58 -5.64 -64.71
C ILE C 85 -9.50 -6.38 -65.50
N TYR C 86 -8.98 -5.76 -66.57
CA TYR C 86 -7.91 -6.41 -67.32
C TYR C 86 -6.62 -6.50 -66.51
N GLU C 87 -6.34 -5.50 -65.68
CA GLU C 87 -5.15 -5.54 -64.84
C GLU C 87 -5.26 -6.59 -63.74
N LEU C 88 -6.48 -6.86 -63.25
CA LEU C 88 -6.66 -7.90 -62.26
C LEU C 88 -6.43 -9.28 -62.85
N LYS C 89 -6.75 -9.48 -64.13
CA LYS C 89 -6.53 -10.78 -64.76
C LYS C 89 -5.05 -11.01 -65.05
N LYS C 90 -4.27 -9.94 -65.27
CA LYS C 90 -2.85 -10.10 -65.54
C LYS C 90 -2.04 -10.22 -64.26
N LYS C 91 -2.33 -9.38 -63.27
CA LYS C 91 -1.57 -9.41 -62.02
C LYS C 91 -1.94 -10.60 -61.14
N TYR C 92 -3.15 -11.15 -61.30
CA TYR C 92 -3.59 -12.27 -60.47
C TYR C 92 -4.17 -13.38 -61.32
N ASP C 93 -4.82 -14.36 -60.69
CA ASP C 93 -5.46 -15.44 -61.42
C ASP C 93 -6.44 -14.89 -62.44
N GLU C 94 -6.14 -15.13 -63.73
CA GLU C 94 -6.96 -14.56 -64.79
C GLU C 94 -8.38 -15.12 -64.78
N ASN C 95 -8.55 -16.37 -64.34
CA ASN C 95 -9.89 -16.96 -64.32
C ASN C 95 -10.76 -16.36 -63.23
N TYR C 96 -10.16 -16.07 -62.06
CA TYR C 96 -10.93 -15.58 -60.92
C TYR C 96 -11.48 -14.18 -61.17
N TRP C 97 -10.66 -13.30 -61.73
CA TRP C 97 -11.04 -11.90 -61.94
C TRP C 97 -11.81 -11.80 -63.25
N THR C 98 -13.13 -11.93 -63.18
CA THR C 98 -14.00 -11.84 -64.33
C THR C 98 -15.16 -10.90 -64.01
N VAL C 99 -15.78 -10.38 -65.07
CA VAL C 99 -16.91 -9.46 -64.90
C VAL C 99 -18.10 -10.19 -64.27
N ASP C 100 -18.30 -11.47 -64.62
CA ASP C 100 -19.41 -12.23 -64.07
C ASP C 100 -19.28 -12.45 -62.57
N ASN C 101 -18.08 -12.39 -62.02
CA ASN C 101 -17.86 -12.60 -60.60
C ASN C 101 -17.70 -11.31 -59.81
N ILE C 102 -17.88 -10.15 -60.44
CA ILE C 102 -17.72 -8.88 -59.73
C ILE C 102 -18.80 -8.73 -58.66
N HIS C 103 -20.03 -9.11 -58.98
CA HIS C 103 -21.13 -8.98 -58.02
C HIS C 103 -20.90 -9.85 -56.79
N ARG C 104 -20.41 -11.08 -56.99
CA ARG C 104 -20.18 -11.96 -55.85
C ARG C 104 -18.95 -11.53 -55.05
N HIS C 105 -17.96 -10.92 -55.70
CA HIS C 105 -16.74 -10.54 -55.00
C HIS C 105 -16.98 -9.39 -54.03
N ILE C 106 -17.77 -8.39 -54.43
CA ILE C 106 -18.02 -7.24 -53.57
C ILE C 106 -18.79 -7.67 -52.32
N LEU C 107 -19.81 -8.53 -52.48
CA LEU C 107 -20.63 -8.92 -51.34
C LEU C 107 -19.88 -9.86 -50.41
N ASN C 108 -19.05 -10.75 -50.96
CA ASN C 108 -18.39 -11.75 -50.12
C ASN C 108 -17.21 -11.18 -49.34
N TYR C 109 -16.48 -10.21 -49.90
CA TYR C 109 -15.22 -9.78 -49.31
C TYR C 109 -15.17 -8.30 -48.92
N CYS C 110 -15.92 -7.42 -49.59
CA CYS C 110 -15.67 -5.99 -49.48
C CYS C 110 -16.66 -5.25 -48.59
N ILE C 111 -17.95 -5.53 -48.69
CA ILE C 111 -18.96 -4.73 -48.00
C ILE C 111 -19.27 -5.35 -46.64
N TYR C 112 -19.26 -4.51 -45.59
CA TYR C 112 -19.64 -4.91 -44.25
C TYR C 112 -20.64 -3.91 -43.69
N GLY C 113 -21.66 -4.42 -43.00
CA GLY C 113 -22.68 -3.56 -42.44
C GLY C 113 -23.17 -4.11 -41.12
N ALA C 114 -23.57 -3.18 -40.24
CA ALA C 114 -24.08 -3.54 -38.92
C ALA C 114 -25.21 -2.60 -38.54
N ASP C 115 -26.27 -3.15 -37.94
CA ASP C 115 -27.40 -2.35 -37.51
C ASP C 115 -28.20 -3.14 -36.50
N ILE C 116 -28.81 -2.44 -35.54
CA ILE C 116 -29.57 -3.11 -34.49
C ILE C 116 -30.99 -3.45 -34.93
N ASP C 117 -31.52 -2.74 -35.92
CA ASP C 117 -32.89 -2.99 -36.38
C ASP C 117 -32.90 -4.18 -37.32
N GLU C 118 -33.69 -5.21 -36.97
CA GLU C 118 -33.75 -6.42 -37.79
C GLU C 118 -34.37 -6.14 -39.15
N LYS C 119 -35.44 -5.34 -39.18
CA LYS C 119 -36.12 -5.04 -40.44
C LYS C 119 -35.22 -4.27 -41.39
N ALA C 120 -34.43 -3.33 -40.86
CA ALA C 120 -33.55 -2.54 -41.70
C ALA C 120 -32.47 -3.40 -42.36
N ILE C 121 -31.91 -4.35 -41.61
CA ILE C 121 -30.89 -5.23 -42.17
C ILE C 121 -31.48 -6.11 -43.26
N SER C 122 -32.73 -6.54 -43.09
CA SER C 122 -33.39 -7.35 -44.11
C SER C 122 -33.56 -6.57 -45.41
N ILE C 123 -33.92 -5.29 -45.30
CA ILE C 123 -34.10 -4.47 -46.49
C ILE C 123 -32.79 -4.33 -47.25
N LEU C 124 -31.69 -4.07 -46.54
CA LEU C 124 -30.39 -3.94 -47.19
C LEU C 124 -29.95 -5.27 -47.80
N LYS C 125 -30.20 -6.38 -47.11
CA LYS C 125 -29.85 -7.69 -47.66
C LYS C 125 -30.62 -7.97 -48.95
N ASP C 126 -31.90 -7.63 -48.98
CA ASP C 126 -32.68 -7.80 -50.20
C ASP C 126 -32.27 -6.82 -51.27
N SER C 127 -31.90 -5.60 -50.88
CA SER C 127 -31.46 -4.60 -51.85
C SER C 127 -30.12 -4.99 -52.47
N LEU C 128 -29.20 -5.53 -51.67
CA LEU C 128 -27.91 -5.95 -52.21
C LEU C 128 -28.05 -7.18 -53.10
N THR C 129 -29.04 -8.04 -52.82
CA THR C 129 -29.27 -9.20 -53.68
C THR C 129 -29.72 -8.76 -55.08
N ASN C 130 -30.56 -7.73 -55.17
CA ASN C 130 -31.08 -7.26 -56.44
C ASN C 130 -30.13 -6.31 -57.16
N LYS C 131 -29.04 -5.88 -56.53
CA LYS C 131 -28.11 -4.96 -57.16
C LYS C 131 -27.06 -5.71 -57.98
N ILE C 142 -23.57 -16.42 -52.35
CA ILE C 142 -22.61 -15.53 -51.71
C ILE C 142 -23.09 -15.12 -50.33
N LYS C 143 -22.15 -14.95 -49.41
CA LYS C 143 -22.47 -14.58 -48.03
C LYS C 143 -22.26 -13.08 -47.86
N ILE C 144 -23.36 -12.35 -47.68
CA ILE C 144 -23.30 -10.92 -47.43
C ILE C 144 -22.97 -10.69 -45.97
N ASN C 145 -22.01 -9.80 -45.70
CA ASN C 145 -21.51 -9.58 -44.35
C ASN C 145 -22.35 -8.50 -43.65
N LEU C 146 -23.59 -8.89 -43.32
CA LEU C 146 -24.49 -8.06 -42.55
C LEU C 146 -24.66 -8.65 -41.15
N PHE C 147 -24.61 -7.79 -40.14
CA PHE C 147 -24.72 -8.22 -38.75
C PHE C 147 -25.82 -7.41 -38.08
N CYS C 148 -26.76 -8.11 -37.44
CA CYS C 148 -27.82 -7.49 -36.65
C CYS C 148 -27.41 -7.62 -35.18
N CYS C 149 -26.93 -6.52 -34.60
CA CYS C 149 -26.39 -6.54 -33.24
C CYS C 149 -26.22 -5.11 -32.77
N ASP C 150 -25.70 -4.96 -31.56
CA ASP C 150 -25.28 -3.68 -31.01
C ASP C 150 -23.84 -3.43 -31.45
N SER C 151 -23.64 -2.44 -32.33
CA SER C 151 -22.31 -2.21 -32.88
C SER C 151 -21.31 -1.80 -31.81
N LEU C 152 -21.78 -1.17 -30.73
CA LEU C 152 -20.90 -0.82 -29.63
C LEU C 152 -20.52 -2.01 -28.77
N LYS C 153 -21.14 -3.17 -28.99
CA LYS C 153 -20.84 -4.38 -28.24
C LYS C 153 -20.24 -5.50 -29.08
N LYS C 154 -20.39 -5.46 -30.40
CA LYS C 154 -19.89 -6.54 -31.24
C LYS C 154 -18.36 -6.53 -31.25
N LYS C 155 -17.75 -7.66 -30.88
CA LYS C 155 -16.31 -7.78 -30.88
C LYS C 155 -15.84 -8.11 -32.29
N TRP C 156 -15.15 -7.16 -32.92
CA TRP C 156 -14.65 -7.36 -34.28
C TRP C 156 -13.31 -8.08 -34.24
N ARG C 157 -13.18 -9.13 -35.05
CA ARG C 157 -11.96 -9.92 -35.09
C ARG C 157 -10.92 -9.38 -36.07
N TYR C 158 -11.27 -8.35 -36.85
CA TYR C 158 -10.35 -7.78 -37.82
C TYR C 158 -10.76 -6.34 -38.09
N LYS C 159 -9.75 -5.48 -38.27
CA LYS C 159 -10.00 -4.07 -38.51
C LYS C 159 -10.36 -3.83 -39.98
N PHE C 160 -10.73 -2.58 -40.28
CA PHE C 160 -11.32 -2.23 -41.56
C PHE C 160 -10.54 -1.11 -42.23
N ASP C 161 -10.49 -1.16 -43.56
CA ASP C 161 -9.77 -0.14 -44.33
C ASP C 161 -10.55 1.17 -44.38
N TYR C 162 -11.87 1.11 -44.55
CA TYR C 162 -12.67 2.31 -44.68
C TYR C 162 -13.95 2.16 -43.86
N ILE C 163 -14.34 3.24 -43.19
CA ILE C 163 -15.56 3.28 -42.39
C ILE C 163 -16.35 4.53 -42.75
N VAL C 164 -17.61 4.35 -43.12
CA VAL C 164 -18.50 5.45 -43.48
C VAL C 164 -19.85 5.23 -42.80
N GLY C 165 -20.61 6.31 -42.66
CA GLY C 165 -21.98 6.19 -42.19
C GLY C 165 -22.40 7.38 -41.36
N ASN C 166 -23.58 7.23 -40.75
CA ASN C 166 -24.20 8.30 -39.95
C ASN C 166 -24.75 7.66 -38.67
N PRO C 167 -24.10 7.88 -37.54
CA PRO C 167 -24.46 7.16 -36.31
C PRO C 167 -25.74 7.72 -35.71
N PRO C 168 -26.34 7.02 -34.76
CA PRO C 168 -27.48 7.59 -34.05
C PRO C 168 -27.05 8.66 -33.05
N TYR C 169 -27.90 9.66 -32.86
CA TYR C 169 -27.68 10.72 -31.88
C TYR C 169 -28.74 10.58 -30.79
N ILE C 170 -28.32 10.23 -29.59
CA ILE C 170 -29.21 10.14 -28.44
C ILE C 170 -28.58 10.88 -27.27
N GLY C 171 -29.31 11.87 -26.74
CA GLY C 171 -28.82 12.70 -25.67
C GLY C 171 -29.01 12.08 -24.30
N HIS C 172 -28.65 12.86 -23.28
CA HIS C 172 -28.68 12.35 -21.91
C HIS C 172 -30.10 12.14 -21.39
N LYS C 173 -31.06 12.92 -21.89
CA LYS C 173 -32.44 12.75 -21.45
C LYS C 173 -33.06 11.49 -22.04
N LYS C 174 -32.86 11.25 -23.33
CA LYS C 174 -33.58 10.21 -24.05
C LYS C 174 -32.91 8.84 -23.97
N LEU C 175 -31.67 8.76 -23.49
CA LEU C 175 -30.98 7.48 -23.38
C LEU C 175 -31.47 6.69 -22.19
N GLU C 176 -31.68 5.39 -22.38
CA GLU C 176 -32.11 4.52 -21.30
C GLU C 176 -31.04 4.48 -20.20
N LYS C 177 -31.48 4.55 -18.94
CA LYS C 177 -30.56 4.63 -17.83
C LYS C 177 -29.71 3.37 -17.72
N LYS C 178 -30.30 2.21 -17.99
CA LYS C 178 -29.55 0.96 -17.91
C LYS C 178 -28.41 0.92 -18.92
N TYR C 179 -28.68 1.37 -20.14
CA TYR C 179 -27.63 1.39 -21.16
C TYR C 179 -26.54 2.42 -20.84
N LYS C 180 -26.91 3.51 -20.17
CA LYS C 180 -25.94 4.53 -19.77
C LYS C 180 -24.84 3.94 -18.92
N LYS C 181 -25.21 3.04 -17.99
CA LYS C 181 -24.23 2.46 -17.08
C LYS C 181 -23.18 1.65 -17.85
N PHE C 182 -23.60 0.96 -18.91
CA PHE C 182 -22.63 0.27 -19.76
C PHE C 182 -21.70 1.25 -20.47
N LEU C 183 -22.23 2.35 -20.98
CA LEU C 183 -21.40 3.34 -21.66
C LEU C 183 -20.43 4.01 -20.70
N LEU C 184 -20.87 4.29 -19.46
CA LEU C 184 -20.03 4.96 -18.48
C LEU C 184 -18.88 4.08 -18.00
N GLU C 185 -18.87 2.79 -18.33
CA GLU C 185 -17.79 1.90 -17.95
C GLU C 185 -16.82 1.61 -19.09
N LYS C 186 -17.32 1.16 -20.24
CA LYS C 186 -16.48 0.76 -21.36
C LYS C 186 -16.17 1.89 -22.33
N TYR C 187 -16.89 3.01 -22.24
CA TYR C 187 -16.69 4.13 -23.15
C TYR C 187 -16.39 5.42 -22.38
N SER C 188 -15.86 5.29 -21.17
CA SER C 188 -15.60 6.45 -20.33
C SER C 188 -14.55 7.37 -20.93
N GLU C 189 -13.74 6.89 -21.88
CA GLU C 189 -12.77 7.76 -22.52
C GLU C 189 -13.43 8.93 -23.25
N VAL C 190 -14.68 8.75 -23.71
CA VAL C 190 -15.34 9.80 -24.47
C VAL C 190 -16.73 10.11 -23.91
N TYR C 191 -17.28 9.23 -23.07
CA TYR C 191 -18.65 9.36 -22.60
C TYR C 191 -18.69 9.52 -21.09
N LYS C 192 -19.18 10.67 -20.63
CA LYS C 192 -19.45 10.91 -19.23
C LYS C 192 -20.36 12.13 -19.10
N ASP C 193 -21.10 12.18 -17.99
CA ASP C 193 -21.97 13.29 -17.63
C ASP C 193 -23.00 13.49 -18.73
N LYS C 194 -23.10 14.67 -19.35
CA LYS C 194 -24.15 14.96 -20.32
C LYS C 194 -23.74 14.67 -21.76
N ALA C 195 -22.86 13.69 -21.97
CA ALA C 195 -22.39 13.35 -23.30
C ALA C 195 -23.51 12.72 -24.13
N ASP C 196 -23.18 12.41 -25.39
CA ASP C 196 -24.14 11.86 -26.33
C ASP C 196 -23.69 10.48 -26.81
N LEU C 197 -24.64 9.71 -27.31
CA LEU C 197 -24.34 8.36 -27.78
C LEU C 197 -23.36 8.39 -28.96
N TYR C 198 -23.48 9.38 -29.84
CA TYR C 198 -22.59 9.43 -31.00
C TYR C 198 -21.15 9.69 -30.61
N PHE C 199 -20.88 10.10 -29.36
CA PHE C 199 -19.50 10.16 -28.89
C PHE C 199 -18.86 8.79 -28.93
N CYS C 200 -19.62 7.75 -28.54
CA CYS C 200 -19.08 6.41 -28.46
C CYS C 200 -18.88 5.81 -29.84
N PHE C 201 -19.72 6.16 -30.82
CA PHE C 201 -19.53 5.66 -32.17
C PHE C 201 -18.24 6.21 -32.79
N TYR C 202 -17.86 7.43 -32.44
CA TYR C 202 -16.56 7.95 -32.85
C TYR C 202 -15.43 7.07 -32.33
N LYS C 203 -15.48 6.73 -31.03
CA LYS C 203 -14.44 5.88 -30.45
C LYS C 203 -14.44 4.49 -31.07
N LYS C 204 -15.63 3.91 -31.26
CA LYS C 204 -15.69 2.57 -31.85
C LYS C 204 -15.15 2.57 -33.27
N ILE C 205 -15.47 3.60 -34.06
CA ILE C 205 -14.97 3.68 -35.42
C ILE C 205 -13.45 3.85 -35.42
N ILE C 206 -12.93 4.70 -34.54
CA ILE C 206 -11.49 4.91 -34.46
C ILE C 206 -10.79 3.62 -34.06
N ASP C 207 -11.36 2.90 -33.08
CA ASP C 207 -10.71 1.70 -32.57
C ASP C 207 -10.60 0.61 -33.63
N ILE C 208 -11.64 0.42 -34.44
CA ILE C 208 -11.69 -0.72 -35.35
C ILE C 208 -11.21 -0.31 -36.74
N LEU C 209 -10.57 0.85 -36.84
CA LEU C 209 -10.02 1.31 -38.10
C LEU C 209 -8.61 0.78 -38.26
N LYS C 210 -8.33 0.17 -39.42
CA LYS C 210 -7.03 -0.42 -39.67
C LYS C 210 -5.97 0.66 -39.87
N GLN C 211 -4.71 0.25 -39.73
CA GLN C 211 -3.60 1.18 -39.94
C GLN C 211 -3.59 1.67 -41.38
N GLY C 212 -3.49 2.98 -41.55
CA GLY C 212 -3.57 3.60 -42.85
C GLY C 212 -4.97 3.75 -43.40
N GLY C 213 -6.00 3.38 -42.62
CA GLY C 213 -7.36 3.48 -43.09
C GLY C 213 -7.92 4.88 -43.02
N ILE C 214 -9.11 5.05 -43.57
CA ILE C 214 -9.79 6.34 -43.64
C ILE C 214 -11.21 6.18 -43.13
N GLY C 215 -11.64 7.13 -42.32
CA GLY C 215 -13.01 7.18 -41.84
C GLY C 215 -13.66 8.52 -42.15
N SER C 216 -14.95 8.47 -42.46
CA SER C 216 -15.70 9.68 -42.78
C SER C 216 -17.14 9.49 -42.32
N VAL C 217 -17.62 10.40 -41.46
CA VAL C 217 -18.97 10.30 -40.90
C VAL C 217 -19.61 11.68 -40.89
N ILE C 218 -20.93 11.70 -40.80
CA ILE C 218 -21.69 12.92 -40.54
C ILE C 218 -22.36 12.77 -39.17
N THR C 219 -22.07 13.70 -38.28
CA THR C 219 -22.55 13.67 -36.89
C THR C 219 -23.02 15.07 -36.52
N PRO C 220 -23.58 15.29 -35.32
CA PRO C 220 -23.84 16.66 -34.90
C PRO C 220 -22.55 17.44 -34.73
N ARG C 221 -22.64 18.76 -34.94
CA ARG C 221 -21.48 19.63 -34.85
C ARG C 221 -21.13 20.02 -33.41
N TYR C 222 -21.97 19.67 -32.45
CA TYR C 222 -21.88 20.29 -31.12
C TYR C 222 -20.62 19.87 -30.37
N PHE C 223 -20.09 18.68 -30.63
CA PHE C 223 -18.90 18.22 -29.91
C PHE C 223 -17.69 19.10 -30.22
N LEU C 224 -17.73 19.89 -31.29
CA LEU C 224 -16.60 20.75 -31.63
C LEU C 224 -16.38 21.84 -30.59
N GLU C 225 -17.46 22.32 -29.96
CA GLU C 225 -17.38 23.40 -29.00
C GLU C 225 -17.90 23.06 -27.62
N SER C 226 -18.71 22.01 -27.47
CA SER C 226 -19.41 21.78 -26.22
C SER C 226 -18.46 21.30 -25.12
N LEU C 227 -18.87 21.55 -23.88
CA LEU C 227 -18.11 21.08 -22.72
C LEU C 227 -18.08 19.55 -22.67
N SER C 228 -19.21 18.91 -23.00
CA SER C 228 -19.29 17.45 -22.93
C SER C 228 -18.37 16.78 -23.96
N GLY C 229 -17.99 17.50 -25.02
CA GLY C 229 -17.14 16.94 -26.05
C GLY C 229 -15.65 17.08 -25.83
N LYS C 230 -15.22 17.56 -24.66
CA LYS C 230 -13.80 17.77 -24.43
C LYS C 230 -13.02 16.46 -24.51
N ASP C 231 -13.54 15.41 -23.88
CA ASP C 231 -12.85 14.12 -23.92
C ASP C 231 -12.86 13.53 -25.33
N LEU C 232 -13.95 13.74 -26.07
CA LEU C 232 -14.02 13.22 -27.43
C LEU C 232 -13.00 13.91 -28.34
N ARG C 233 -12.88 15.24 -28.23
CA ARG C 233 -11.92 15.96 -29.06
C ARG C 233 -10.49 15.49 -28.77
N GLU C 234 -10.15 15.30 -27.49
CA GLU C 234 -8.83 14.80 -27.15
C GLU C 234 -8.61 13.40 -27.70
N TYR C 235 -9.63 12.54 -27.63
CA TYR C 235 -9.50 11.19 -28.16
C TYR C 235 -9.28 11.21 -29.66
N ILE C 236 -10.04 12.02 -30.39
CA ILE C 236 -9.87 12.13 -31.83
C ILE C 236 -8.52 12.74 -32.17
N LYS C 237 -8.14 13.81 -31.45
CA LYS C 237 -6.92 14.54 -31.77
C LYS C 237 -5.67 13.69 -31.57
N SER C 238 -5.68 12.81 -30.57
CA SER C 238 -4.49 12.03 -30.23
C SER C 238 -4.47 10.64 -30.87
N ASN C 239 -5.44 10.31 -31.72
CA ASN C 239 -5.52 8.94 -32.24
C ASN C 239 -5.56 8.87 -33.76
N VAL C 240 -6.10 9.90 -34.42
CA VAL C 240 -6.21 9.91 -35.87
C VAL C 240 -5.75 11.27 -36.39
N ASN C 241 -5.38 11.28 -37.67
CA ASN C 241 -5.10 12.52 -38.39
C ASN C 241 -6.41 13.04 -38.97
N VAL C 242 -6.82 14.23 -38.54
CA VAL C 242 -8.05 14.82 -39.04
C VAL C 242 -7.74 15.51 -40.37
N GLN C 243 -8.34 14.99 -41.44
CA GLN C 243 -8.09 15.56 -42.76
C GLN C 243 -8.93 16.81 -43.01
N GLU C 244 -10.23 16.72 -42.75
CA GLU C 244 -11.16 17.76 -43.19
C GLU C 244 -12.36 17.80 -42.26
N ILE C 245 -12.80 19.01 -41.93
CA ILE C 245 -14.04 19.24 -41.20
C ILE C 245 -14.93 20.13 -42.06
N VAL C 246 -16.15 19.66 -42.33
CA VAL C 246 -17.15 20.44 -43.03
C VAL C 246 -18.19 20.84 -42.00
N ASP C 247 -18.16 22.11 -41.59
CA ASP C 247 -19.05 22.61 -40.54
C ASP C 247 -20.20 23.38 -41.20
N PHE C 248 -21.41 22.84 -41.08
CA PHE C 248 -22.60 23.45 -41.65
C PHE C 248 -23.23 24.48 -40.72
N LEU C 249 -22.68 24.67 -39.52
CA LEU C 249 -23.19 25.62 -38.52
C LEU C 249 -24.69 25.34 -38.32
N GLY C 250 -25.55 26.35 -38.33
CA GLY C 250 -26.97 26.18 -38.09
C GLY C 250 -27.80 25.80 -39.29
N ALA C 251 -27.17 25.39 -40.40
CA ALA C 251 -27.92 24.99 -41.58
C ALA C 251 -28.74 23.73 -41.30
N ASN C 252 -29.82 23.57 -42.06
CA ASN C 252 -30.76 22.46 -41.89
C ASN C 252 -30.47 21.42 -42.96
N ILE C 253 -29.62 20.44 -42.62
CA ILE C 253 -29.26 19.40 -43.56
C ILE C 253 -30.30 18.29 -43.60
N PHE C 254 -30.87 17.96 -42.45
CA PHE C 254 -31.90 16.93 -42.35
C PHE C 254 -33.26 17.61 -42.27
N LYS C 255 -34.10 17.35 -43.27
CA LYS C 255 -35.41 18.00 -43.34
C LYS C 255 -36.27 17.62 -42.14
N ASN C 256 -36.90 18.63 -41.54
CA ASN C 256 -37.80 18.45 -40.41
C ASN C 256 -37.11 17.80 -39.21
N ILE C 257 -35.79 17.99 -39.10
CA ILE C 257 -35.01 17.53 -37.97
C ILE C 257 -34.28 18.73 -37.37
N GLY C 258 -34.41 18.90 -36.06
CA GLY C 258 -33.79 20.02 -35.39
C GLY C 258 -32.37 19.75 -34.93
N VAL C 259 -31.48 19.44 -35.86
CA VAL C 259 -30.09 19.16 -35.55
C VAL C 259 -29.19 19.94 -36.51
N SER C 260 -28.00 20.26 -36.04
CA SER C 260 -26.96 20.87 -36.85
C SER C 260 -25.84 19.84 -37.05
N SER C 261 -25.27 19.82 -38.25
CA SER C 261 -24.45 18.70 -38.69
C SER C 261 -23.04 19.15 -39.04
N CYS C 262 -22.13 18.18 -39.10
CA CYS C 262 -20.79 18.36 -39.61
C CYS C 262 -20.30 17.03 -40.18
N ILE C 263 -19.31 17.11 -41.05
CA ILE C 263 -18.72 15.93 -41.68
C ILE C 263 -17.24 15.89 -41.29
N LEU C 264 -16.82 14.77 -40.71
CA LEU C 264 -15.46 14.60 -40.22
C LEU C 264 -14.78 13.50 -41.02
N THR C 265 -13.62 13.82 -41.61
CA THR C 265 -12.82 12.86 -42.35
C THR C 265 -11.46 12.75 -41.68
N PHE C 266 -11.06 11.52 -41.36
CA PHE C 266 -9.84 11.28 -40.61
C PHE C 266 -9.18 9.99 -41.10
N ASP C 267 -7.87 9.89 -40.87
CA ASP C 267 -7.10 8.73 -41.31
C ASP C 267 -6.15 8.31 -40.21
N LYS C 268 -5.49 7.17 -40.44
CA LYS C 268 -4.45 6.65 -39.56
C LYS C 268 -3.15 6.44 -40.34
N LYS C 269 -2.81 7.41 -41.19
CA LYS C 269 -1.63 7.31 -42.04
C LYS C 269 -0.44 7.98 -41.37
N LYS C 270 0.71 7.94 -42.06
CA LYS C 270 1.90 8.62 -41.56
C LYS C 270 1.69 10.12 -41.64
N THR C 271 1.76 10.79 -40.49
CA THR C 271 1.52 12.23 -40.45
C THR C 271 2.66 12.97 -41.14
N LYS C 272 2.29 13.87 -42.07
CA LYS C 272 3.26 14.63 -42.85
C LYS C 272 3.21 16.12 -42.54
N GLU C 273 2.05 16.75 -42.69
CA GLU C 273 1.88 18.16 -42.40
C GLU C 273 0.89 18.45 -41.29
N THR C 274 -0.10 17.56 -41.07
CA THR C 274 -1.08 17.71 -40.01
C THR C 274 -1.83 19.04 -40.11
N TYR C 275 -2.15 19.44 -41.33
CA TYR C 275 -2.93 20.65 -41.58
C TYR C 275 -4.35 20.25 -41.95
N ILE C 276 -5.31 20.66 -41.13
CA ILE C 276 -6.71 20.29 -41.30
C ILE C 276 -7.39 21.30 -42.22
N ASP C 277 -8.14 20.79 -43.20
CA ASP C 277 -8.93 21.63 -44.09
C ASP C 277 -10.31 21.83 -43.47
N VAL C 278 -10.63 23.06 -43.09
CA VAL C 278 -11.89 23.37 -42.42
C VAL C 278 -12.77 24.16 -43.38
N PHE C 279 -13.98 23.67 -43.60
CA PHE C 279 -14.99 24.35 -44.41
C PHE C 279 -16.13 24.78 -43.49
N LYS C 280 -16.25 26.08 -43.26
CA LYS C 280 -17.34 26.67 -42.49
C LYS C 280 -18.31 27.34 -43.45
N ILE C 281 -19.59 27.01 -43.33
CA ILE C 281 -20.59 27.62 -44.20
C ILE C 281 -20.73 29.10 -43.87
N LYS C 282 -20.92 29.92 -44.90
CA LYS C 282 -21.06 31.35 -44.70
C LYS C 282 -22.51 31.82 -44.63
N ASN C 283 -23.44 31.05 -45.19
CA ASN C 283 -24.86 31.37 -45.16
C ASN C 283 -25.62 30.14 -44.70
N GLU C 284 -26.22 30.23 -43.50
CA GLU C 284 -26.95 29.10 -42.94
C GLU C 284 -28.29 28.86 -43.64
N ASP C 285 -28.71 29.76 -44.53
CA ASP C 285 -30.03 29.68 -45.16
C ASP C 285 -30.07 28.79 -46.38
N ILE C 286 -28.96 28.16 -46.76
CA ILE C 286 -28.93 27.39 -48.00
C ILE C 286 -29.73 26.10 -47.83
N CYS C 287 -30.34 25.65 -48.93
CA CYS C 287 -31.04 24.38 -48.99
C CYS C 287 -30.13 23.34 -49.62
N ILE C 288 -29.91 22.23 -48.92
CA ILE C 288 -28.91 21.26 -49.36
C ILE C 288 -29.33 20.56 -50.66
N ASN C 289 -30.63 20.37 -50.87
CA ASN C 289 -31.12 19.62 -52.01
C ASN C 289 -31.14 20.43 -53.30
N LYS C 290 -30.73 21.70 -53.27
CA LYS C 290 -30.69 22.53 -54.45
C LYS C 290 -29.36 22.46 -55.19
N PHE C 291 -28.44 21.61 -54.73
CA PHE C 291 -27.10 21.51 -55.32
C PHE C 291 -26.86 20.08 -55.77
N GLU C 292 -26.27 19.94 -56.97
CA GLU C 292 -26.03 18.62 -57.54
C GLU C 292 -24.86 17.90 -56.88
N THR C 293 -23.89 18.63 -56.34
CA THR C 293 -22.76 18.04 -55.64
C THR C 293 -22.43 18.89 -54.41
N LEU C 294 -21.79 18.26 -53.42
CA LEU C 294 -21.32 19.01 -52.27
C LEU C 294 -20.08 19.81 -52.59
N GLU C 295 -19.25 19.33 -53.53
CA GLU C 295 -18.05 20.07 -53.92
C GLU C 295 -18.39 21.41 -54.54
N GLU C 296 -19.54 21.50 -55.22
CA GLU C 296 -19.99 22.78 -55.75
C GLU C 296 -20.19 23.80 -54.63
N LEU C 297 -20.76 23.34 -53.51
CA LEU C 297 -20.94 24.22 -52.36
C LEU C 297 -19.60 24.61 -51.74
N LEU C 298 -18.73 23.64 -51.52
CA LEU C 298 -17.46 23.91 -50.85
C LEU C 298 -16.56 24.82 -51.68
N LYS C 299 -16.48 24.57 -52.99
CA LYS C 299 -15.66 25.38 -53.87
C LYS C 299 -16.26 26.76 -54.15
N SER C 300 -17.51 27.00 -53.77
CA SER C 300 -18.17 28.26 -54.06
C SER C 300 -17.91 29.28 -52.96
N SER C 301 -18.47 30.48 -53.14
CA SER C 301 -18.36 31.54 -52.16
C SER C 301 -19.18 31.26 -50.90
N LYS C 302 -20.08 30.28 -50.93
CA LYS C 302 -20.95 30.01 -49.79
C LYS C 302 -20.22 29.31 -48.65
N PHE C 303 -18.97 28.90 -48.85
CA PHE C 303 -18.16 28.26 -47.83
C PHE C 303 -16.83 28.98 -47.72
N GLU C 304 -16.35 29.15 -46.48
CA GLU C 304 -15.03 29.69 -46.22
C GLU C 304 -14.09 28.56 -45.85
N HIS C 305 -12.86 28.62 -46.35
CA HIS C 305 -11.86 27.60 -46.10
C HIS C 305 -10.63 28.21 -45.43
N PHE C 306 -10.08 27.47 -44.47
CA PHE C 306 -8.81 27.84 -43.85
C PHE C 306 -8.18 26.57 -43.27
N ASN C 307 -6.89 26.66 -42.98
CA ASN C 307 -6.12 25.54 -42.46
C ASN C 307 -5.93 25.67 -40.96
N ILE C 308 -5.98 24.53 -40.27
CA ILE C 308 -5.75 24.46 -38.83
C ILE C 308 -4.66 23.43 -38.56
N ASN C 309 -3.64 23.83 -37.82
CA ASN C 309 -2.57 22.91 -37.43
C ASN C 309 -3.08 22.03 -36.30
N GLN C 310 -3.15 20.70 -36.54
CA GLN C 310 -3.66 19.79 -35.53
C GLN C 310 -2.77 19.75 -34.30
N ARG C 311 -1.45 19.84 -34.51
CA ARG C 311 -0.52 19.84 -33.38
C ARG C 311 -0.69 21.06 -32.48
N LEU C 312 -1.30 22.13 -32.99
CA LEU C 312 -1.50 23.35 -32.23
C LEU C 312 -2.84 23.40 -31.52
N LEU C 313 -3.69 22.39 -31.70
CA LEU C 313 -4.98 22.35 -31.01
C LEU C 313 -4.79 22.05 -29.53
N SER C 314 -5.48 22.82 -28.69
CA SER C 314 -5.53 22.56 -27.26
C SER C 314 -6.74 21.67 -26.96
N ASP C 315 -7.13 21.57 -25.69
CA ASP C 315 -8.37 20.88 -25.36
C ASP C 315 -9.59 21.53 -25.99
N GLU C 316 -9.50 22.79 -26.39
CA GLU C 316 -10.55 23.49 -27.11
C GLU C 316 -10.11 23.71 -28.55
N TRP C 317 -10.99 23.36 -29.49
CA TRP C 317 -10.69 23.48 -30.92
C TRP C 317 -11.21 24.82 -31.41
N ILE C 318 -10.32 25.81 -31.50
CA ILE C 318 -10.68 27.14 -31.98
C ILE C 318 -10.44 27.12 -33.50
N LEU C 319 -11.50 26.83 -34.24
CA LEU C 319 -11.41 26.68 -35.70
C LEU C 319 -11.83 28.01 -36.34
N VAL C 320 -10.87 28.92 -36.45
CA VAL C 320 -11.08 30.24 -37.02
C VAL C 320 -9.92 30.56 -37.96
N ASN C 321 -10.09 31.62 -38.75
CA ASN C 321 -9.05 32.07 -39.64
C ASN C 321 -8.02 32.91 -38.87
N LYS C 322 -6.98 33.34 -39.59
CA LYS C 322 -5.88 34.05 -38.94
C LYS C 322 -6.34 35.40 -38.39
N ASP C 323 -7.26 36.08 -39.08
CA ASP C 323 -7.75 37.36 -38.60
C ASP C 323 -8.47 37.21 -37.26
N ASP C 324 -9.32 36.19 -37.13
CA ASP C 324 -10.04 35.97 -35.88
C ASP C 324 -9.09 35.48 -34.78
N GLU C 325 -8.11 34.66 -35.14
CA GLU C 325 -7.17 34.16 -34.14
C GLU C 325 -6.38 35.31 -33.52
N THR C 326 -5.91 36.24 -34.35
CA THR C 326 -5.22 37.42 -33.83
C THR C 326 -6.17 38.29 -33.01
N PHE C 327 -7.39 38.48 -33.51
CA PHE C 327 -8.38 39.27 -32.77
C PHE C 327 -8.72 38.63 -31.44
N TYR C 328 -8.92 37.31 -31.44
CA TYR C 328 -9.24 36.59 -30.20
C TYR C 328 -8.08 36.66 -29.21
N ASN C 329 -6.86 36.39 -29.69
CA ASN C 329 -5.72 36.34 -28.79
C ASN C 329 -5.36 37.72 -28.25
N LYS C 330 -5.62 38.78 -29.04
CA LYS C 330 -5.31 40.13 -28.58
C LYS C 330 -6.16 40.51 -27.37
N ILE C 331 -7.45 40.15 -27.40
CA ILE C 331 -8.33 40.45 -26.27
C ILE C 331 -7.95 39.61 -25.06
N GLN C 332 -7.55 38.35 -25.29
CA GLN C 332 -7.25 37.44 -24.19
C GLN C 332 -6.08 37.94 -23.34
N GLU C 333 -5.01 38.40 -23.99
CA GLU C 333 -3.84 38.85 -23.24
C GLU C 333 -4.09 40.19 -22.57
N LYS C 334 -4.79 41.10 -23.26
CA LYS C 334 -4.97 42.44 -22.73
C LYS C 334 -5.84 42.45 -21.47
N CYS C 335 -6.87 41.61 -21.43
CA CYS C 335 -7.79 41.60 -20.30
C CYS C 335 -7.18 40.84 -19.13
N LYS C 336 -7.18 41.47 -17.95
CA LYS C 336 -6.62 40.87 -16.75
C LYS C 336 -7.66 40.16 -15.88
N TYR C 337 -8.95 40.24 -16.25
CA TYR C 337 -10.02 39.65 -15.46
C TYR C 337 -10.86 38.74 -16.34
N SER C 338 -11.68 37.91 -15.69
CA SER C 338 -12.74 37.17 -16.34
C SER C 338 -14.02 37.36 -15.54
N LEU C 339 -15.15 37.08 -16.19
CA LEU C 339 -16.43 37.22 -15.49
C LEU C 339 -16.53 36.27 -14.31
N GLU C 340 -15.93 35.09 -14.41
CA GLU C 340 -15.93 34.15 -13.29
C GLU C 340 -15.17 34.72 -12.10
N ASP C 341 -14.13 35.51 -12.35
CA ASP C 341 -13.35 36.09 -11.26
C ASP C 341 -14.18 37.07 -10.43
N ILE C 342 -15.02 37.87 -11.08
CA ILE C 342 -15.67 39.00 -10.43
C ILE C 342 -17.14 38.79 -10.14
N ALA C 343 -17.76 37.71 -10.63
CA ALA C 343 -19.20 37.55 -10.56
C ALA C 343 -19.58 36.18 -10.02
N ILE C 344 -20.77 36.12 -9.41
CA ILE C 344 -21.38 34.88 -8.97
C ILE C 344 -22.46 34.53 -9.98
N SER C 345 -22.27 33.42 -10.71
CA SER C 345 -23.20 32.98 -11.72
C SER C 345 -24.15 31.92 -11.16
N PHE C 346 -25.37 31.88 -11.70
CA PHE C 346 -26.31 30.84 -11.30
C PHE C 346 -27.39 30.69 -12.36
N GLN C 347 -27.91 29.46 -12.46
CA GLN C 347 -29.01 29.12 -13.35
C GLN C 347 -30.35 29.49 -12.70
N GLY C 348 -31.37 29.60 -13.53
CA GLY C 348 -32.68 30.02 -13.08
C GLY C 348 -33.44 28.92 -12.34
N ILE C 349 -34.66 29.28 -11.91
CA ILE C 349 -35.53 28.34 -11.24
C ILE C 349 -35.91 27.20 -12.18
N ILE C 350 -35.87 25.98 -11.67
CA ILE C 350 -36.39 24.81 -12.38
C ILE C 350 -37.52 24.25 -11.54
N THR C 351 -38.76 24.55 -11.92
CA THR C 351 -39.91 24.12 -11.13
C THR C 351 -40.16 22.62 -11.29
N GLY C 352 -39.82 22.05 -12.44
CA GLY C 352 -40.13 20.68 -12.77
C GLY C 352 -41.45 20.51 -13.50
N CYS C 353 -42.37 21.46 -13.36
CA CYS C 353 -43.60 21.48 -14.16
C CYS C 353 -44.10 22.93 -14.16
N ASP C 354 -43.81 23.65 -15.25
CA ASP C 354 -44.10 25.08 -15.26
C ASP C 354 -45.60 25.38 -15.20
N LYS C 355 -46.42 24.52 -15.80
CA LYS C 355 -47.86 24.78 -15.84
C LYS C 355 -48.50 24.75 -14.45
N ALA C 356 -47.80 24.22 -13.45
CA ALA C 356 -48.35 24.16 -12.10
C ALA C 356 -47.97 25.36 -11.24
N PHE C 357 -46.93 26.12 -11.63
CA PHE C 357 -46.43 27.20 -10.80
C PHE C 357 -46.41 28.56 -11.48
N ILE C 358 -46.57 28.63 -12.81
CA ILE C 358 -46.45 29.87 -13.55
C ILE C 358 -47.83 30.27 -14.05
N LEU C 359 -48.23 31.50 -13.75
CA LEU C 359 -49.52 32.03 -14.18
C LEU C 359 -49.33 33.38 -14.86
N SER C 360 -50.18 33.66 -15.83
CA SER C 360 -50.22 34.98 -16.43
C SER C 360 -50.64 36.00 -15.39
N LYS C 361 -50.00 37.18 -15.42
CA LYS C 361 -50.23 38.17 -14.36
C LYS C 361 -51.67 38.68 -14.35
N ASP C 362 -52.43 38.45 -15.42
CA ASP C 362 -53.84 38.79 -15.47
C ASP C 362 -54.76 37.63 -15.12
N ASP C 363 -54.20 36.49 -14.72
CA ASP C 363 -55.01 35.32 -14.42
C ASP C 363 -55.83 35.54 -13.15
N VAL C 364 -57.11 35.16 -13.21
CA VAL C 364 -58.01 35.40 -12.08
C VAL C 364 -57.67 34.47 -10.92
N LYS C 365 -57.05 33.31 -11.19
CA LYS C 365 -56.69 32.40 -10.11
C LYS C 365 -55.58 32.96 -9.23
N LEU C 366 -54.92 34.04 -9.64
CA LEU C 366 -53.95 34.72 -8.78
C LEU C 366 -54.62 35.37 -7.57
N ASN C 367 -55.95 35.50 -7.56
CA ASN C 367 -56.65 35.95 -6.36
C ASN C 367 -56.55 34.93 -5.22
N LEU C 368 -56.23 33.68 -5.53
CA LEU C 368 -56.10 32.64 -4.52
C LEU C 368 -54.73 32.64 -3.84
N VAL C 369 -53.76 33.38 -4.37
CA VAL C 369 -52.38 33.35 -3.90
C VAL C 369 -52.06 34.67 -3.21
N ASP C 370 -51.59 34.59 -1.98
CA ASP C 370 -51.10 35.78 -1.28
C ASP C 370 -49.90 36.35 -2.03
N ASP C 371 -49.82 37.68 -2.08
CA ASP C 371 -48.78 38.34 -2.85
C ASP C 371 -47.38 38.05 -2.33
N LYS C 372 -47.25 37.59 -1.08
CA LYS C 372 -45.93 37.25 -0.55
C LYS C 372 -45.33 36.03 -1.24
N PHE C 373 -46.16 35.19 -1.86
CA PHE C 373 -45.68 34.02 -2.57
C PHE C 373 -45.39 34.28 -4.05
N LEU C 374 -45.78 35.44 -4.56
CA LEU C 374 -45.74 35.70 -6.00
C LEU C 374 -44.46 36.45 -6.37
N LYS C 375 -43.75 35.92 -7.37
CA LYS C 375 -42.54 36.55 -7.90
C LYS C 375 -42.75 36.87 -9.37
N CYS C 376 -42.09 37.94 -9.83
CA CYS C 376 -42.12 38.28 -11.25
C CYS C 376 -41.32 37.24 -12.05
N TRP C 377 -41.89 36.81 -13.17
CA TRP C 377 -41.37 35.71 -13.96
C TRP C 377 -41.17 36.19 -15.39
N ILE C 378 -39.93 36.07 -15.89
CA ILE C 378 -39.61 36.51 -17.25
C ILE C 378 -39.10 35.31 -18.04
N LYS C 379 -39.23 35.41 -19.35
CA LYS C 379 -38.70 34.44 -20.31
C LYS C 379 -37.54 35.05 -21.06
N SER C 380 -36.90 34.22 -21.90
CA SER C 380 -35.78 34.69 -22.70
C SER C 380 -36.19 35.79 -23.68
N LYS C 381 -37.48 35.85 -24.04
CA LYS C 381 -37.96 36.93 -24.90
C LYS C 381 -37.70 38.29 -24.29
N ASN C 382 -37.85 38.41 -22.97
CA ASN C 382 -37.89 39.71 -22.32
C ASN C 382 -36.53 40.37 -22.22
N ILE C 383 -35.44 39.64 -22.41
CA ILE C 383 -34.11 40.20 -22.27
C ILE C 383 -33.74 40.93 -23.56
N ASN C 384 -33.49 42.23 -23.45
CA ASN C 384 -32.88 43.03 -24.50
C ASN C 384 -31.49 43.46 -24.05
N LYS C 385 -30.84 44.28 -24.87
CA LYS C 385 -29.59 44.89 -24.44
C LYS C 385 -29.89 45.96 -23.39
N TYR C 386 -29.21 45.86 -22.25
CA TYR C 386 -29.20 46.82 -21.15
C TYR C 386 -30.45 46.84 -20.26
N ILE C 387 -31.55 46.22 -20.68
CA ILE C 387 -32.81 46.31 -19.94
C ILE C 387 -33.67 45.09 -20.23
N VAL C 388 -34.61 44.84 -19.30
CA VAL C 388 -35.51 43.70 -19.37
C VAL C 388 -36.93 44.23 -19.58
N ASP C 389 -37.69 43.55 -20.43
CA ASP C 389 -39.10 43.86 -20.60
C ASP C 389 -39.87 43.58 -19.32
N LYS C 390 -40.95 44.34 -19.11
CA LYS C 390 -41.82 44.10 -17.97
C LYS C 390 -42.38 42.68 -18.03
N SER C 391 -42.40 42.01 -16.89
CA SER C 391 -42.82 40.61 -16.84
C SER C 391 -44.33 40.49 -17.05
N GLU C 392 -44.72 39.48 -17.81
CA GLU C 392 -46.13 39.17 -18.05
C GLU C 392 -46.62 37.98 -17.26
N TYR C 393 -45.73 37.30 -16.52
CA TYR C 393 -46.08 36.10 -15.78
C TYR C 393 -45.70 36.26 -14.31
N ARG C 394 -46.24 35.37 -13.49
CA ARG C 394 -45.94 35.31 -12.06
C ARG C 394 -45.56 33.89 -11.68
N LEU C 395 -44.62 33.76 -10.77
CA LEU C 395 -44.19 32.49 -10.23
C LEU C 395 -44.75 32.33 -8.82
N ILE C 396 -45.37 31.18 -8.55
CA ILE C 396 -45.81 30.82 -7.20
C ILE C 396 -44.63 30.13 -6.54
N TYR C 397 -43.92 30.86 -5.68
CA TYR C 397 -42.76 30.30 -5.00
C TYR C 397 -43.26 29.42 -3.85
N SER C 398 -43.69 28.21 -4.21
CA SER C 398 -44.38 27.32 -3.29
C SER C 398 -43.50 26.82 -2.15
N ASN C 399 -42.19 26.99 -2.23
CA ASN C 399 -41.31 26.57 -1.14
C ASN C 399 -41.56 27.36 0.14
N ASP C 400 -42.22 28.52 0.05
CA ASP C 400 -42.52 29.33 1.21
C ASP C 400 -43.81 28.93 1.90
N ILE C 401 -44.48 27.88 1.41
CA ILE C 401 -45.62 27.30 2.09
C ILE C 401 -45.09 26.24 3.05
N ASP C 402 -45.34 26.44 4.35
CA ASP C 402 -44.72 25.60 5.37
C ASP C 402 -45.19 24.15 5.25
N ASN C 403 -46.50 23.95 5.17
CA ASN C 403 -47.07 22.60 5.10
C ASN C 403 -48.35 22.65 4.26
N GLU C 404 -48.94 21.47 4.05
CA GLU C 404 -50.11 21.37 3.18
C GLU C 404 -51.38 21.92 3.81
N ASN C 405 -51.40 22.09 5.13
CA ASN C 405 -52.64 22.47 5.81
C ASN C 405 -52.82 23.97 5.98
N THR C 406 -51.75 24.75 5.88
CA THR C 406 -51.87 26.20 6.08
C THR C 406 -52.53 26.89 4.89
N ASN C 407 -52.15 26.52 3.67
CA ASN C 407 -52.58 27.21 2.45
C ASN C 407 -53.19 26.23 1.46
N LYS C 408 -54.16 25.43 1.94
CA LYS C 408 -54.73 24.35 1.12
C LYS C 408 -55.28 24.86 -0.20
N ARG C 409 -55.80 26.09 -0.23
CA ARG C 409 -56.49 26.58 -1.43
C ARG C 409 -55.55 26.65 -2.63
N ILE C 410 -54.31 27.10 -2.42
CA ILE C 410 -53.35 27.18 -3.51
C ILE C 410 -53.03 25.78 -4.04
N LEU C 411 -52.79 24.84 -3.12
CA LEU C 411 -52.42 23.49 -3.53
C LEU C 411 -53.57 22.79 -4.25
N ASP C 412 -54.80 22.95 -3.75
CA ASP C 412 -55.92 22.23 -4.34
C ASP C 412 -56.32 22.80 -5.69
N GLU C 413 -56.28 24.13 -5.85
CA GLU C 413 -56.86 24.76 -7.03
C GLU C 413 -55.85 25.10 -8.12
N ILE C 414 -54.56 25.18 -7.79
CA ILE C 414 -53.57 25.58 -8.80
C ILE C 414 -52.50 24.51 -8.98
N ILE C 415 -51.73 24.26 -7.91
CA ILE C 415 -50.58 23.37 -8.03
C ILE C 415 -51.02 21.92 -8.19
N GLY C 416 -52.07 21.52 -7.47
CA GLY C 416 -52.48 20.12 -7.47
C GLY C 416 -53.14 19.65 -8.76
N LEU C 417 -53.40 20.56 -9.69
CA LEU C 417 -53.93 20.15 -10.99
C LEU C 417 -52.93 19.28 -11.76
N TYR C 418 -51.66 19.33 -11.39
CA TYR C 418 -50.62 18.51 -12.00
C TYR C 418 -49.90 17.67 -10.96
N LYS C 419 -50.64 17.20 -9.95
CA LYS C 419 -50.02 16.53 -8.82
C LYS C 419 -49.33 15.24 -9.25
N THR C 420 -49.94 14.48 -10.14
CA THR C 420 -49.33 13.23 -10.60
C THR C 420 -48.00 13.48 -11.30
N LYS C 421 -47.95 14.51 -12.15
CA LYS C 421 -46.68 14.87 -12.79
C LYS C 421 -45.65 15.30 -11.76
N LEU C 422 -46.06 16.09 -10.77
CA LEU C 422 -45.13 16.57 -9.76
C LEU C 422 -44.60 15.42 -8.90
N GLU C 423 -45.46 14.45 -8.57
CA GLU C 423 -45.03 13.32 -7.77
C GLU C 423 -44.04 12.42 -8.50
N ASN C 424 -43.96 12.52 -9.82
CA ASN C 424 -43.05 11.69 -10.61
C ASN C 424 -41.66 12.29 -10.72
N ARG C 425 -41.44 13.50 -10.20
CA ARG C 425 -40.12 14.08 -10.22
C ARG C 425 -39.19 13.32 -9.28
N ARG C 426 -37.89 13.30 -9.63
CA ARG C 426 -36.95 12.41 -8.97
C ARG C 426 -36.86 12.69 -7.47
N GLU C 427 -36.72 13.97 -7.10
CA GLU C 427 -36.56 14.32 -5.70
C GLU C 427 -37.83 14.09 -4.90
N CYS C 428 -38.99 14.05 -5.56
CA CYS C 428 -40.22 13.68 -4.85
C CYS C 428 -40.27 12.18 -4.60
N LYS C 429 -39.86 11.37 -5.57
CA LYS C 429 -39.85 9.93 -5.38
C LYS C 429 -38.89 9.51 -4.27
N SER C 430 -37.75 10.21 -4.15
CA SER C 430 -36.81 9.94 -3.07
C SER C 430 -37.26 10.50 -1.72
N GLY C 431 -38.29 11.34 -1.71
CA GLY C 431 -38.85 11.84 -0.47
C GLY C 431 -38.22 13.09 0.09
N ILE C 432 -37.18 13.64 -0.54
CA ILE C 432 -36.56 14.85 -0.02
C ILE C 432 -37.26 16.11 -0.49
N ARG C 433 -38.18 16.01 -1.45
CA ARG C 433 -38.93 17.14 -1.97
C ARG C 433 -40.42 16.86 -1.84
N LYS C 434 -41.16 17.82 -1.28
CA LYS C 434 -42.61 17.69 -1.23
C LYS C 434 -43.21 17.85 -2.62
N TRP C 435 -44.37 17.23 -2.82
CA TRP C 435 -44.95 17.19 -4.17
C TRP C 435 -45.29 18.57 -4.68
N TYR C 436 -45.67 19.50 -3.79
CA TYR C 436 -46.06 20.83 -4.21
C TYR C 436 -44.89 21.81 -4.29
N GLU C 437 -43.70 21.41 -3.89
CA GLU C 437 -42.55 22.31 -3.89
C GLU C 437 -41.91 22.38 -5.27
N LEU C 438 -41.23 23.49 -5.53
CA LEU C 438 -40.44 23.62 -6.74
C LEU C 438 -39.29 22.61 -6.70
N GLN C 439 -38.98 22.01 -7.86
CA GLN C 439 -37.95 20.99 -7.90
C GLN C 439 -36.58 21.56 -7.54
N TRP C 440 -36.21 22.70 -8.15
CA TRP C 440 -34.98 23.40 -7.83
C TRP C 440 -35.32 24.88 -7.64
N GLY C 441 -35.58 25.25 -6.39
CA GLY C 441 -35.99 26.61 -6.05
C GLY C 441 -34.86 27.60 -5.86
N ARG C 442 -33.62 27.14 -5.88
CA ARG C 442 -32.43 27.99 -5.79
C ARG C 442 -32.49 28.79 -4.49
N GLU C 443 -31.96 30.00 -4.50
CA GLU C 443 -31.97 30.90 -3.35
C GLU C 443 -32.61 32.22 -3.75
N LYS C 444 -33.67 32.62 -3.03
CA LYS C 444 -34.36 33.86 -3.36
C LYS C 444 -33.43 35.06 -3.28
N LEU C 445 -32.54 35.07 -2.29
CA LEU C 445 -31.63 36.19 -2.09
C LEU C 445 -30.75 36.44 -3.32
N PHE C 446 -30.53 35.43 -4.16
CA PHE C 446 -29.78 35.65 -5.38
C PHE C 446 -30.61 36.39 -6.42
N PHE C 447 -31.89 36.04 -6.56
CA PHE C 447 -32.75 36.67 -7.56
C PHE C 447 -33.20 38.06 -7.12
N GLU C 448 -33.52 38.23 -5.83
CA GLU C 448 -34.11 39.47 -5.35
C GLU C 448 -33.05 40.50 -4.99
N ARG C 449 -32.29 40.89 -6.01
CA ARG C 449 -31.23 41.87 -5.88
C ARG C 449 -30.92 42.42 -7.27
N LYS C 450 -30.16 43.50 -7.31
CA LYS C 450 -29.69 44.04 -8.58
C LYS C 450 -28.72 43.04 -9.21
N LYS C 451 -28.93 42.73 -10.49
CA LYS C 451 -28.13 41.71 -11.15
C LYS C 451 -28.25 41.89 -12.67
N ILE C 452 -27.45 41.11 -13.39
CA ILE C 452 -27.46 41.08 -14.84
C ILE C 452 -28.05 39.75 -15.29
N MET C 453 -28.92 39.80 -16.31
CA MET C 453 -29.56 38.62 -16.85
C MET C 453 -29.36 38.57 -18.37
N TYR C 454 -29.33 37.37 -18.92
CA TYR C 454 -29.13 37.19 -20.36
C TYR C 454 -29.80 35.89 -20.78
N PRO C 455 -30.37 35.84 -21.99
CA PRO C 455 -31.02 34.61 -22.45
C PRO C 455 -30.04 33.48 -22.66
N TYR C 456 -30.52 32.25 -22.45
CA TYR C 456 -29.65 31.08 -22.58
C TYR C 456 -29.38 30.70 -24.03
N LYS C 457 -30.21 31.17 -24.96
CA LYS C 457 -30.01 30.92 -26.38
C LYS C 457 -30.43 32.18 -27.13
N SER C 458 -29.54 32.71 -27.96
CA SER C 458 -29.78 34.00 -28.60
C SER C 458 -28.94 34.11 -29.85
N ASN C 459 -29.29 35.08 -30.68
CA ASN C 459 -28.52 35.40 -31.89
C ASN C 459 -27.38 36.37 -31.62
N GLU C 460 -27.37 37.03 -30.46
CA GLU C 460 -26.40 38.09 -30.18
C GLU C 460 -26.28 38.26 -28.68
N ASN C 461 -25.28 39.07 -28.29
CA ASN C 461 -25.10 39.40 -26.88
C ASN C 461 -26.26 40.27 -26.41
N ARG C 462 -27.00 39.78 -25.41
CA ARG C 462 -28.11 40.52 -24.81
C ARG C 462 -27.96 40.40 -23.29
N PHE C 463 -27.18 41.32 -22.71
CA PHE C 463 -26.96 41.36 -21.27
C PHE C 463 -27.67 42.59 -20.71
N ALA C 464 -28.57 42.37 -19.76
CA ALA C 464 -29.44 43.41 -19.25
C ALA C 464 -29.34 43.49 -17.73
N ILE C 465 -29.43 44.71 -17.22
CA ILE C 465 -29.52 44.93 -15.78
C ILE C 465 -30.97 44.75 -15.34
N ASP C 466 -31.18 43.92 -14.31
CA ASP C 466 -32.50 43.69 -13.76
C ASP C 466 -32.65 44.52 -12.49
N TYR C 467 -33.63 45.44 -12.49
CA TYR C 467 -33.92 46.29 -11.35
C TYR C 467 -35.15 45.83 -10.57
N ASP C 468 -35.86 44.81 -11.06
CA ASP C 468 -37.20 44.49 -10.56
C ASP C 468 -37.27 43.14 -9.85
N ASN C 469 -36.13 42.57 -9.47
CA ASN C 469 -36.08 41.26 -8.78
C ASN C 469 -36.79 40.19 -9.61
N ASN C 470 -36.46 40.13 -10.90
CA ASN C 470 -37.11 39.16 -11.79
C ASN C 470 -36.61 37.75 -11.52
N PHE C 471 -37.55 36.81 -11.40
CA PHE C 471 -37.24 35.40 -11.44
C PHE C 471 -37.40 34.88 -12.86
N SER C 472 -36.73 33.76 -13.13
CA SER C 472 -36.75 33.19 -14.48
C SER C 472 -36.54 31.68 -14.38
N SER C 473 -36.88 31.00 -15.48
CA SER C 473 -36.56 29.58 -15.61
C SER C 473 -35.12 29.44 -16.05
N ALA C 474 -34.74 28.23 -16.49
CA ALA C 474 -33.38 27.99 -16.95
C ALA C 474 -33.12 28.53 -18.35
N ASP C 475 -34.11 29.18 -18.97
CA ASP C 475 -33.89 29.83 -20.26
C ASP C 475 -33.26 31.21 -20.11
N VAL C 476 -33.07 31.69 -18.89
CA VAL C 476 -32.40 32.95 -18.62
C VAL C 476 -31.38 32.71 -17.51
N TYR C 477 -30.15 33.14 -17.72
CA TYR C 477 -29.10 33.05 -16.71
C TYR C 477 -28.87 34.40 -16.05
N SER C 478 -28.33 34.37 -14.84
CA SER C 478 -28.11 35.58 -14.05
C SER C 478 -26.73 35.54 -13.42
N PHE C 479 -26.20 36.73 -13.14
CA PHE C 479 -25.03 36.86 -12.28
C PHE C 479 -25.05 38.21 -11.59
N PHE C 480 -24.35 38.29 -10.47
CA PHE C 480 -24.16 39.54 -9.76
C PHE C 480 -22.69 39.68 -9.39
N ILE C 481 -22.24 40.92 -9.25
CA ILE C 481 -20.84 41.19 -8.96
C ILE C 481 -20.53 40.85 -7.52
N LYS C 482 -19.35 40.25 -7.29
CA LYS C 482 -18.91 39.96 -5.94
C LYS C 482 -18.69 41.25 -5.17
N GLU C 483 -18.90 41.17 -3.85
CA GLU C 483 -18.81 42.37 -3.01
C GLU C 483 -17.42 42.99 -3.07
N GLU C 484 -16.37 42.16 -3.09
CA GLU C 484 -15.01 42.68 -3.15
C GLU C 484 -14.68 43.33 -4.48
N TYR C 485 -15.48 43.11 -5.52
CA TYR C 485 -15.23 43.68 -6.83
C TYR C 485 -16.16 44.85 -7.17
N LEU C 486 -16.98 45.29 -6.21
CA LEU C 486 -17.91 46.38 -6.49
C LEU C 486 -17.19 47.71 -6.66
N ASP C 487 -16.05 47.90 -6.00
CA ASP C 487 -15.30 49.13 -6.15
C ASP C 487 -14.47 49.17 -7.43
N LYS C 488 -14.42 48.09 -8.19
CA LYS C 488 -13.72 48.03 -9.46
C LYS C 488 -14.64 47.98 -10.67
N PHE C 489 -15.76 47.26 -10.57
CA PHE C 489 -16.67 47.10 -11.70
C PHE C 489 -18.09 47.43 -11.28
N SER C 490 -18.85 48.03 -12.20
CA SER C 490 -20.25 48.34 -12.00
C SER C 490 -21.08 47.57 -13.01
N TYR C 491 -22.37 47.43 -12.71
CA TYR C 491 -23.28 46.77 -13.63
C TYR C 491 -23.43 47.55 -14.93
N GLU C 492 -23.47 48.89 -14.81
CA GLU C 492 -23.58 49.73 -16.00
C GLU C 492 -22.38 49.56 -16.93
N TYR C 493 -21.18 49.50 -16.35
CA TYR C 493 -19.98 49.30 -17.17
C TYR C 493 -19.99 47.91 -17.81
N LEU C 494 -20.40 46.89 -17.07
CA LEU C 494 -20.34 45.52 -17.58
C LEU C 494 -21.28 45.33 -18.77
N VAL C 495 -22.53 45.76 -18.63
CA VAL C 495 -23.46 45.63 -19.76
C VAL C 495 -23.01 46.49 -20.93
N GLY C 496 -22.26 47.56 -20.66
CA GLY C 496 -21.74 48.38 -21.74
C GLY C 496 -20.76 47.62 -22.61
N ILE C 497 -19.82 46.92 -22.00
CA ILE C 497 -18.82 46.22 -22.81
C ILE C 497 -19.36 44.89 -23.31
N LEU C 498 -20.22 44.23 -22.53
CA LEU C 498 -20.72 42.92 -22.94
C LEU C 498 -21.64 43.00 -24.15
N ASN C 499 -22.40 44.09 -24.28
CA ASN C 499 -23.31 44.28 -25.40
C ASN C 499 -22.64 44.92 -26.60
N SER C 500 -21.36 45.22 -26.52
CA SER C 500 -20.68 45.92 -27.60
C SER C 500 -20.44 45.01 -28.80
N SER C 501 -20.20 45.64 -29.95
CA SER C 501 -19.88 44.88 -31.16
C SER C 501 -18.59 44.10 -30.99
N VAL C 502 -17.63 44.66 -30.24
CA VAL C 502 -16.35 43.98 -30.02
C VAL C 502 -16.57 42.67 -29.25
N TYR C 503 -17.33 42.74 -28.16
CA TYR C 503 -17.55 41.55 -27.35
C TYR C 503 -18.56 40.59 -27.98
N ASP C 504 -19.43 41.09 -28.86
CA ASP C 504 -20.32 40.19 -29.59
C ASP C 504 -19.54 39.28 -30.52
N LYS C 505 -18.59 39.85 -31.27
CA LYS C 505 -17.71 39.05 -32.11
C LYS C 505 -16.77 38.19 -31.27
N TYR C 506 -16.31 38.73 -30.14
CA TYR C 506 -15.37 38.01 -29.27
C TYR C 506 -16.00 36.74 -28.71
N PHE C 507 -17.24 36.81 -28.24
CA PHE C 507 -17.89 35.63 -27.67
C PHE C 507 -18.13 34.55 -28.73
N LYS C 508 -18.61 34.95 -29.91
CA LYS C 508 -19.02 33.99 -30.92
C LYS C 508 -17.86 33.25 -31.56
N ILE C 509 -16.61 33.67 -31.31
CA ILE C 509 -15.46 32.95 -31.85
C ILE C 509 -15.42 31.53 -31.27
N THR C 510 -15.72 31.39 -29.99
CA THR C 510 -15.68 30.09 -29.32
C THR C 510 -17.06 29.60 -28.89
N ALA C 511 -18.12 30.35 -29.17
CA ALA C 511 -19.45 30.00 -28.69
C ALA C 511 -19.96 28.74 -29.39
N LYS C 512 -20.93 28.09 -28.75
CA LYS C 512 -21.50 26.84 -29.22
C LYS C 512 -22.69 27.15 -30.13
N LYS C 513 -22.56 26.82 -31.41
CA LYS C 513 -23.62 27.08 -32.38
C LYS C 513 -24.66 25.97 -32.30
N MET C 514 -25.90 26.34 -32.01
CA MET C 514 -26.97 25.37 -31.76
C MET C 514 -27.86 25.16 -32.98
N SER C 515 -28.49 26.22 -33.46
CA SER C 515 -29.35 26.15 -34.63
C SER C 515 -29.16 27.44 -35.43
N LYS C 516 -29.96 27.63 -36.47
CA LYS C 516 -29.85 28.82 -37.29
C LYS C 516 -30.03 30.07 -36.44
N ASN C 517 -29.02 30.93 -36.45
CA ASN C 517 -29.03 32.21 -35.73
C ASN C 517 -29.18 32.03 -34.22
N ILE C 518 -28.73 30.92 -33.67
CA ILE C 518 -28.84 30.67 -32.23
C ILE C 518 -27.52 30.16 -31.69
N TYR C 519 -26.96 30.86 -30.71
CA TYR C 519 -25.80 30.43 -29.96
C TYR C 519 -26.21 30.10 -28.53
N ASP C 520 -25.52 29.14 -27.94
CA ASP C 520 -25.70 28.86 -26.52
C ASP C 520 -25.04 29.95 -25.70
N TYR C 521 -25.81 30.62 -24.85
CA TYR C 521 -25.28 31.56 -23.88
C TYR C 521 -25.43 30.91 -22.51
N TYR C 522 -24.45 30.08 -22.16
CA TYR C 522 -24.40 29.32 -20.93
C TYR C 522 -23.17 29.75 -20.12
N PRO C 523 -23.22 29.65 -18.79
CA PRO C 523 -22.07 30.09 -17.98
C PRO C 523 -20.78 29.38 -18.32
N ASN C 524 -20.83 28.12 -18.81
CA ASN C 524 -19.60 27.40 -19.07
C ASN C 524 -18.76 28.06 -20.15
N LYS C 525 -19.32 28.99 -20.90
CA LYS C 525 -18.54 29.86 -21.77
C LYS C 525 -18.73 31.34 -21.47
N VAL C 526 -19.90 31.76 -21.00
CA VAL C 526 -20.11 33.18 -20.69
C VAL C 526 -19.24 33.62 -19.52
N MET C 527 -19.10 32.76 -18.50
CA MET C 527 -18.26 33.11 -17.37
C MET C 527 -16.77 33.13 -17.72
N LYS C 528 -16.39 32.60 -18.87
CA LYS C 528 -15.00 32.65 -19.32
C LYS C 528 -14.67 33.91 -20.13
N ILE C 529 -15.67 34.75 -20.41
CA ILE C 529 -15.42 36.02 -21.09
C ILE C 529 -14.48 36.87 -20.23
N ARG C 530 -13.46 37.44 -20.87
CA ARG C 530 -12.47 38.21 -20.16
C ARG C 530 -12.81 39.70 -20.18
N ILE C 531 -12.44 40.38 -19.10
CA ILE C 531 -12.84 41.75 -18.84
C ILE C 531 -11.59 42.59 -18.59
N PHE C 532 -11.65 43.87 -18.98
CA PHE C 532 -10.55 44.80 -18.79
C PHE C 532 -11.03 46.01 -17.98
N ARG C 533 -10.07 46.82 -17.54
CA ARG C 533 -10.35 48.01 -16.75
C ARG C 533 -9.17 48.97 -16.90
N ASP C 534 -9.41 50.12 -17.52
CA ASP C 534 -8.34 51.07 -17.78
C ASP C 534 -8.93 52.48 -17.77
N ASN C 535 -8.19 53.45 -18.34
CA ASN C 535 -8.55 54.85 -18.24
C ASN C 535 -9.84 55.18 -18.98
N ASN C 536 -10.32 54.32 -19.87
CA ASN C 536 -11.57 54.56 -20.58
C ASN C 536 -12.79 54.08 -19.80
N TYR C 537 -12.60 53.62 -18.56
CA TYR C 537 -13.70 53.07 -17.78
C TYR C 537 -14.79 54.10 -17.55
N GLU C 538 -14.40 55.32 -17.17
CA GLU C 538 -15.39 56.33 -16.78
C GLU C 538 -16.30 56.72 -17.94
N GLU C 539 -15.71 56.93 -19.13
CA GLU C 539 -16.52 57.33 -20.27
C GLU C 539 -17.35 56.17 -20.81
N ILE C 540 -16.79 54.95 -20.78
CA ILE C 540 -17.56 53.78 -21.20
C ILE C 540 -18.76 53.58 -20.28
N GLU C 541 -18.54 53.70 -18.96
CA GLU C 541 -19.64 53.60 -18.01
C GLU C 541 -20.64 54.73 -18.21
N ASN C 542 -20.15 55.95 -18.45
CA ASN C 542 -21.04 57.09 -18.65
C ASN C 542 -21.91 56.90 -19.88
N LEU C 543 -21.33 56.40 -20.97
CA LEU C 543 -22.11 56.16 -22.18
C LEU C 543 -23.18 55.11 -21.95
N SER C 544 -22.85 54.05 -21.21
CA SER C 544 -23.84 53.01 -20.90
C SER C 544 -25.00 53.58 -20.08
N LYS C 545 -24.69 54.43 -19.11
CA LYS C 545 -25.75 55.05 -18.31
C LYS C 545 -26.64 55.92 -19.19
N GLN C 546 -26.06 56.63 -20.15
CA GLN C 546 -26.87 57.41 -21.09
C GLN C 546 -27.75 56.51 -21.95
N ILE C 547 -27.20 55.39 -22.44
CA ILE C 547 -27.99 54.47 -23.25
C ILE C 547 -29.13 53.90 -22.44
N ILE C 548 -28.87 53.51 -21.20
CA ILE C 548 -29.92 52.97 -20.33
C ILE C 548 -31.02 54.00 -20.12
N SER C 549 -30.64 55.25 -19.88
CA SER C 549 -31.62 56.30 -19.61
C SER C 549 -32.54 56.51 -20.81
N ILE C 550 -31.99 56.48 -22.02
CA ILE C 550 -32.81 56.65 -23.22
C ILE C 550 -33.76 55.47 -23.40
N LEU C 551 -33.26 54.25 -23.20
CA LEU C 551 -34.09 53.06 -23.40
C LEU C 551 -35.26 53.01 -22.42
N LEU C 552 -35.12 53.65 -21.26
CA LEU C 552 -36.19 53.69 -20.27
C LEU C 552 -37.12 54.89 -20.46
N ASN C 553 -36.81 55.79 -21.40
CA ASN C 553 -37.64 56.96 -21.65
C ASN C 553 -38.87 56.59 -22.45
N LYS C 554 -39.84 57.51 -22.47
CA LYS C 554 -41.06 57.30 -23.26
C LYS C 554 -40.77 57.47 -24.74
N SER C 555 -40.03 58.51 -25.11
CA SER C 555 -39.71 58.81 -26.50
C SER C 555 -38.26 58.38 -26.74
N ILE C 556 -38.08 57.11 -27.13
CA ILE C 556 -36.76 56.54 -27.31
C ILE C 556 -36.25 56.90 -28.71
N ASP C 557 -35.14 57.64 -28.76
CA ASP C 557 -34.49 57.98 -30.03
C ASP C 557 -33.49 56.87 -30.34
N LYS C 558 -33.86 56.00 -31.29
CA LYS C 558 -32.97 54.90 -31.65
C LYS C 558 -31.68 55.39 -32.27
N GLY C 559 -31.76 56.44 -33.11
CA GLY C 559 -30.56 57.00 -33.70
C GLY C 559 -29.61 57.59 -32.67
N LYS C 560 -30.15 58.14 -31.58
CA LYS C 560 -29.31 58.67 -30.51
C LYS C 560 -28.58 57.55 -29.78
N VAL C 561 -29.25 56.40 -29.60
CA VAL C 561 -28.61 55.28 -28.93
C VAL C 561 -27.50 54.70 -29.80
N GLU C 562 -27.72 54.65 -31.12
CA GLU C 562 -26.73 54.06 -32.01
C GLU C 562 -25.40 54.82 -31.96
N LYS C 563 -25.46 56.16 -32.00
CA LYS C 563 -24.24 56.95 -31.94
C LYS C 563 -23.54 56.80 -30.60
N LEU C 564 -24.31 56.69 -29.51
CA LEU C 564 -23.71 56.42 -28.21
C LEU C 564 -23.02 55.06 -28.19
N GLN C 565 -23.65 54.05 -28.81
CA GLN C 565 -23.04 52.74 -28.88
C GLN C 565 -21.75 52.78 -29.69
N ILE C 566 -21.74 53.54 -30.79
CA ILE C 566 -20.56 53.60 -31.65
C ILE C 566 -19.37 54.21 -30.90
N LYS C 567 -19.62 55.28 -30.15
CA LYS C 567 -18.54 55.88 -29.36
C LYS C 567 -17.97 54.88 -28.35
N MET C 568 -18.85 54.11 -27.71
CA MET C 568 -18.39 53.11 -26.75
C MET C 568 -17.54 52.04 -27.44
N ASP C 569 -17.96 51.59 -28.62
CA ASP C 569 -17.18 50.60 -29.34
C ASP C 569 -15.81 51.14 -29.70
N ASN C 570 -15.73 52.43 -30.05
CA ASN C 570 -14.43 53.03 -30.35
C ASN C 570 -13.50 53.01 -29.14
N LEU C 571 -14.04 53.27 -27.95
CA LEU C 571 -13.22 53.26 -26.74
C LEU C 571 -12.77 51.85 -26.40
N ILE C 572 -13.65 50.86 -26.61
CA ILE C 572 -13.29 49.48 -26.30
C ILE C 572 -12.20 48.98 -27.24
N MET C 573 -12.28 49.33 -28.53
CA MET C 573 -11.23 48.98 -29.48
C MET C 573 -9.93 49.67 -29.13
N ASP C 574 -10.00 50.96 -28.76
CA ASP C 574 -8.81 51.69 -28.32
C ASP C 574 -8.20 51.03 -27.09
N SER C 575 -9.04 50.59 -26.15
CA SER C 575 -8.56 49.92 -24.95
C SER C 575 -7.85 48.61 -25.29
N LEU C 576 -8.48 47.78 -26.13
CA LEU C 576 -7.98 46.46 -26.44
C LEU C 576 -7.00 46.44 -27.60
N GLY C 577 -6.67 47.60 -28.16
CA GLY C 577 -5.77 47.65 -29.30
C GLY C 577 -6.33 46.99 -30.54
N ILE C 578 -7.64 47.08 -30.75
CA ILE C 578 -8.27 46.50 -31.91
C ILE C 578 -8.33 47.53 -33.04
C1 EDO J . 23.48 -42.18 14.17
O1 EDO J . 24.47 -43.21 14.28
C2 EDO J . 22.12 -42.72 14.61
O2 EDO J . 22.18 -43.16 15.98
C1 EDO K . 23.24 -27.41 -8.96
O1 EDO K . 23.69 -27.19 -10.30
C2 EDO K . 22.30 -28.61 -8.93
O2 EDO K . 21.87 -28.84 -7.58
K K L . 42.66 -58.89 -29.85
K K M . 36.29 -35.52 17.51
N1 T8Q N . 35.69 -25.69 -1.85
C7 T8Q N . 36.75 -27.02 -3.37
C8 T8Q N . 36.11 -27.44 -5.44
N2 T8Q N . 37.04 -27.66 -4.49
C9 T8Q N . 34.73 -26.07 -4.20
O1 T8Q N . 40.57 -26.31 -2.08
C1 T8Q N . 39.76 -27.03 -1.17
O5 T8Q N . 33.19 -18.66 2.70
C5 T8Q N . 36.79 -26.19 -1.34
C6 T8Q N . 35.65 -26.20 -3.13
N3 T8Q N . 35.00 -26.71 -5.36
C4 T8Q N . 38.67 -27.80 -1.91
O4 T8Q N . 35.40 -19.06 2.34
C3 T8Q N . 38.99 -29.27 1.22
O3 T8Q N . 38.32 -28.87 -1.06
C2 T8Q N . 39.44 -29.21 -0.21
N4 T8Q N . 33.57 -25.41 -4.12
N T8Q N . 37.47 -27.01 -2.20
C T8Q N . 40.53 -28.18 -0.51
O T8Q N . 41.50 -28.74 -1.41
C10 T8Q N . 33.04 -24.75 -2.93
C11 T8Q N . 33.54 -23.32 -2.81
C12 T8Q N . 33.17 -22.71 -1.47
C13 T8Q N . 33.08 -21.18 -1.48
C14 T8Q N . 34.45 -20.52 -1.40
C15 T8Q N . 34.87 -20.23 0.03
C16 T8Q N . 34.11 -18.97 1.98
C17 T8Q N . 35.83 -18.84 3.75
C18 T8Q N . 35.55 -17.39 4.10
C19 T8Q N . 35.12 -19.78 4.69
C20 T8Q N . 37.31 -19.12 3.72
C21 T8Q N . 32.63 -19.27 0.07
C22 T8Q N . 32.20 -20.67 -0.35
N5 T8Q N . 33.96 -19.29 0.68
O2 T8Q N . 39.56 -30.40 1.90
C1 EDO O . 7.48 58.83 2.36
O1 EDO O . 8.42 59.20 1.34
C2 EDO O . 6.08 58.83 1.76
O2 EDO O . 6.11 58.16 0.49
C1 EDO P . 0.54 -7.07 27.47
O1 EDO P . 1.03 -7.89 28.53
C2 EDO P . 1.22 -7.45 26.15
O2 EDO P . 0.74 -8.74 25.71
C1 EDO Q . -24.49 2.27 45.69
O1 EDO Q . -23.46 1.68 44.88
C2 EDO Q . -24.87 3.63 45.14
O2 EDO Q . -25.65 3.49 43.95
K K R . -11.88 15.74 12.13
K K S . 17.50 59.84 7.73
K K T . -19.82 -25.64 5.48
N1 T8Q U . 6.43 18.17 0.32
C7 T8Q U . 6.70 20.41 0.00
C8 T8Q U . 8.57 21.56 0.16
N2 T8Q U . 7.26 21.61 -0.10
C9 T8Q U . 8.72 19.31 0.61
O1 T8Q U . 3.73 20.74 -2.82
C1 T8Q U . 3.26 20.52 -1.49
O5 T8Q U . 5.66 9.87 -1.16
C5 T8Q U . 5.29 18.74 0.01
C6 T8Q U . 7.32 19.22 0.34
N3 T8Q U . 9.32 20.51 0.50
C4 T8Q U . 4.28 21.02 -0.49
O4 T8Q U . 4.72 11.09 -2.83
C3 T8Q U . 1.21 20.93 1.21
O3 T8Q U . 3.55 21.25 0.70
C2 T8Q U . 2.21 21.66 0.34
N4 T8Q U . 9.47 18.28 1.05
N T8Q U . 5.38 20.09 -0.19
C T8Q U . 2.07 21.43 -1.17
O T8Q U . 2.15 22.65 -1.88
C10 T8Q U . 8.98 16.94 1.34
C11 T8Q U . 9.14 16.03 0.15
C12 T8Q U . 8.30 14.76 0.28
C13 T8Q U . 8.56 13.72 -0.80
C14 T8Q U . 7.70 13.95 -2.03
C15 T8Q U . 6.40 13.15 -1.98
C16 T8Q U . 5.67 10.80 -1.93
C17 T8Q U . 3.34 10.54 -2.72
C18 T8Q U . 3.41 9.05 -3.00
C19 T8Q U . 2.78 10.83 -1.35
C20 T8Q U . 2.55 11.25 -3.80
C21 T8Q U . 7.97 11.36 -1.42
C22 T8Q U . 8.34 12.30 -0.28
N5 T8Q U . 6.66 11.70 -1.99
O2 T8Q U . 0.89 19.65 0.68
K K V . -30.01 23.14 -38.02
K K W . -53.11 38.23 -5.38
N1 T8Q X . -28.23 2.32 -32.47
C7 T8Q X . -27.67 1.16 -34.36
C8 T8Q X . -26.22 -0.48 -34.53
N2 T8Q X . -27.09 0.29 -35.18
C9 T8Q X . -26.46 0.44 -32.43
O1 T8Q X . -31.15 1.07 -36.25
C1 T8Q X . -30.66 2.40 -36.13
O5 T8Q X . -32.47 4.50 -25.21
C5 T8Q X . -28.92 2.75 -33.50
C6 T8Q X . -27.43 1.32 -33.00
N3 T8Q X . -25.88 -0.45 -33.24
C4 T8Q X . -29.14 2.40 -36.01
O4 T8Q X . -33.69 3.86 -27.03
C3 T8Q X . -29.97 5.60 -37.23
O3 T8Q X . -28.74 3.69 -36.39
C2 T8Q X . -29.64 4.15 -37.44
N4 T8Q X . -26.03 0.52 -31.16
N T8Q X . -28.61 2.11 -34.68
C T8Q X . -30.83 3.19 -37.44
O T8Q X . -30.82 2.34 -38.57
C10 T8Q X . -26.46 1.50 -30.19
C11 T8Q X . -27.51 0.93 -29.26
C12 T8Q X . -28.37 2.03 -28.64
C13 T8Q X . -29.27 1.57 -27.50
C14 T8Q X . -30.67 1.21 -28.00
C15 T8Q X . -31.64 2.37 -27.88
C16 T8Q X . -32.66 3.78 -26.17
C17 T8Q X . -34.71 4.93 -26.94
C18 T8Q X . -35.42 4.87 -25.60
C19 T8Q X . -34.04 6.27 -27.14
C20 T8Q X . -35.67 4.62 -28.07
C21 T8Q X . -30.69 2.45 -25.63
C22 T8Q X . -29.39 2.62 -26.40
N5 T8Q X . -31.84 2.76 -26.48
O2 T8Q X . -30.97 5.78 -36.23
#